data_6QMI
# 
_entry.id   6QMI 
# 
_audit_conform.dict_name       mmcif_pdbx.dic 
_audit_conform.dict_version    5.383 
_audit_conform.dict_location   http://mmcif.pdb.org/dictionaries/ascii/mmcif_pdbx.dic 
# 
loop_
_database_2.database_id 
_database_2.database_code 
_database_2.pdbx_database_accession 
_database_2.pdbx_DOI 
PDB   6QMI         pdb_00006qmi 10.2210/pdb6qmi/pdb 
WWPDB D_1292100447 ?            ?                   
# 
loop_
_pdbx_audit_revision_history.ordinal 
_pdbx_audit_revision_history.data_content_type 
_pdbx_audit_revision_history.major_revision 
_pdbx_audit_revision_history.minor_revision 
_pdbx_audit_revision_history.revision_date 
1 'Structure model' 1 0 2020-02-26 
2 'Structure model' 1 1 2024-01-24 
# 
_pdbx_audit_revision_details.ordinal             1 
_pdbx_audit_revision_details.revision_ordinal    1 
_pdbx_audit_revision_details.data_content_type   'Structure model' 
_pdbx_audit_revision_details.provider            repository 
_pdbx_audit_revision_details.type                'Initial release' 
_pdbx_audit_revision_details.description         ? 
_pdbx_audit_revision_details.details             ? 
# 
loop_
_pdbx_audit_revision_group.ordinal 
_pdbx_audit_revision_group.revision_ordinal 
_pdbx_audit_revision_group.data_content_type 
_pdbx_audit_revision_group.group 
1 2 'Structure model' 'Data collection'        
2 2 'Structure model' 'Database references'    
3 2 'Structure model' 'Refinement description' 
# 
loop_
_pdbx_audit_revision_category.ordinal 
_pdbx_audit_revision_category.revision_ordinal 
_pdbx_audit_revision_category.data_content_type 
_pdbx_audit_revision_category.category 
1 2 'Structure model' chem_comp_atom                
2 2 'Structure model' chem_comp_bond                
3 2 'Structure model' database_2                    
4 2 'Structure model' pdbx_initial_refinement_model 
# 
loop_
_pdbx_audit_revision_item.ordinal 
_pdbx_audit_revision_item.revision_ordinal 
_pdbx_audit_revision_item.data_content_type 
_pdbx_audit_revision_item.item 
1 2 'Structure model' '_database_2.pdbx_DOI'                
2 2 'Structure model' '_database_2.pdbx_database_accession' 
# 
_pdbx_database_PDB_obs_spr.id               SPRSDE 
_pdbx_database_PDB_obs_spr.date             2020-02-26 
_pdbx_database_PDB_obs_spr.pdb_id           6QMI 
_pdbx_database_PDB_obs_spr.replace_pdb_id   6G7S 
_pdbx_database_PDB_obs_spr.details          ? 
# 
_pdbx_database_status.status_code                     REL 
_pdbx_database_status.status_code_sf                  REL 
_pdbx_database_status.status_code_mr                  ? 
_pdbx_database_status.entry_id                        6QMI 
_pdbx_database_status.recvd_initial_deposition_date   2019-02-07 
_pdbx_database_status.SG_entry                        N 
_pdbx_database_status.deposit_site                    PDBE 
_pdbx_database_status.process_site                    PDBE 
_pdbx_database_status.status_code_cs                  ? 
_pdbx_database_status.methods_development_category    ? 
_pdbx_database_status.pdb_format_compatible           Y 
_pdbx_database_status.status_code_nmr_data            ? 
# 
loop_
_audit_author.name 
_audit_author.pdbx_ordinal 
_audit_author.identifier_ORCID 
'Blaszczyk, M.'  1 ? 
'Blundell, T.L.' 2 ? 
# 
_citation.abstract                  ? 
_citation.abstract_id_CAS           ? 
_citation.book_id_ISBN              ? 
_citation.book_publisher            ? 
_citation.book_publisher_city       ? 
_citation.book_title                ? 
_citation.coordinate_linkage        ? 
_citation.country                   ? 
_citation.database_id_Medline       ? 
_citation.details                   ? 
_citation.id                        primary 
_citation.journal_abbrev            'To Be Published' 
_citation.journal_id_ASTM           ? 
_citation.journal_id_CSD            0353 
_citation.journal_id_ISSN           ? 
_citation.journal_full              ? 
_citation.journal_issue             ? 
_citation.journal_volume            ? 
_citation.language                  ? 
_citation.page_first                ? 
_citation.page_last                 ? 
_citation.title                     
'Fragment linking applied to the discovery of Mycobacterium tuberculosis phosphopantetheine adenylyltransferase inhibitors' 
_citation.year                      ? 
_citation.database_id_CSD           ? 
_citation.pdbx_database_id_DOI      ? 
_citation.pdbx_database_id_PubMed   ? 
_citation.unpublished_flag          ? 
# 
loop_
_citation_author.citation_id 
_citation_author.name 
_citation_author.ordinal 
_citation_author.identifier_ORCID 
primary 'Blaszczyk, M.'  1 ? 
primary 'El Bakali, J.'  2 ? 
primary 'Boland, J.A.'   3 ? 
primary 'Spry, C.'       4 ? 
primary 'Dias, M.'       5 ? 
primary 'Blundell, T.L.' 6 ? 
primary 'Abel, C.'       7 ? 
# 
loop_
_entity.id 
_entity.type 
_entity.src_method 
_entity.pdbx_description 
_entity.formula_weight 
_entity.pdbx_number_of_molecules 
_entity.pdbx_ec 
_entity.pdbx_mutation 
_entity.pdbx_fragment 
_entity.details 
1 polymer     man 'Phosphopantetheine adenylyltransferase'       17792.385 1  2.7.7.3 ? ? ? 
2 non-polymer syn '5-methyl-1-phenyl-pyrazole-4-carboxylic acid' 202.209   1  ?       ? ? ? 
3 water       nat water                                          18.015    78 ?       ? ? ? 
# 
_entity_name_com.entity_id   1 
_entity_name_com.name        'Dephospho-CoA pyrophosphorylase,Pantetheine-phosphate adenylyltransferase,PPAT' 
# 
_entity_poly.entity_id                      1 
_entity_poly.type                           'polypeptide(L)' 
_entity_poly.nstd_linkage                   no 
_entity_poly.nstd_monomer                   no 
_entity_poly.pdbx_seq_one_letter_code       
;GSMTGAVCPGSFDPVTLGHVDIFERAAAQFDEVVVAILVNPAKTGMFDLDERIAMVKESTTHLPNLRVQVGHGLVVDFVR
SCGMTAIVKGLRTGTDFEYELQMAQMNKHIAGVDTFFVATAPRYSFVSSSLAKEVAMLGGDVSELLPEPVNRRLRDRLNT
ERT
;
_entity_poly.pdbx_seq_one_letter_code_can   
;GSMTGAVCPGSFDPVTLGHVDIFERAAAQFDEVVVAILVNPAKTGMFDLDERIAMVKESTTHLPNLRVQVGHGLVVDFVR
SCGMTAIVKGLRTGTDFEYELQMAQMNKHIAGVDTFFVATAPRYSFVSSSLAKEVAMLGGDVSELLPEPVNRRLRDRLNT
ERT
;
_entity_poly.pdbx_strand_id                 A 
_entity_poly.pdbx_target_identifier         ? 
# 
loop_
_pdbx_entity_nonpoly.entity_id 
_pdbx_entity_nonpoly.name 
_pdbx_entity_nonpoly.comp_id 
2 '5-methyl-1-phenyl-pyrazole-4-carboxylic acid' 9FH 
3 water                                          HOH 
# 
loop_
_entity_poly_seq.entity_id 
_entity_poly_seq.num 
_entity_poly_seq.mon_id 
_entity_poly_seq.hetero 
1 1   GLY n 
1 2   SER n 
1 3   MET n 
1 4   THR n 
1 5   GLY n 
1 6   ALA n 
1 7   VAL n 
1 8   CYS n 
1 9   PRO n 
1 10  GLY n 
1 11  SER n 
1 12  PHE n 
1 13  ASP n 
1 14  PRO n 
1 15  VAL n 
1 16  THR n 
1 17  LEU n 
1 18  GLY n 
1 19  HIS n 
1 20  VAL n 
1 21  ASP n 
1 22  ILE n 
1 23  PHE n 
1 24  GLU n 
1 25  ARG n 
1 26  ALA n 
1 27  ALA n 
1 28  ALA n 
1 29  GLN n 
1 30  PHE n 
1 31  ASP n 
1 32  GLU n 
1 33  VAL n 
1 34  VAL n 
1 35  VAL n 
1 36  ALA n 
1 37  ILE n 
1 38  LEU n 
1 39  VAL n 
1 40  ASN n 
1 41  PRO n 
1 42  ALA n 
1 43  LYS n 
1 44  THR n 
1 45  GLY n 
1 46  MET n 
1 47  PHE n 
1 48  ASP n 
1 49  LEU n 
1 50  ASP n 
1 51  GLU n 
1 52  ARG n 
1 53  ILE n 
1 54  ALA n 
1 55  MET n 
1 56  VAL n 
1 57  LYS n 
1 58  GLU n 
1 59  SER n 
1 60  THR n 
1 61  THR n 
1 62  HIS n 
1 63  LEU n 
1 64  PRO n 
1 65  ASN n 
1 66  LEU n 
1 67  ARG n 
1 68  VAL n 
1 69  GLN n 
1 70  VAL n 
1 71  GLY n 
1 72  HIS n 
1 73  GLY n 
1 74  LEU n 
1 75  VAL n 
1 76  VAL n 
1 77  ASP n 
1 78  PHE n 
1 79  VAL n 
1 80  ARG n 
1 81  SER n 
1 82  CYS n 
1 83  GLY n 
1 84  MET n 
1 85  THR n 
1 86  ALA n 
1 87  ILE n 
1 88  VAL n 
1 89  LYS n 
1 90  GLY n 
1 91  LEU n 
1 92  ARG n 
1 93  THR n 
1 94  GLY n 
1 95  THR n 
1 96  ASP n 
1 97  PHE n 
1 98  GLU n 
1 99  TYR n 
1 100 GLU n 
1 101 LEU n 
1 102 GLN n 
1 103 MET n 
1 104 ALA n 
1 105 GLN n 
1 106 MET n 
1 107 ASN n 
1 108 LYS n 
1 109 HIS n 
1 110 ILE n 
1 111 ALA n 
1 112 GLY n 
1 113 VAL n 
1 114 ASP n 
1 115 THR n 
1 116 PHE n 
1 117 PHE n 
1 118 VAL n 
1 119 ALA n 
1 120 THR n 
1 121 ALA n 
1 122 PRO n 
1 123 ARG n 
1 124 TYR n 
1 125 SER n 
1 126 PHE n 
1 127 VAL n 
1 128 SER n 
1 129 SER n 
1 130 SER n 
1 131 LEU n 
1 132 ALA n 
1 133 LYS n 
1 134 GLU n 
1 135 VAL n 
1 136 ALA n 
1 137 MET n 
1 138 LEU n 
1 139 GLY n 
1 140 GLY n 
1 141 ASP n 
1 142 VAL n 
1 143 SER n 
1 144 GLU n 
1 145 LEU n 
1 146 LEU n 
1 147 PRO n 
1 148 GLU n 
1 149 PRO n 
1 150 VAL n 
1 151 ASN n 
1 152 ARG n 
1 153 ARG n 
1 154 LEU n 
1 155 ARG n 
1 156 ASP n 
1 157 ARG n 
1 158 LEU n 
1 159 ASN n 
1 160 THR n 
1 161 GLU n 
1 162 ARG n 
1 163 THR n 
# 
_entity_src_gen.entity_id                          1 
_entity_src_gen.pdbx_src_id                        1 
_entity_src_gen.pdbx_alt_source_flag               sample 
_entity_src_gen.pdbx_seq_type                      'Biological sequence' 
_entity_src_gen.pdbx_beg_seq_num                   1 
_entity_src_gen.pdbx_end_seq_num                   163 
_entity_src_gen.gene_src_common_name               ? 
_entity_src_gen.gene_src_genus                     ? 
_entity_src_gen.pdbx_gene_src_gene                 'coaD, kdtB, Rv2965c, MTCY349.22, u0002e' 
_entity_src_gen.gene_src_species                   ? 
_entity_src_gen.gene_src_strain                    'ATCC 25618 / H37Rv' 
_entity_src_gen.gene_src_tissue                    ? 
_entity_src_gen.gene_src_tissue_fraction           ? 
_entity_src_gen.gene_src_details                   ? 
_entity_src_gen.pdbx_gene_src_fragment             ? 
_entity_src_gen.pdbx_gene_src_scientific_name      'Mycobacterium tuberculosis (strain ATCC 25618 / H37Rv)' 
_entity_src_gen.pdbx_gene_src_ncbi_taxonomy_id     83332 
_entity_src_gen.pdbx_gene_src_variant              ? 
_entity_src_gen.pdbx_gene_src_cell_line            ? 
_entity_src_gen.pdbx_gene_src_atcc                 ? 
_entity_src_gen.pdbx_gene_src_organ                ? 
_entity_src_gen.pdbx_gene_src_organelle            ? 
_entity_src_gen.pdbx_gene_src_cell                 ? 
_entity_src_gen.pdbx_gene_src_cellular_location    ? 
_entity_src_gen.host_org_common_name               ? 
_entity_src_gen.pdbx_host_org_scientific_name      'Escherichia coli BL21(DE3)' 
_entity_src_gen.pdbx_host_org_ncbi_taxonomy_id     469008 
_entity_src_gen.host_org_genus                     ? 
_entity_src_gen.pdbx_host_org_gene                 ? 
_entity_src_gen.pdbx_host_org_organ                ? 
_entity_src_gen.host_org_species                   ? 
_entity_src_gen.pdbx_host_org_tissue               ? 
_entity_src_gen.pdbx_host_org_tissue_fraction      ? 
_entity_src_gen.pdbx_host_org_strain               ? 
_entity_src_gen.pdbx_host_org_variant              ? 
_entity_src_gen.pdbx_host_org_cell_line            ? 
_entity_src_gen.pdbx_host_org_atcc                 ? 
_entity_src_gen.pdbx_host_org_culture_collection   ? 
_entity_src_gen.pdbx_host_org_cell                 ? 
_entity_src_gen.pdbx_host_org_organelle            ? 
_entity_src_gen.pdbx_host_org_cellular_location    ? 
_entity_src_gen.pdbx_host_org_vector_type          ? 
_entity_src_gen.pdbx_host_org_vector               ? 
_entity_src_gen.host_org_details                   ? 
_entity_src_gen.expression_system_id               ? 
_entity_src_gen.plasmid_name                       ? 
_entity_src_gen.plasmid_details                    ? 
_entity_src_gen.pdbx_description                   ? 
# 
loop_
_chem_comp.id 
_chem_comp.type 
_chem_comp.mon_nstd_flag 
_chem_comp.name 
_chem_comp.pdbx_synonyms 
_chem_comp.formula 
_chem_comp.formula_weight 
9FH non-polymer         . '5-methyl-1-phenyl-pyrazole-4-carboxylic acid' ? 'C11 H10 N2 O2'  202.209 
ALA 'L-peptide linking' y ALANINE                                        ? 'C3 H7 N O2'     89.093  
ARG 'L-peptide linking' y ARGININE                                       ? 'C6 H15 N4 O2 1' 175.209 
ASN 'L-peptide linking' y ASPARAGINE                                     ? 'C4 H8 N2 O3'    132.118 
ASP 'L-peptide linking' y 'ASPARTIC ACID'                                ? 'C4 H7 N O4'     133.103 
CYS 'L-peptide linking' y CYSTEINE                                       ? 'C3 H7 N O2 S'   121.158 
GLN 'L-peptide linking' y GLUTAMINE                                      ? 'C5 H10 N2 O3'   146.144 
GLU 'L-peptide linking' y 'GLUTAMIC ACID'                                ? 'C5 H9 N O4'     147.129 
GLY 'peptide linking'   y GLYCINE                                        ? 'C2 H5 N O2'     75.067  
HIS 'L-peptide linking' y HISTIDINE                                      ? 'C6 H10 N3 O2 1' 156.162 
HOH non-polymer         . WATER                                          ? 'H2 O'           18.015  
ILE 'L-peptide linking' y ISOLEUCINE                                     ? 'C6 H13 N O2'    131.173 
LEU 'L-peptide linking' y LEUCINE                                        ? 'C6 H13 N O2'    131.173 
LYS 'L-peptide linking' y LYSINE                                         ? 'C6 H15 N2 O2 1' 147.195 
MET 'L-peptide linking' y METHIONINE                                     ? 'C5 H11 N O2 S'  149.211 
PHE 'L-peptide linking' y PHENYLALANINE                                  ? 'C9 H11 N O2'    165.189 
PRO 'L-peptide linking' y PROLINE                                        ? 'C5 H9 N O2'     115.130 
SER 'L-peptide linking' y SERINE                                         ? 'C3 H7 N O3'     105.093 
THR 'L-peptide linking' y THREONINE                                      ? 'C4 H9 N O3'     119.119 
TYR 'L-peptide linking' y TYROSINE                                       ? 'C9 H11 N O3'    181.189 
VAL 'L-peptide linking' y VALINE                                         ? 'C5 H11 N O2'    117.146 
# 
loop_
_pdbx_poly_seq_scheme.asym_id 
_pdbx_poly_seq_scheme.entity_id 
_pdbx_poly_seq_scheme.seq_id 
_pdbx_poly_seq_scheme.mon_id 
_pdbx_poly_seq_scheme.ndb_seq_num 
_pdbx_poly_seq_scheme.pdb_seq_num 
_pdbx_poly_seq_scheme.auth_seq_num 
_pdbx_poly_seq_scheme.pdb_mon_id 
_pdbx_poly_seq_scheme.auth_mon_id 
_pdbx_poly_seq_scheme.pdb_strand_id 
_pdbx_poly_seq_scheme.pdb_ins_code 
_pdbx_poly_seq_scheme.hetero 
A 1 1   GLY 1   -1  ?   ?   ?   A . n 
A 1 2   SER 2   0   ?   ?   ?   A . n 
A 1 3   MET 3   1   1   MET MET A . n 
A 1 4   THR 4   2   2   THR THR A . n 
A 1 5   GLY 5   3   3   GLY GLY A . n 
A 1 6   ALA 6   4   4   ALA ALA A . n 
A 1 7   VAL 7   5   5   VAL VAL A . n 
A 1 8   CYS 8   6   6   CYS CYS A . n 
A 1 9   PRO 9   7   7   PRO PRO A . n 
A 1 10  GLY 10  8   8   GLY GLY A . n 
A 1 11  SER 11  9   9   SER SER A . n 
A 1 12  PHE 12  10  10  PHE PHE A . n 
A 1 13  ASP 13  11  11  ASP ASP A . n 
A 1 14  PRO 14  12  12  PRO PRO A . n 
A 1 15  VAL 15  13  13  VAL VAL A . n 
A 1 16  THR 16  14  14  THR THR A . n 
A 1 17  LEU 17  15  15  LEU LEU A . n 
A 1 18  GLY 18  16  16  GLY GLY A . n 
A 1 19  HIS 19  17  17  HIS HIS A . n 
A 1 20  VAL 20  18  18  VAL VAL A . n 
A 1 21  ASP 21  19  19  ASP ASP A . n 
A 1 22  ILE 22  20  20  ILE ILE A . n 
A 1 23  PHE 23  21  21  PHE PHE A . n 
A 1 24  GLU 24  22  22  GLU GLU A . n 
A 1 25  ARG 25  23  23  ARG ARG A . n 
A 1 26  ALA 26  24  24  ALA ALA A . n 
A 1 27  ALA 27  25  25  ALA ALA A . n 
A 1 28  ALA 28  26  26  ALA ALA A . n 
A 1 29  GLN 29  27  27  GLN GLN A . n 
A 1 30  PHE 30  28  28  PHE PHE A . n 
A 1 31  ASP 31  29  29  ASP ASP A . n 
A 1 32  GLU 32  30  30  GLU GLU A . n 
A 1 33  VAL 33  31  31  VAL VAL A . n 
A 1 34  VAL 34  32  32  VAL VAL A . n 
A 1 35  VAL 35  33  33  VAL VAL A . n 
A 1 36  ALA 36  34  34  ALA ALA A . n 
A 1 37  ILE 37  35  35  ILE ILE A . n 
A 1 38  LEU 38  36  36  LEU LEU A . n 
A 1 39  VAL 39  37  37  VAL VAL A . n 
A 1 40  ASN 40  38  ?   ?   ?   A . n 
A 1 41  PRO 41  39  ?   ?   ?   A . n 
A 1 42  ALA 42  40  ?   ?   ?   A . n 
A 1 43  LYS 43  41  ?   ?   ?   A . n 
A 1 44  THR 44  42  ?   ?   ?   A . n 
A 1 45  GLY 45  43  43  GLY GLY A . n 
A 1 46  MET 46  44  44  MET MET A . n 
A 1 47  PHE 47  45  45  PHE PHE A . n 
A 1 48  ASP 48  46  46  ASP ASP A . n 
A 1 49  LEU 49  47  47  LEU LEU A . n 
A 1 50  ASP 50  48  48  ASP ASP A . n 
A 1 51  GLU 51  49  49  GLU GLU A . n 
A 1 52  ARG 52  50  50  ARG ARG A . n 
A 1 53  ILE 53  51  51  ILE ILE A . n 
A 1 54  ALA 54  52  52  ALA ALA A . n 
A 1 55  MET 55  53  53  MET MET A . n 
A 1 56  VAL 56  54  54  VAL VAL A . n 
A 1 57  LYS 57  55  55  LYS LYS A . n 
A 1 58  GLU 58  56  56  GLU GLU A . n 
A 1 59  SER 59  57  57  SER SER A . n 
A 1 60  THR 60  58  58  THR THR A . n 
A 1 61  THR 61  59  59  THR THR A . n 
A 1 62  HIS 62  60  60  HIS HIS A . n 
A 1 63  LEU 63  61  61  LEU LEU A . n 
A 1 64  PRO 64  62  62  PRO PRO A . n 
A 1 65  ASN 65  63  63  ASN ASN A . n 
A 1 66  LEU 66  64  64  LEU LEU A . n 
A 1 67  ARG 67  65  65  ARG ARG A . n 
A 1 68  VAL 68  66  66  VAL VAL A . n 
A 1 69  GLN 69  67  67  GLN GLN A . n 
A 1 70  VAL 70  68  68  VAL VAL A . n 
A 1 71  GLY 71  69  69  GLY GLY A . n 
A 1 72  HIS 72  70  70  HIS HIS A . n 
A 1 73  GLY 73  71  71  GLY GLY A . n 
A 1 74  LEU 74  72  72  LEU LEU A . n 
A 1 75  VAL 75  73  73  VAL VAL A . n 
A 1 76  VAL 76  74  74  VAL VAL A . n 
A 1 77  ASP 77  75  75  ASP ASP A . n 
A 1 78  PHE 78  76  76  PHE PHE A . n 
A 1 79  VAL 79  77  77  VAL VAL A . n 
A 1 80  ARG 80  78  78  ARG ARG A . n 
A 1 81  SER 81  79  79  SER SER A . n 
A 1 82  CYS 82  80  80  CYS CYS A . n 
A 1 83  GLY 83  81  81  GLY GLY A . n 
A 1 84  MET 84  82  82  MET MET A . n 
A 1 85  THR 85  83  83  THR THR A . n 
A 1 86  ALA 86  84  84  ALA ALA A . n 
A 1 87  ILE 87  85  85  ILE ILE A . n 
A 1 88  VAL 88  86  86  VAL VAL A . n 
A 1 89  LYS 89  87  87  LYS LYS A . n 
A 1 90  GLY 90  88  88  GLY GLY A . n 
A 1 91  LEU 91  89  89  LEU LEU A . n 
A 1 92  ARG 92  90  ?   ?   ?   A . n 
A 1 93  THR 93  91  ?   ?   ?   A . n 
A 1 94  GLY 94  92  ?   ?   ?   A . n 
A 1 95  THR 95  93  ?   ?   ?   A . n 
A 1 96  ASP 96  94  ?   ?   ?   A . n 
A 1 97  PHE 97  95  ?   ?   ?   A . n 
A 1 98  GLU 98  96  96  GLU GLU A . n 
A 1 99  TYR 99  97  97  TYR TYR A . n 
A 1 100 GLU 100 98  98  GLU GLU A . n 
A 1 101 LEU 101 99  99  LEU LEU A . n 
A 1 102 GLN 102 100 100 GLN GLN A . n 
A 1 103 MET 103 101 101 MET MET A . n 
A 1 104 ALA 104 102 102 ALA ALA A . n 
A 1 105 GLN 105 103 103 GLN GLN A . n 
A 1 106 MET 106 104 104 MET MET A . n 
A 1 107 ASN 107 105 105 ASN ASN A . n 
A 1 108 LYS 108 106 106 LYS LYS A . n 
A 1 109 HIS 109 107 107 HIS HIS A . n 
A 1 110 ILE 110 108 108 ILE ILE A . n 
A 1 111 ALA 111 109 109 ALA ALA A . n 
A 1 112 GLY 112 110 110 GLY GLY A . n 
A 1 113 VAL 113 111 111 VAL VAL A . n 
A 1 114 ASP 114 112 112 ASP ASP A . n 
A 1 115 THR 115 113 113 THR THR A . n 
A 1 116 PHE 116 114 114 PHE PHE A . n 
A 1 117 PHE 117 115 115 PHE PHE A . n 
A 1 118 VAL 118 116 116 VAL VAL A . n 
A 1 119 ALA 119 117 117 ALA ALA A . n 
A 1 120 THR 120 118 118 THR THR A . n 
A 1 121 ALA 121 119 119 ALA ALA A . n 
A 1 122 PRO 122 120 120 PRO PRO A . n 
A 1 123 ARG 123 121 121 ARG ARG A . n 
A 1 124 TYR 124 122 122 TYR TYR A . n 
A 1 125 SER 125 123 123 SER SER A . n 
A 1 126 PHE 126 124 124 PHE PHE A . n 
A 1 127 VAL 127 125 125 VAL VAL A . n 
A 1 128 SER 128 126 126 SER SER A . n 
A 1 129 SER 129 127 127 SER SER A . n 
A 1 130 SER 130 128 128 SER SER A . n 
A 1 131 LEU 131 129 129 LEU LEU A . n 
A 1 132 ALA 132 130 130 ALA ALA A . n 
A 1 133 LYS 133 131 131 LYS LYS A . n 
A 1 134 GLU 134 132 132 GLU GLU A . n 
A 1 135 VAL 135 133 133 VAL VAL A . n 
A 1 136 ALA 136 134 134 ALA ALA A . n 
A 1 137 MET 137 135 135 MET MET A . n 
A 1 138 LEU 138 136 136 LEU LEU A . n 
A 1 139 GLY 139 137 137 GLY GLY A . n 
A 1 140 GLY 140 138 138 GLY GLY A . n 
A 1 141 ASP 141 139 139 ASP ASP A . n 
A 1 142 VAL 142 140 140 VAL VAL A . n 
A 1 143 SER 143 141 141 SER SER A . n 
A 1 144 GLU 144 142 142 GLU GLU A . n 
A 1 145 LEU 145 143 143 LEU LEU A . n 
A 1 146 LEU 146 144 144 LEU LEU A . n 
A 1 147 PRO 147 145 145 PRO PRO A . n 
A 1 148 GLU 148 146 146 GLU GLU A . n 
A 1 149 PRO 149 147 147 PRO PRO A . n 
A 1 150 VAL 150 148 148 VAL VAL A . n 
A 1 151 ASN 151 149 149 ASN ASN A . n 
A 1 152 ARG 152 150 150 ARG ARG A . n 
A 1 153 ARG 153 151 151 ARG ARG A . n 
A 1 154 LEU 154 152 152 LEU LEU A . n 
A 1 155 ARG 155 153 153 ARG ARG A . n 
A 1 156 ASP 156 154 154 ASP ASP A . n 
A 1 157 ARG 157 155 155 ARG ARG A . n 
A 1 158 LEU 158 156 156 LEU LEU A . n 
A 1 159 ASN 159 157 157 ASN ASN A . n 
A 1 160 THR 160 158 ?   ?   ?   A . n 
A 1 161 GLU 161 159 ?   ?   ?   A . n 
A 1 162 ARG 162 160 ?   ?   ?   A . n 
A 1 163 THR 163 161 ?   ?   ?   A . n 
# 
loop_
_pdbx_nonpoly_scheme.asym_id 
_pdbx_nonpoly_scheme.entity_id 
_pdbx_nonpoly_scheme.mon_id 
_pdbx_nonpoly_scheme.ndb_seq_num 
_pdbx_nonpoly_scheme.pdb_seq_num 
_pdbx_nonpoly_scheme.auth_seq_num 
_pdbx_nonpoly_scheme.pdb_mon_id 
_pdbx_nonpoly_scheme.auth_mon_id 
_pdbx_nonpoly_scheme.pdb_strand_id 
_pdbx_nonpoly_scheme.pdb_ins_code 
B 2 9FH 1  201 1  9FH LIG A . 
C 3 HOH 1  301 50 HOH HOH A . 
C 3 HOH 2  302 65 HOH HOH A . 
C 3 HOH 3  303 82 HOH HOH A . 
C 3 HOH 4  304 27 HOH HOH A . 
C 3 HOH 5  305 26 HOH HOH A . 
C 3 HOH 6  306 42 HOH HOH A . 
C 3 HOH 7  307 75 HOH HOH A . 
C 3 HOH 8  308 37 HOH HOH A . 
C 3 HOH 9  309 28 HOH HOH A . 
C 3 HOH 10 310 17 HOH HOH A . 
C 3 HOH 11 311 15 HOH HOH A . 
C 3 HOH 12 312 6  HOH HOH A . 
C 3 HOH 13 313 23 HOH HOH A . 
C 3 HOH 14 314 52 HOH HOH A . 
C 3 HOH 15 315 56 HOH HOH A . 
C 3 HOH 16 316 41 HOH HOH A . 
C 3 HOH 17 317 80 HOH HOH A . 
C 3 HOH 18 318 8  HOH HOH A . 
C 3 HOH 19 319 13 HOH HOH A . 
C 3 HOH 20 320 66 HOH HOH A . 
C 3 HOH 21 321 1  HOH HOH A . 
C 3 HOH 22 322 83 HOH HOH A . 
C 3 HOH 23 323 9  HOH HOH A . 
C 3 HOH 24 324 4  HOH HOH A . 
C 3 HOH 25 325 18 HOH HOH A . 
C 3 HOH 26 326 25 HOH HOH A . 
C 3 HOH 27 327 12 HOH HOH A . 
C 3 HOH 28 328 2  HOH HOH A . 
C 3 HOH 29 329 40 HOH HOH A . 
C 3 HOH 30 330 73 HOH HOH A . 
C 3 HOH 31 331 7  HOH HOH A . 
C 3 HOH 32 332 20 HOH HOH A . 
C 3 HOH 33 333 68 HOH HOH A . 
C 3 HOH 34 334 51 HOH HOH A . 
C 3 HOH 35 335 11 HOH HOH A . 
C 3 HOH 36 336 16 HOH HOH A . 
C 3 HOH 37 337 32 HOH HOH A . 
C 3 HOH 38 338 33 HOH HOH A . 
C 3 HOH 39 339 36 HOH HOH A . 
C 3 HOH 40 340 74 HOH HOH A . 
C 3 HOH 41 341 14 HOH HOH A . 
C 3 HOH 42 342 35 HOH HOH A . 
C 3 HOH 43 343 38 HOH HOH A . 
C 3 HOH 44 344 30 HOH HOH A . 
C 3 HOH 45 345 24 HOH HOH A . 
C 3 HOH 46 346 34 HOH HOH A . 
C 3 HOH 47 347 59 HOH HOH A . 
C 3 HOH 48 348 55 HOH HOH A . 
C 3 HOH 49 349 84 HOH HOH A . 
C 3 HOH 50 350 79 HOH HOH A . 
C 3 HOH 51 351 29 HOH HOH A . 
C 3 HOH 52 352 62 HOH HOH A . 
C 3 HOH 53 353 3  HOH HOH A . 
C 3 HOH 54 354 69 HOH HOH A . 
C 3 HOH 55 355 19 HOH HOH A . 
C 3 HOH 56 356 10 HOH HOH A . 
C 3 HOH 57 357 45 HOH HOH A . 
C 3 HOH 58 358 43 HOH HOH A . 
C 3 HOH 59 359 71 HOH HOH A . 
C 3 HOH 60 360 39 HOH HOH A . 
C 3 HOH 61 361 47 HOH HOH A . 
C 3 HOH 62 362 58 HOH HOH A . 
C 3 HOH 63 363 22 HOH HOH A . 
C 3 HOH 64 364 76 HOH HOH A . 
C 3 HOH 65 365 63 HOH HOH A . 
C 3 HOH 66 366 54 HOH HOH A . 
C 3 HOH 67 367 85 HOH HOH A . 
C 3 HOH 68 368 53 HOH HOH A . 
C 3 HOH 69 369 5  HOH HOH A . 
C 3 HOH 70 370 44 HOH HOH A . 
C 3 HOH 71 371 57 HOH HOH A . 
C 3 HOH 72 372 72 HOH HOH A . 
C 3 HOH 73 373 61 HOH HOH A . 
C 3 HOH 74 374 21 HOH HOH A . 
C 3 HOH 75 375 48 HOH HOH A . 
C 3 HOH 76 376 86 HOH HOH A . 
C 3 HOH 77 377 49 HOH HOH A . 
C 3 HOH 78 378 81 HOH HOH A . 
# 
loop_
_software.citation_id 
_software.classification 
_software.compiler_name 
_software.compiler_version 
_software.contact_author 
_software.contact_author_email 
_software.date 
_software.description 
_software.dependencies 
_software.hardware 
_software.language 
_software.location 
_software.mods 
_software.name 
_software.os 
_software.os_version 
_software.type 
_software.version 
_software.pdbx_ordinal 
? 'data scaling'    ? ? ? ? ? ? ? ? ? ? ? SCALA       ? ? ? 3.3.20 1 
? refinement        ? ? ? ? ? ? ? ? ? ? ? PHENIX      ? ? ? .      2 
? 'data extraction' ? ? ? ? ? ? ? ? ? ? ? PDB_EXTRACT ? ? ? 3.24   3 
? 'data reduction'  ? ? ? ? ? ? ? ? ? ? ? XDS         ? ? ? .      4 
? phasing           ? ? ? ? ? ? ? ? ? ? ? PHASER      ? ? ? .      5 
# 
_cell.angle_alpha                  90.000 
_cell.angle_alpha_esd              ? 
_cell.angle_beta                   90.000 
_cell.angle_beta_esd               ? 
_cell.angle_gamma                  120.000 
_cell.angle_gamma_esd              ? 
_cell.entry_id                     6QMI 
_cell.details                      ? 
_cell.formula_units_Z              ? 
_cell.length_a                     97.994 
_cell.length_a_esd                 ? 
_cell.length_b                     97.994 
_cell.length_b_esd                 ? 
_cell.length_c                     113.956 
_cell.length_c_esd                 ? 
_cell.volume                       ? 
_cell.volume_esd                   ? 
_cell.Z_PDB                        18 
_cell.reciprocal_angle_alpha       ? 
_cell.reciprocal_angle_beta        ? 
_cell.reciprocal_angle_gamma       ? 
_cell.reciprocal_angle_alpha_esd   ? 
_cell.reciprocal_angle_beta_esd    ? 
_cell.reciprocal_angle_gamma_esd   ? 
_cell.reciprocal_length_a          ? 
_cell.reciprocal_length_b          ? 
_cell.reciprocal_length_c          ? 
_cell.reciprocal_length_a_esd      ? 
_cell.reciprocal_length_b_esd      ? 
_cell.reciprocal_length_c_esd      ? 
_cell.pdbx_unique_axis             ? 
# 
_symmetry.entry_id                         6QMI 
_symmetry.cell_setting                     ? 
_symmetry.Int_Tables_number                155 
_symmetry.space_group_name_Hall            ? 
_symmetry.space_group_name_H-M             'H 3 2' 
_symmetry.pdbx_full_space_group_name_H-M   ? 
# 
_exptl.absorpt_coefficient_mu     ? 
_exptl.absorpt_correction_T_max   ? 
_exptl.absorpt_correction_T_min   ? 
_exptl.absorpt_correction_type    ? 
_exptl.absorpt_process_details    ? 
_exptl.entry_id                   6QMI 
_exptl.crystals_number            1 
_exptl.details                    ? 
_exptl.method                     'X-RAY DIFFRACTION' 
_exptl.method_details             ? 
# 
_exptl_crystal.colour                      ? 
_exptl_crystal.density_diffrn              ? 
_exptl_crystal.density_Matthews            2.96 
_exptl_crystal.density_method              ? 
_exptl_crystal.density_percent_sol         58.43 
_exptl_crystal.description                 cubes 
_exptl_crystal.F_000                       ? 
_exptl_crystal.id                          1 
_exptl_crystal.preparation                 ? 
_exptl_crystal.size_max                    ? 
_exptl_crystal.size_mid                    ? 
_exptl_crystal.size_min                    ? 
_exptl_crystal.size_rad                    ? 
_exptl_crystal.colour_lustre               ? 
_exptl_crystal.colour_modifier             ? 
_exptl_crystal.colour_primary              ? 
_exptl_crystal.density_meas                ? 
_exptl_crystal.density_meas_esd            ? 
_exptl_crystal.density_meas_gt             ? 
_exptl_crystal.density_meas_lt             ? 
_exptl_crystal.density_meas_temp           ? 
_exptl_crystal.density_meas_temp_esd       ? 
_exptl_crystal.density_meas_temp_gt        ? 
_exptl_crystal.density_meas_temp_lt        ? 
_exptl_crystal.pdbx_crystal_image_url      ? 
_exptl_crystal.pdbx_crystal_image_format   ? 
_exptl_crystal.pdbx_mosaicity              ? 
_exptl_crystal.pdbx_mosaicity_esd          ? 
# 
_exptl_crystal_grow.apparatus       ? 
_exptl_crystal_grow.atmosphere      ? 
_exptl_crystal_grow.crystal_id      1 
_exptl_crystal_grow.details         ? 
_exptl_crystal_grow.method          'VAPOR DIFFUSION, SITTING DROP' 
_exptl_crystal_grow.method_ref      ? 
_exptl_crystal_grow.pH              7.5 
_exptl_crystal_grow.pressure        ? 
_exptl_crystal_grow.pressure_esd    ? 
_exptl_crystal_grow.seeding         ? 
_exptl_crystal_grow.seeding_ref     ? 
_exptl_crystal_grow.temp            293 
_exptl_crystal_grow.temp_details    ? 
_exptl_crystal_grow.temp_esd        ? 
_exptl_crystal_grow.time            ? 
_exptl_crystal_grow.pdbx_details    'MPD, CoHexamine Chloride, Cacodylate/Tris' 
_exptl_crystal_grow.pdbx_pH_range   6.5-8.5 
# 
_diffrn.ambient_environment              ? 
_diffrn.ambient_temp                     100 
_diffrn.ambient_temp_details             ? 
_diffrn.ambient_temp_esd                 ? 
_diffrn.crystal_id                       1 
_diffrn.crystal_support                  ? 
_diffrn.crystal_treatment                ? 
_diffrn.details                          ? 
_diffrn.id                               1 
_diffrn.ambient_pressure                 ? 
_diffrn.ambient_pressure_esd             ? 
_diffrn.ambient_pressure_gt              ? 
_diffrn.ambient_pressure_lt              ? 
_diffrn.ambient_temp_gt                  ? 
_diffrn.ambient_temp_lt                  ? 
_diffrn.pdbx_serial_crystal_experiment   N 
# 
_diffrn_detector.details                      ? 
_diffrn_detector.detector                     PIXEL 
_diffrn_detector.diffrn_id                    1 
_diffrn_detector.type                         'DECTRIS PILATUS 6M' 
_diffrn_detector.area_resol_mean              ? 
_diffrn_detector.dtime                        ? 
_diffrn_detector.pdbx_frames_total            ? 
_diffrn_detector.pdbx_collection_time_total   ? 
_diffrn_detector.pdbx_collection_date         2012-03-23 
_diffrn_detector.pdbx_frequency               ? 
# 
_diffrn_radiation.collimation                      ? 
_diffrn_radiation.diffrn_id                        1 
_diffrn_radiation.filter_edge                      ? 
_diffrn_radiation.inhomogeneity                    ? 
_diffrn_radiation.monochromator                    ? 
_diffrn_radiation.polarisn_norm                    ? 
_diffrn_radiation.polarisn_ratio                   ? 
_diffrn_radiation.probe                            ? 
_diffrn_radiation.type                             ? 
_diffrn_radiation.xray_symbol                      ? 
_diffrn_radiation.wavelength_id                    1 
_diffrn_radiation.pdbx_monochromatic_or_laue_m_l   M 
_diffrn_radiation.pdbx_wavelength_list             ? 
_diffrn_radiation.pdbx_wavelength                  ? 
_diffrn_radiation.pdbx_diffrn_protocol             'SINGLE WAVELENGTH' 
_diffrn_radiation.pdbx_analyzer                    ? 
_diffrn_radiation.pdbx_scattering_type             x-ray 
# 
_diffrn_radiation_wavelength.id           1 
_diffrn_radiation_wavelength.wavelength   0.95 
_diffrn_radiation_wavelength.wt           1.0 
# 
_diffrn_source.current                     ? 
_diffrn_source.details                     ? 
_diffrn_source.diffrn_id                   1 
_diffrn_source.power                       ? 
_diffrn_source.size                        ? 
_diffrn_source.source                      SYNCHROTRON 
_diffrn_source.target                      ? 
_diffrn_source.type                        'SOLEIL BEAMLINE PROXIMA 1' 
_diffrn_source.voltage                     ? 
_diffrn_source.take-off_angle              ? 
_diffrn_source.pdbx_wavelength_list        0.95 
_diffrn_source.pdbx_wavelength             ? 
_diffrn_source.pdbx_synchrotron_beamline   'PROXIMA 1' 
_diffrn_source.pdbx_synchrotron_site       SOLEIL 
# 
_reflns.B_iso_Wilson_estimate            34.420 
_reflns.entry_id                         6QMI 
_reflns.data_reduction_details           ? 
_reflns.data_reduction_method            ? 
_reflns.d_resolution_high                1.781 
_reflns.d_resolution_low                 34.032 
_reflns.details                          ? 
_reflns.limit_h_max                      ? 
_reflns.limit_h_min                      ? 
_reflns.limit_k_max                      ? 
_reflns.limit_k_min                      ? 
_reflns.limit_l_max                      ? 
_reflns.limit_l_min                      ? 
_reflns.number_all                       ? 
_reflns.number_obs                       20290 
_reflns.observed_criterion               ? 
_reflns.observed_criterion_F_max         ? 
_reflns.observed_criterion_F_min         ? 
_reflns.observed_criterion_I_max         ? 
_reflns.observed_criterion_I_min         ? 
_reflns.observed_criterion_sigma_F       ? 
_reflns.observed_criterion_sigma_I       ? 
_reflns.percent_possible_obs             99.900 
_reflns.R_free_details                   ? 
_reflns.Rmerge_F_all                     ? 
_reflns.Rmerge_F_obs                     ? 
_reflns.Friedel_coverage                 ? 
_reflns.number_gt                        ? 
_reflns.threshold_expression             ? 
_reflns.pdbx_redundancy                  8.300 
_reflns.pdbx_Rmerge_I_obs                ? 
_reflns.pdbx_Rmerge_I_all                ? 
_reflns.pdbx_Rsym_value                  0.031 
_reflns.pdbx_netI_over_av_sigmaI         13.600 
_reflns.pdbx_netI_over_sigmaI            33.000 
_reflns.pdbx_res_netI_over_av_sigmaI_2   ? 
_reflns.pdbx_res_netI_over_sigmaI_2      ? 
_reflns.pdbx_chi_squared                 ? 
_reflns.pdbx_scaling_rejects             ? 
_reflns.pdbx_d_res_high_opt              ? 
_reflns.pdbx_d_res_low_opt               ? 
_reflns.pdbx_d_res_opt_method            ? 
_reflns.phase_calculation_details        ? 
_reflns.pdbx_Rrim_I_all                  0.036 
_reflns.pdbx_Rpim_I_all                  0.012 
_reflns.pdbx_d_opt                       ? 
_reflns.pdbx_number_measured_all         ? 
_reflns.pdbx_diffrn_id                   1 
_reflns.pdbx_ordinal                     1 
_reflns.pdbx_CC_half                     ? 
_reflns.pdbx_R_split                     ? 
# 
loop_
_reflns_shell.d_res_high 
_reflns_shell.d_res_low 
_reflns_shell.meanI_over_sigI_all 
_reflns_shell.meanI_over_sigI_obs 
_reflns_shell.number_measured_all 
_reflns_shell.number_measured_obs 
_reflns_shell.number_possible 
_reflns_shell.number_unique_all 
_reflns_shell.number_unique_obs 
_reflns_shell.percent_possible_all 
_reflns_shell.percent_possible_obs 
_reflns_shell.Rmerge_F_all 
_reflns_shell.Rmerge_F_obs 
_reflns_shell.Rmerge_I_all 
_reflns_shell.Rmerge_I_obs 
_reflns_shell.meanI_over_sigI_gt 
_reflns_shell.meanI_over_uI_all 
_reflns_shell.meanI_over_uI_gt 
_reflns_shell.number_measured_gt 
_reflns_shell.number_unique_gt 
_reflns_shell.percent_possible_gt 
_reflns_shell.Rmerge_F_gt 
_reflns_shell.Rmerge_I_gt 
_reflns_shell.pdbx_redundancy 
_reflns_shell.pdbx_Rsym_value 
_reflns_shell.pdbx_chi_squared 
_reflns_shell.pdbx_netI_over_sigmaI_all 
_reflns_shell.pdbx_netI_over_sigmaI_obs 
_reflns_shell.pdbx_Rrim_I_all 
_reflns_shell.pdbx_Rpim_I_all 
_reflns_shell.pdbx_rejects 
_reflns_shell.pdbx_ordinal 
_reflns_shell.pdbx_diffrn_id 
_reflns_shell.pdbx_CC_half 
_reflns_shell.pdbx_R_split 
1.781 1.880  ? 1.100  ? ? ? ? 2919 100.000 ? ? ? ? 0.734 ? ? ? ? ? ? ? ? 8.400 0.734 ? ? ? 0.840 0.290 ? 1  1 ? ? 
1.880 1.990  ? 1.900  ? ? ? ? 2780 100.000 ? ? ? ? 0.399 ? ? ? ? ? ? ? ? 8.300 0.399 ? ? ? 0.455 0.157 ? 2  1 ? ? 
1.990 2.130  ? 3.900  ? ? ? ? 2629 100.000 ? ? ? ? 0.196 ? ? ? ? ? ? ? ? 8.300 0.196 ? ? ? 0.224 0.077 ? 3  1 ? ? 
2.130 2.300  ? 7.400  ? ? ? ? 2427 100.000 ? ? ? ? 0.104 ? ? ? ? ? ? ? ? 8.300 0.104 ? ? ? 0.119 0.041 ? 4  1 ? ? 
2.300 2.520  ? 11.500 ? ? ? ? 2257 100.000 ? ? ? ? 0.066 ? ? ? ? ? ? ? ? 8.400 0.066 ? ? ? 0.075 0.026 ? 5  1 ? ? 
2.520 2.820  ? 18.300 ? ? ? ? 2033 100.000 ? ? ? ? 0.040 ? ? ? ? ? ? ? ? 8.400 0.040 ? ? ? 0.047 0.016 ? 6  1 ? ? 
2.820 3.250  ? 26.200 ? ? ? ? 1824 99.900  ? ? ? ? 0.026 ? ? ? ? ? ? ? ? 8.300 0.026 ? ? ? 0.030 0.010 ? 7  1 ? ? 
3.250 3.980  ? 29.300 ? ? ? ? 1532 99.900  ? ? ? ? 0.020 ? ? ? ? ? ? ? ? 8.200 0.020 ? ? ? 0.023 0.008 ? 8  1 ? ? 
3.980 5.630  ? 32.200 ? ? ? ? 1199 99.500  ? ? ? ? 0.017 ? ? ? ? ? ? ? ? 8.000 0.017 ? ? ? 0.021 0.007 ? 9  1 ? ? 
5.630 34.032 ? 23.600 ? ? ? ? 690  99.200  ? ? ? ? 0.020 ? ? ? ? ? ? ? ? 7.600 0.020 ? ? ? 0.025 0.009 ? 10 1 ? ? 
# 
_refine.aniso_B[1][1]                            ? 
_refine.aniso_B[1][2]                            ? 
_refine.aniso_B[1][3]                            ? 
_refine.aniso_B[2][2]                            ? 
_refine.aniso_B[2][3]                            ? 
_refine.aniso_B[3][3]                            ? 
_refine.B_iso_max                                87.870 
_refine.B_iso_mean                               41.1592 
_refine.B_iso_min                                20.630 
_refine.correlation_coeff_Fo_to_Fc               ? 
_refine.correlation_coeff_Fo_to_Fc_free          ? 
_refine.details                                  ? 
_refine.diff_density_max                         ? 
_refine.diff_density_max_esd                     ? 
_refine.diff_density_min                         ? 
_refine.diff_density_min_esd                     ? 
_refine.diff_density_rms                         ? 
_refine.diff_density_rms_esd                     ? 
_refine.entry_id                                 6QMI 
_refine.pdbx_refine_id                           'X-RAY DIFFRACTION' 
_refine.ls_abs_structure_details                 ? 
_refine.ls_abs_structure_Flack                   ? 
_refine.ls_abs_structure_Flack_esd               ? 
_refine.ls_abs_structure_Rogers                  ? 
_refine.ls_abs_structure_Rogers_esd              ? 
_refine.ls_d_res_high                            1.7810 
_refine.ls_d_res_low                             34.0320 
_refine.ls_extinction_coef                       ? 
_refine.ls_extinction_coef_esd                   ? 
_refine.ls_extinction_expression                 ? 
_refine.ls_extinction_method                     ? 
_refine.ls_goodness_of_fit_all                   ? 
_refine.ls_goodness_of_fit_all_esd               ? 
_refine.ls_goodness_of_fit_obs                   ? 
_refine.ls_goodness_of_fit_obs_esd               ? 
_refine.ls_hydrogen_treatment                    ? 
_refine.ls_matrix_type                           ? 
_refine.ls_number_constraints                    ? 
_refine.ls_number_parameters                     ? 
_refine.ls_number_reflns_all                     ? 
_refine.ls_number_reflns_obs                     20289 
_refine.ls_number_reflns_R_free                  1040 
_refine.ls_number_reflns_R_work                  ? 
_refine.ls_number_restraints                     ? 
_refine.ls_percent_reflns_obs                    99.8500 
_refine.ls_percent_reflns_R_free                 5.1300 
_refine.ls_R_factor_all                          ? 
_refine.ls_R_factor_obs                          0.2473 
_refine.ls_R_factor_R_free                       0.2824 
_refine.ls_R_factor_R_free_error                 ? 
_refine.ls_R_factor_R_free_error_details         ? 
_refine.ls_R_factor_R_work                       0.2455 
_refine.ls_R_Fsqd_factor_obs                     ? 
_refine.ls_R_I_factor_obs                        ? 
_refine.ls_redundancy_reflns_all                 ? 
_refine.ls_redundancy_reflns_obs                 ? 
_refine.ls_restrained_S_all                      ? 
_refine.ls_restrained_S_obs                      ? 
_refine.ls_shift_over_esd_max                    ? 
_refine.ls_shift_over_esd_mean                   ? 
_refine.ls_structure_factor_coef                 ? 
_refine.ls_weighting_details                     ? 
_refine.ls_weighting_scheme                      ? 
_refine.ls_wR_factor_all                         ? 
_refine.ls_wR_factor_obs                         ? 
_refine.ls_wR_factor_R_free                      ? 
_refine.ls_wR_factor_R_work                      ? 
_refine.occupancy_max                            ? 
_refine.occupancy_min                            ? 
_refine.solvent_model_details                    ? 
_refine.solvent_model_param_bsol                 ? 
_refine.solvent_model_param_ksol                 ? 
_refine.ls_R_factor_gt                           ? 
_refine.ls_goodness_of_fit_gt                    ? 
_refine.ls_goodness_of_fit_ref                   ? 
_refine.ls_shift_over_su_max                     ? 
_refine.ls_shift_over_su_max_lt                  ? 
_refine.ls_shift_over_su_mean                    ? 
_refine.ls_shift_over_su_mean_lt                 ? 
_refine.pdbx_ls_sigma_I                          ? 
_refine.pdbx_ls_sigma_F                          1.340 
_refine.pdbx_ls_sigma_Fsqd                       ? 
_refine.pdbx_data_cutoff_high_absF               ? 
_refine.pdbx_data_cutoff_high_rms_absF           ? 
_refine.pdbx_data_cutoff_low_absF                ? 
_refine.pdbx_isotropic_thermal_model             ? 
_refine.pdbx_ls_cross_valid_method               THROUGHOUT 
_refine.pdbx_method_to_determine_struct          'MOLECULAR REPLACEMENT' 
_refine.pdbx_starting_model                      1TFU 
_refine.pdbx_stereochemistry_target_values       ? 
_refine.pdbx_R_Free_selection_details            ? 
_refine.pdbx_stereochem_target_val_spec_case     ? 
_refine.pdbx_overall_ESU_R                       ? 
_refine.pdbx_overall_ESU_R_Free                  ? 
_refine.pdbx_solvent_vdw_probe_radii             1.1100 
_refine.pdbx_solvent_ion_probe_radii             ? 
_refine.pdbx_solvent_shrinkage_radii             0.9000 
_refine.pdbx_real_space_R                        ? 
_refine.pdbx_density_correlation                 ? 
_refine.pdbx_pd_number_of_powder_patterns        ? 
_refine.pdbx_pd_number_of_points                 ? 
_refine.pdbx_pd_meas_number_of_points            ? 
_refine.pdbx_pd_proc_ls_prof_R_factor            ? 
_refine.pdbx_pd_proc_ls_prof_wR_factor           ? 
_refine.pdbx_pd_Marquardt_correlation_coeff      ? 
_refine.pdbx_pd_Fsqrd_R_factor                   ? 
_refine.pdbx_pd_ls_matrix_band_width             ? 
_refine.pdbx_overall_phase_error                 34.3400 
_refine.pdbx_overall_SU_R_free_Cruickshank_DPI   ? 
_refine.pdbx_overall_SU_R_free_Blow_DPI          ? 
_refine.pdbx_overall_SU_R_Blow_DPI               ? 
_refine.pdbx_TLS_residual_ADP_flag               ? 
_refine.pdbx_diffrn_id                           1 
_refine.overall_SU_B                             ? 
_refine.overall_SU_ML                            0.3200 
_refine.overall_SU_R_Cruickshank_DPI             ? 
_refine.overall_SU_R_free                        ? 
_refine.overall_FOM_free_R_set                   ? 
_refine.overall_FOM_work_R_set                   ? 
_refine.pdbx_average_fsc_overall                 ? 
_refine.pdbx_average_fsc_work                    ? 
_refine.pdbx_average_fsc_free                    ? 
# 
_refine_hist.cycle_id                         final 
_refine_hist.pdbx_refine_id                   'X-RAY DIFFRACTION' 
_refine_hist.d_res_high                       1.7810 
_refine_hist.d_res_low                        34.0320 
_refine_hist.pdbx_number_atoms_ligand         15 
_refine_hist.number_atoms_solvent             78 
_refine_hist.number_atoms_total               1210 
_refine_hist.pdbx_number_residues_total       146 
_refine_hist.pdbx_B_iso_mean_ligand           39.66 
_refine_hist.pdbx_B_iso_mean_solvent          44.68 
_refine_hist.pdbx_number_atoms_protein        1117 
_refine_hist.pdbx_number_atoms_nucleic_acid   0 
# 
loop_
_refine_ls_restr.pdbx_refine_id 
_refine_ls_restr.criterion 
_refine_ls_restr.dev_ideal 
_refine_ls_restr.dev_ideal_target 
_refine_ls_restr.number 
_refine_ls_restr.rejects 
_refine_ls_restr.type 
_refine_ls_restr.weight 
_refine_ls_restr.pdbx_restraint_function 
'X-RAY DIFFRACTION' ? 0.008  ? 1157 ? f_bond_d           ? ? 
'X-RAY DIFFRACTION' ? 1.098  ? 1566 ? f_angle_d          ? ? 
'X-RAY DIFFRACTION' ? 0.051  ? 182  ? f_chiral_restr     ? ? 
'X-RAY DIFFRACTION' ? 0.005  ? 204  ? f_plane_restr      ? ? 
'X-RAY DIFFRACTION' ? 14.536 ? 423  ? f_dihedral_angle_d ? ? 
# 
loop_
_refine_ls_shell.pdbx_refine_id 
_refine_ls_shell.d_res_high 
_refine_ls_shell.d_res_low 
_refine_ls_shell.number_reflns_all 
_refine_ls_shell.number_reflns_obs 
_refine_ls_shell.number_reflns_R_free 
_refine_ls_shell.number_reflns_R_work 
_refine_ls_shell.percent_reflns_obs 
_refine_ls_shell.percent_reflns_R_free 
_refine_ls_shell.R_factor_all 
_refine_ls_shell.R_factor_obs 
_refine_ls_shell.R_factor_R_free 
_refine_ls_shell.R_factor_R_free_error 
_refine_ls_shell.R_factor_R_work 
_refine_ls_shell.redundancy_reflns_all 
_refine_ls_shell.redundancy_reflns_obs 
_refine_ls_shell.wR_factor_all 
_refine_ls_shell.wR_factor_obs 
_refine_ls_shell.wR_factor_R_free 
_refine_ls_shell.wR_factor_R_work 
_refine_ls_shell.pdbx_total_number_of_bins_used 
_refine_ls_shell.pdbx_phase_error 
_refine_ls_shell.pdbx_fsc_work 
_refine_ls_shell.pdbx_fsc_free 
'X-RAY DIFFRACTION' 1.7812 1.8751  2851 . 161 2690 100.0000 . . . 0.4151 0.0000 0.3386 . . . . . . 7 . . . 
'X-RAY DIFFRACTION' 1.8751 1.9926  2872 . 150 2722 100.0000 . . . 0.4022 0.0000 0.3208 . . . . . . 7 . . . 
'X-RAY DIFFRACTION' 1.9926 2.1464  2893 . 145 2748 100.0000 . . . 0.3487 0.0000 0.2990 . . . . . . 7 . . . 
'X-RAY DIFFRACTION' 2.1464 2.3624  2879 . 153 2726 100.0000 . . . 0.3314 0.0000 0.2815 . . . . . . 7 . . . 
'X-RAY DIFFRACTION' 2.3624 2.7041  2893 . 161 2732 100.0000 . . . 0.3241 0.0000 0.2751 . . . . . . 7 . . . 
'X-RAY DIFFRACTION' 2.7041 3.4064  2922 . 139 2783 100.0000 . . . 0.2741 0.0000 0.2437 . . . . . . 7 . . . 
'X-RAY DIFFRACTION' 3.4064 34.0384 2979 . 131 2848 99.0000  . . . 0.2233 0.0000 0.2126 . . . . . . 7 . . . 
# 
_struct.entry_id                     6QMI 
_struct.title                        
;Phosphopantetheine adenylyltransferase from Mycobacterium tuberculosis in complex with 3-(1H-indol-1-yl)propanoic acid at 1.7A resolution.
;
_struct.pdbx_model_details           ? 
_struct.pdbx_formula_weight          ? 
_struct.pdbx_formula_weight_method   ? 
_struct.pdbx_model_type_details      ? 
_struct.pdbx_CASP_flag               N 
# 
_struct_keywords.entry_id        6QMI 
_struct_keywords.text            'CoaD, PPAT, Transferase, Complex' 
_struct_keywords.pdbx_keywords   TRANSFERASE 
# 
loop_
_struct_asym.id 
_struct_asym.pdbx_blank_PDB_chainid_flag 
_struct_asym.pdbx_modified 
_struct_asym.entity_id 
_struct_asym.details 
A N N 1 ? 
B N N 2 ? 
C N N 3 ? 
# 
_struct_ref.id                         1 
_struct_ref.db_name                    UNP 
_struct_ref.db_code                    COAD_MYCTU 
_struct_ref.pdbx_db_accession          P9WPA5 
_struct_ref.pdbx_db_isoform            ? 
_struct_ref.entity_id                  1 
_struct_ref.pdbx_seq_one_letter_code   
;MTGAVCPGSFDPVTLGHVDIFERAAAQFDEVVVAILVNPAKTGMFDLDERIAMVKESTTHLPNLRVQVGHGLVVDFVRSC
GMTAIVKGLRTGTDFEYELQMAQMNKHIAGVDTFFVATAPRYSFVSSSLAKEVAMLGGDVSELLPEPVNRRLRDRLNTER
T
;
_struct_ref.pdbx_align_begin           1 
# 
_struct_ref_seq.align_id                      1 
_struct_ref_seq.ref_id                        1 
_struct_ref_seq.pdbx_PDB_id_code              6QMI 
_struct_ref_seq.pdbx_strand_id                A 
_struct_ref_seq.seq_align_beg                 3 
_struct_ref_seq.pdbx_seq_align_beg_ins_code   ? 
_struct_ref_seq.seq_align_end                 163 
_struct_ref_seq.pdbx_seq_align_end_ins_code   ? 
_struct_ref_seq.pdbx_db_accession             P9WPA5 
_struct_ref_seq.db_align_beg                  1 
_struct_ref_seq.pdbx_db_align_beg_ins_code    ? 
_struct_ref_seq.db_align_end                  161 
_struct_ref_seq.pdbx_db_align_end_ins_code    ? 
_struct_ref_seq.pdbx_auth_seq_align_beg       1 
_struct_ref_seq.pdbx_auth_seq_align_end       161 
# 
loop_
_struct_ref_seq_dif.align_id 
_struct_ref_seq_dif.pdbx_pdb_id_code 
_struct_ref_seq_dif.mon_id 
_struct_ref_seq_dif.pdbx_pdb_strand_id 
_struct_ref_seq_dif.seq_num 
_struct_ref_seq_dif.pdbx_pdb_ins_code 
_struct_ref_seq_dif.pdbx_seq_db_name 
_struct_ref_seq_dif.pdbx_seq_db_accession_code 
_struct_ref_seq_dif.db_mon_id 
_struct_ref_seq_dif.pdbx_seq_db_seq_num 
_struct_ref_seq_dif.details 
_struct_ref_seq_dif.pdbx_auth_seq_num 
_struct_ref_seq_dif.pdbx_ordinal 
1 6QMI GLY A 1 ? UNP P9WPA5 ? ? 'expression tag' -1 1 
1 6QMI SER A 2 ? UNP P9WPA5 ? ? 'expression tag' 0  2 
# 
_pdbx_struct_assembly.id                   1 
_pdbx_struct_assembly.details              author_and_software_defined_assembly 
_pdbx_struct_assembly.method_details       PISA 
_pdbx_struct_assembly.oligomeric_details   hexameric 
_pdbx_struct_assembly.oligomeric_count     6 
# 
loop_
_pdbx_struct_assembly_prop.biol_id 
_pdbx_struct_assembly_prop.type 
_pdbx_struct_assembly_prop.value 
_pdbx_struct_assembly_prop.details 
1 'ABSA (A^2)' 11730 ? 
1 MORE         -85   ? 
1 'SSA (A^2)'  35950 ? 
# 
_pdbx_struct_assembly_gen.assembly_id       1 
_pdbx_struct_assembly_gen.oper_expression   1,2,3,4,5,6 
_pdbx_struct_assembly_gen.asym_id_list      A,B,C 
# 
_pdbx_struct_assembly_auth_evidence.id                     1 
_pdbx_struct_assembly_auth_evidence.assembly_id            1 
_pdbx_struct_assembly_auth_evidence.experimental_support   'gel filtration' 
_pdbx_struct_assembly_auth_evidence.details                ? 
# 
loop_
_pdbx_struct_oper_list.id 
_pdbx_struct_oper_list.type 
_pdbx_struct_oper_list.name 
_pdbx_struct_oper_list.symmetry_operation 
_pdbx_struct_oper_list.matrix[1][1] 
_pdbx_struct_oper_list.matrix[1][2] 
_pdbx_struct_oper_list.matrix[1][3] 
_pdbx_struct_oper_list.vector[1] 
_pdbx_struct_oper_list.matrix[2][1] 
_pdbx_struct_oper_list.matrix[2][2] 
_pdbx_struct_oper_list.matrix[2][3] 
_pdbx_struct_oper_list.vector[2] 
_pdbx_struct_oper_list.matrix[3][1] 
_pdbx_struct_oper_list.matrix[3][2] 
_pdbx_struct_oper_list.matrix[3][3] 
_pdbx_struct_oper_list.vector[3] 
1 'identity operation'         1_555 x,y,z      1.0000000000  0.0000000000  0.0000000000  0.0000000000   0.0000000000  1.0000000000  0.0000000000  0.0000000000  0.0000000000  0.0000000000  1.0000000000  0.0000000000   
2 'crystal symmetry operation' 2_555 -y,x-y,z   -0.1707094379 0.5450112190  -0.8208660420 -16.9219819053 0.6910954726  0.6600391333  0.2945087269  11.7863029085 0.7023142712  -0.5170213860 -0.4893296954 28.8872110850  
3 'crystal symmetry operation' 3_555 -x+y,-x,z  -0.1707094379 0.6910954726  0.7023142712  -31.3221031986 0.5450112190  0.6600391333  -0.5170213860 16.3785547436 -0.8208660420 0.2945087269  -0.4893296954 -3.2264791729  
4 'crystal symmetry operation' 4_555 y,x,-z     -0.3951117335 -0.2371593330 0.8874920669  -15.4070742245 -0.2371593330 -0.9070166305 -0.3479601742 40.3266723567 0.8874920669  -0.3479601742 0.3021283640  21.2772664001  
5 'crystal symmetry operation' 5_555 x-y,-y,-z  0.5268479048  -0.8307271467 -0.1797879112 14.1209383180  -0.8307271467 -0.5480181163 0.0978189759  23.5979065458 -0.1797879112 0.0978189759  -0.9788297886 10.8856235146  
6 'crystal symmetry operation' 6_555 -x,-x+y,-z -0.7903172955 -0.1682202120 -0.5891523850 -9.7791455190  -0.1682202120 -0.8650435199 0.4726538574  34.0220661775 -0.5891523850 0.4726538574  0.6553608154  -13.1947473439 
# 
loop_
_struct_conf.conf_type_id 
_struct_conf.id 
_struct_conf.pdbx_PDB_helix_id 
_struct_conf.beg_label_comp_id 
_struct_conf.beg_label_asym_id 
_struct_conf.beg_label_seq_id 
_struct_conf.pdbx_beg_PDB_ins_code 
_struct_conf.end_label_comp_id 
_struct_conf.end_label_asym_id 
_struct_conf.end_label_seq_id 
_struct_conf.pdbx_end_PDB_ins_code 
_struct_conf.beg_auth_comp_id 
_struct_conf.beg_auth_asym_id 
_struct_conf.beg_auth_seq_id 
_struct_conf.end_auth_comp_id 
_struct_conf.end_auth_asym_id 
_struct_conf.end_auth_seq_id 
_struct_conf.pdbx_PDB_helix_class 
_struct_conf.details 
_struct_conf.pdbx_PDB_helix_length 
HELX_P HELX_P1 AA1 THR A 16  ? PHE A 30  ? THR A 14  PHE A 28  1 ? 15 
HELX_P HELX_P2 AA2 ASP A 48  ? THR A 60  ? ASP A 46  THR A 58  1 ? 13 
HELX_P HELX_P3 AA3 LEU A 74  ? CYS A 82  ? LEU A 72  CYS A 80  1 ? 9  
HELX_P HELX_P4 AA4 TYR A 99  ? GLY A 112 ? TYR A 97  GLY A 110 1 ? 14 
HELX_P HELX_P5 AA5 ALA A 121 ? SER A 125 ? ALA A 119 SER A 123 5 ? 5  
HELX_P HELX_P6 AA6 SER A 128 ? LEU A 138 ? SER A 126 LEU A 136 1 ? 11 
HELX_P HELX_P7 AA7 VAL A 142 ? LEU A 146 ? VAL A 140 LEU A 144 5 ? 5  
HELX_P HELX_P8 AA8 PRO A 147 ? ASN A 159 ? PRO A 145 ASN A 157 1 ? 13 
# 
_struct_conf_type.id          HELX_P 
_struct_conf_type.criteria    ? 
_struct_conf_type.reference   ? 
# 
_struct_mon_prot_cis.pdbx_id                1 
_struct_mon_prot_cis.label_comp_id          ASP 
_struct_mon_prot_cis.label_seq_id           13 
_struct_mon_prot_cis.label_asym_id          A 
_struct_mon_prot_cis.label_alt_id           . 
_struct_mon_prot_cis.pdbx_PDB_ins_code      ? 
_struct_mon_prot_cis.auth_comp_id           ASP 
_struct_mon_prot_cis.auth_seq_id            11 
_struct_mon_prot_cis.auth_asym_id           A 
_struct_mon_prot_cis.pdbx_label_comp_id_2   PRO 
_struct_mon_prot_cis.pdbx_label_seq_id_2    14 
_struct_mon_prot_cis.pdbx_label_asym_id_2   A 
_struct_mon_prot_cis.pdbx_PDB_ins_code_2    ? 
_struct_mon_prot_cis.pdbx_auth_comp_id_2    PRO 
_struct_mon_prot_cis.pdbx_auth_seq_id_2     12 
_struct_mon_prot_cis.pdbx_auth_asym_id_2    A 
_struct_mon_prot_cis.pdbx_PDB_model_num     1 
_struct_mon_prot_cis.pdbx_omega_angle       -3.21 
# 
_struct_sheet.id               AA1 
_struct_sheet.type             ? 
_struct_sheet.number_strands   5 
_struct_sheet.details          ? 
# 
loop_
_struct_sheet_order.sheet_id 
_struct_sheet_order.range_id_1 
_struct_sheet_order.range_id_2 
_struct_sheet_order.offset 
_struct_sheet_order.sense 
AA1 1 2 ? parallel 
AA1 2 3 ? parallel 
AA1 3 4 ? parallel 
AA1 4 5 ? parallel 
# 
loop_
_struct_sheet_range.sheet_id 
_struct_sheet_range.id 
_struct_sheet_range.beg_label_comp_id 
_struct_sheet_range.beg_label_asym_id 
_struct_sheet_range.beg_label_seq_id 
_struct_sheet_range.pdbx_beg_PDB_ins_code 
_struct_sheet_range.end_label_comp_id 
_struct_sheet_range.end_label_asym_id 
_struct_sheet_range.end_label_seq_id 
_struct_sheet_range.pdbx_end_PDB_ins_code 
_struct_sheet_range.beg_auth_comp_id 
_struct_sheet_range.beg_auth_asym_id 
_struct_sheet_range.beg_auth_seq_id 
_struct_sheet_range.end_auth_comp_id 
_struct_sheet_range.end_auth_asym_id 
_struct_sheet_range.end_auth_seq_id 
AA1 1 LEU A 66  ? GLY A 71  ? LEU A 64  GLY A 69  
AA1 2 GLU A 32  ? LEU A 38  ? GLU A 30  LEU A 36  
AA1 3 GLY A 5   ? GLY A 10  ? GLY A 3   GLY A 8   
AA1 4 ALA A 86  ? LEU A 91  ? ALA A 84  LEU A 89  
AA1 5 THR A 115 ? ALA A 119 ? THR A 113 ALA A 117 
# 
loop_
_pdbx_struct_sheet_hbond.sheet_id 
_pdbx_struct_sheet_hbond.range_id_1 
_pdbx_struct_sheet_hbond.range_id_2 
_pdbx_struct_sheet_hbond.range_1_label_atom_id 
_pdbx_struct_sheet_hbond.range_1_label_comp_id 
_pdbx_struct_sheet_hbond.range_1_label_asym_id 
_pdbx_struct_sheet_hbond.range_1_label_seq_id 
_pdbx_struct_sheet_hbond.range_1_PDB_ins_code 
_pdbx_struct_sheet_hbond.range_1_auth_atom_id 
_pdbx_struct_sheet_hbond.range_1_auth_comp_id 
_pdbx_struct_sheet_hbond.range_1_auth_asym_id 
_pdbx_struct_sheet_hbond.range_1_auth_seq_id 
_pdbx_struct_sheet_hbond.range_2_label_atom_id 
_pdbx_struct_sheet_hbond.range_2_label_comp_id 
_pdbx_struct_sheet_hbond.range_2_label_asym_id 
_pdbx_struct_sheet_hbond.range_2_label_seq_id 
_pdbx_struct_sheet_hbond.range_2_PDB_ins_code 
_pdbx_struct_sheet_hbond.range_2_auth_atom_id 
_pdbx_struct_sheet_hbond.range_2_auth_comp_id 
_pdbx_struct_sheet_hbond.range_2_auth_asym_id 
_pdbx_struct_sheet_hbond.range_2_auth_seq_id 
AA1 1 2 O ARG A 67 ? O ARG A 65 N VAL A 35  ? N VAL A 33  
AA1 2 3 O LEU A 38 ? O LEU A 36 N GLY A 10  ? N GLY A 8   
AA1 3 4 N VAL A 7  ? N VAL A 5  O VAL A 88  ? O VAL A 86  
AA1 4 5 N ILE A 87 ? N ILE A 85 O PHE A 116 ? O PHE A 114 
# 
_struct_site.id                   AC1 
_struct_site.pdbx_evidence_code   Software 
_struct_site.pdbx_auth_asym_id    A 
_struct_site.pdbx_auth_comp_id    9FH 
_struct_site.pdbx_auth_seq_id     201 
_struct_site.pdbx_auth_ins_code   ? 
_struct_site.pdbx_num_residues    12 
_struct_site.details              'binding site for residue 9FH A 201' 
# 
loop_
_struct_site_gen.id 
_struct_site_gen.site_id 
_struct_site_gen.pdbx_num_res 
_struct_site_gen.label_comp_id 
_struct_site_gen.label_asym_id 
_struct_site_gen.label_seq_id 
_struct_site_gen.pdbx_auth_ins_code 
_struct_site_gen.auth_comp_id 
_struct_site_gen.auth_asym_id 
_struct_site_gen.auth_seq_id 
_struct_site_gen.label_atom_id 
_struct_site_gen.label_alt_id 
_struct_site_gen.symmetry 
_struct_site_gen.details 
1  AC1 12 THR A 16  ? THR A 14  . ? 1_555 ? 
2  AC1 12 GLY A 18  ? GLY A 16  . ? 1_555 ? 
3  AC1 12 HIS A 19  ? HIS A 17  . ? 1_555 ? 
4  AC1 12 ILE A 22  ? ILE A 20  . ? 1_555 ? 
5  AC1 12 THR A 120 ? THR A 118 . ? 1_555 ? 
6  AC1 12 TYR A 124 ? TYR A 122 . ? 1_555 ? 
7  AC1 12 VAL A 127 ? VAL A 125 . ? 1_555 ? 
8  AC1 12 SER A 128 ? SER A 126 . ? 1_555 ? 
9  AC1 12 SER A 129 ? SER A 127 . ? 1_555 ? 
10 AC1 12 HOH C .   ? HOH A 310 . ? 1_555 ? 
11 AC1 12 HOH C .   ? HOH A 326 . ? 1_555 ? 
12 AC1 12 HOH C .   ? HOH A 350 . ? 1_555 ? 
# 
loop_
_pdbx_struct_special_symmetry.id 
_pdbx_struct_special_symmetry.PDB_model_num 
_pdbx_struct_special_symmetry.auth_asym_id 
_pdbx_struct_special_symmetry.auth_comp_id 
_pdbx_struct_special_symmetry.auth_seq_id 
_pdbx_struct_special_symmetry.PDB_ins_code 
_pdbx_struct_special_symmetry.label_asym_id 
_pdbx_struct_special_symmetry.label_comp_id 
_pdbx_struct_special_symmetry.label_seq_id 
1 1 A HOH 332 ? C HOH . 
2 1 A HOH 361 ? C HOH . 
3 1 A HOH 370 ? C HOH . 
4 1 A HOH 378 ? C HOH . 
# 
loop_
_pdbx_unobs_or_zero_occ_residues.id 
_pdbx_unobs_or_zero_occ_residues.PDB_model_num 
_pdbx_unobs_or_zero_occ_residues.polymer_flag 
_pdbx_unobs_or_zero_occ_residues.occupancy_flag 
_pdbx_unobs_or_zero_occ_residues.auth_asym_id 
_pdbx_unobs_or_zero_occ_residues.auth_comp_id 
_pdbx_unobs_or_zero_occ_residues.auth_seq_id 
_pdbx_unobs_or_zero_occ_residues.PDB_ins_code 
_pdbx_unobs_or_zero_occ_residues.label_asym_id 
_pdbx_unobs_or_zero_occ_residues.label_comp_id 
_pdbx_unobs_or_zero_occ_residues.label_seq_id 
1  1 Y 1 A GLY -1  ? A GLY 1   
2  1 Y 1 A SER 0   ? A SER 2   
3  1 Y 1 A ASN 38  ? A ASN 40  
4  1 Y 1 A PRO 39  ? A PRO 41  
5  1 Y 1 A ALA 40  ? A ALA 42  
6  1 Y 1 A LYS 41  ? A LYS 43  
7  1 Y 1 A THR 42  ? A THR 44  
8  1 Y 1 A ARG 90  ? A ARG 92  
9  1 Y 1 A THR 91  ? A THR 93  
10 1 Y 1 A GLY 92  ? A GLY 94  
11 1 Y 1 A THR 93  ? A THR 95  
12 1 Y 1 A ASP 94  ? A ASP 96  
13 1 Y 1 A PHE 95  ? A PHE 97  
14 1 Y 1 A THR 158 ? A THR 160 
15 1 Y 1 A GLU 159 ? A GLU 161 
16 1 Y 1 A ARG 160 ? A ARG 162 
17 1 Y 1 A THR 161 ? A THR 163 
# 
loop_
_chem_comp_atom.comp_id 
_chem_comp_atom.atom_id 
_chem_comp_atom.type_symbol 
_chem_comp_atom.pdbx_aromatic_flag 
_chem_comp_atom.pdbx_stereo_config 
_chem_comp_atom.pdbx_ordinal 
9FH C10  C Y N 1   
9FH C15  C N N 2   
9FH C01  C Y N 3   
9FH C02  C Y N 4   
9FH C03  C Y N 5   
9FH C04  C Y N 6   
9FH C05  C Y N 7   
9FH C06  C Y N 8   
9FH N07  N Y N 9   
9FH C08  C Y N 10  
9FH C09  C Y N 11  
9FH N11  N Y N 12  
9FH C12  C N N 13  
9FH O13  O N N 14  
9FH O14  O N N 15  
9FH H1   H N N 16  
9FH H2   H N N 17  
9FH H3   H N N 18  
9FH H4   H N N 19  
9FH H5   H N N 20  
9FH H6   H N N 21  
9FH H7   H N N 22  
9FH H8   H N N 23  
9FH H9   H N N 24  
9FH H10  H N N 25  
ALA N    N N N 26  
ALA CA   C N S 27  
ALA C    C N N 28  
ALA O    O N N 29  
ALA CB   C N N 30  
ALA OXT  O N N 31  
ALA H    H N N 32  
ALA H2   H N N 33  
ALA HA   H N N 34  
ALA HB1  H N N 35  
ALA HB2  H N N 36  
ALA HB3  H N N 37  
ALA HXT  H N N 38  
ARG N    N N N 39  
ARG CA   C N S 40  
ARG C    C N N 41  
ARG O    O N N 42  
ARG CB   C N N 43  
ARG CG   C N N 44  
ARG CD   C N N 45  
ARG NE   N N N 46  
ARG CZ   C N N 47  
ARG NH1  N N N 48  
ARG NH2  N N N 49  
ARG OXT  O N N 50  
ARG H    H N N 51  
ARG H2   H N N 52  
ARG HA   H N N 53  
ARG HB2  H N N 54  
ARG HB3  H N N 55  
ARG HG2  H N N 56  
ARG HG3  H N N 57  
ARG HD2  H N N 58  
ARG HD3  H N N 59  
ARG HE   H N N 60  
ARG HH11 H N N 61  
ARG HH12 H N N 62  
ARG HH21 H N N 63  
ARG HH22 H N N 64  
ARG HXT  H N N 65  
ASN N    N N N 66  
ASN CA   C N S 67  
ASN C    C N N 68  
ASN O    O N N 69  
ASN CB   C N N 70  
ASN CG   C N N 71  
ASN OD1  O N N 72  
ASN ND2  N N N 73  
ASN OXT  O N N 74  
ASN H    H N N 75  
ASN H2   H N N 76  
ASN HA   H N N 77  
ASN HB2  H N N 78  
ASN HB3  H N N 79  
ASN HD21 H N N 80  
ASN HD22 H N N 81  
ASN HXT  H N N 82  
ASP N    N N N 83  
ASP CA   C N S 84  
ASP C    C N N 85  
ASP O    O N N 86  
ASP CB   C N N 87  
ASP CG   C N N 88  
ASP OD1  O N N 89  
ASP OD2  O N N 90  
ASP OXT  O N N 91  
ASP H    H N N 92  
ASP H2   H N N 93  
ASP HA   H N N 94  
ASP HB2  H N N 95  
ASP HB3  H N N 96  
ASP HD2  H N N 97  
ASP HXT  H N N 98  
CYS N    N N N 99  
CYS CA   C N R 100 
CYS C    C N N 101 
CYS O    O N N 102 
CYS CB   C N N 103 
CYS SG   S N N 104 
CYS OXT  O N N 105 
CYS H    H N N 106 
CYS H2   H N N 107 
CYS HA   H N N 108 
CYS HB2  H N N 109 
CYS HB3  H N N 110 
CYS HG   H N N 111 
CYS HXT  H N N 112 
GLN N    N N N 113 
GLN CA   C N S 114 
GLN C    C N N 115 
GLN O    O N N 116 
GLN CB   C N N 117 
GLN CG   C N N 118 
GLN CD   C N N 119 
GLN OE1  O N N 120 
GLN NE2  N N N 121 
GLN OXT  O N N 122 
GLN H    H N N 123 
GLN H2   H N N 124 
GLN HA   H N N 125 
GLN HB2  H N N 126 
GLN HB3  H N N 127 
GLN HG2  H N N 128 
GLN HG3  H N N 129 
GLN HE21 H N N 130 
GLN HE22 H N N 131 
GLN HXT  H N N 132 
GLU N    N N N 133 
GLU CA   C N S 134 
GLU C    C N N 135 
GLU O    O N N 136 
GLU CB   C N N 137 
GLU CG   C N N 138 
GLU CD   C N N 139 
GLU OE1  O N N 140 
GLU OE2  O N N 141 
GLU OXT  O N N 142 
GLU H    H N N 143 
GLU H2   H N N 144 
GLU HA   H N N 145 
GLU HB2  H N N 146 
GLU HB3  H N N 147 
GLU HG2  H N N 148 
GLU HG3  H N N 149 
GLU HE2  H N N 150 
GLU HXT  H N N 151 
GLY N    N N N 152 
GLY CA   C N N 153 
GLY C    C N N 154 
GLY O    O N N 155 
GLY OXT  O N N 156 
GLY H    H N N 157 
GLY H2   H N N 158 
GLY HA2  H N N 159 
GLY HA3  H N N 160 
GLY HXT  H N N 161 
HIS N    N N N 162 
HIS CA   C N S 163 
HIS C    C N N 164 
HIS O    O N N 165 
HIS CB   C N N 166 
HIS CG   C Y N 167 
HIS ND1  N Y N 168 
HIS CD2  C Y N 169 
HIS CE1  C Y N 170 
HIS NE2  N Y N 171 
HIS OXT  O N N 172 
HIS H    H N N 173 
HIS H2   H N N 174 
HIS HA   H N N 175 
HIS HB2  H N N 176 
HIS HB3  H N N 177 
HIS HD1  H N N 178 
HIS HD2  H N N 179 
HIS HE1  H N N 180 
HIS HE2  H N N 181 
HIS HXT  H N N 182 
HOH O    O N N 183 
HOH H1   H N N 184 
HOH H2   H N N 185 
ILE N    N N N 186 
ILE CA   C N S 187 
ILE C    C N N 188 
ILE O    O N N 189 
ILE CB   C N S 190 
ILE CG1  C N N 191 
ILE CG2  C N N 192 
ILE CD1  C N N 193 
ILE OXT  O N N 194 
ILE H    H N N 195 
ILE H2   H N N 196 
ILE HA   H N N 197 
ILE HB   H N N 198 
ILE HG12 H N N 199 
ILE HG13 H N N 200 
ILE HG21 H N N 201 
ILE HG22 H N N 202 
ILE HG23 H N N 203 
ILE HD11 H N N 204 
ILE HD12 H N N 205 
ILE HD13 H N N 206 
ILE HXT  H N N 207 
LEU N    N N N 208 
LEU CA   C N S 209 
LEU C    C N N 210 
LEU O    O N N 211 
LEU CB   C N N 212 
LEU CG   C N N 213 
LEU CD1  C N N 214 
LEU CD2  C N N 215 
LEU OXT  O N N 216 
LEU H    H N N 217 
LEU H2   H N N 218 
LEU HA   H N N 219 
LEU HB2  H N N 220 
LEU HB3  H N N 221 
LEU HG   H N N 222 
LEU HD11 H N N 223 
LEU HD12 H N N 224 
LEU HD13 H N N 225 
LEU HD21 H N N 226 
LEU HD22 H N N 227 
LEU HD23 H N N 228 
LEU HXT  H N N 229 
LYS N    N N N 230 
LYS CA   C N S 231 
LYS C    C N N 232 
LYS O    O N N 233 
LYS CB   C N N 234 
LYS CG   C N N 235 
LYS CD   C N N 236 
LYS CE   C N N 237 
LYS NZ   N N N 238 
LYS OXT  O N N 239 
LYS H    H N N 240 
LYS H2   H N N 241 
LYS HA   H N N 242 
LYS HB2  H N N 243 
LYS HB3  H N N 244 
LYS HG2  H N N 245 
LYS HG3  H N N 246 
LYS HD2  H N N 247 
LYS HD3  H N N 248 
LYS HE2  H N N 249 
LYS HE3  H N N 250 
LYS HZ1  H N N 251 
LYS HZ2  H N N 252 
LYS HZ3  H N N 253 
LYS HXT  H N N 254 
MET N    N N N 255 
MET CA   C N S 256 
MET C    C N N 257 
MET O    O N N 258 
MET CB   C N N 259 
MET CG   C N N 260 
MET SD   S N N 261 
MET CE   C N N 262 
MET OXT  O N N 263 
MET H    H N N 264 
MET H2   H N N 265 
MET HA   H N N 266 
MET HB2  H N N 267 
MET HB3  H N N 268 
MET HG2  H N N 269 
MET HG3  H N N 270 
MET HE1  H N N 271 
MET HE2  H N N 272 
MET HE3  H N N 273 
MET HXT  H N N 274 
PHE N    N N N 275 
PHE CA   C N S 276 
PHE C    C N N 277 
PHE O    O N N 278 
PHE CB   C N N 279 
PHE CG   C Y N 280 
PHE CD1  C Y N 281 
PHE CD2  C Y N 282 
PHE CE1  C Y N 283 
PHE CE2  C Y N 284 
PHE CZ   C Y N 285 
PHE OXT  O N N 286 
PHE H    H N N 287 
PHE H2   H N N 288 
PHE HA   H N N 289 
PHE HB2  H N N 290 
PHE HB3  H N N 291 
PHE HD1  H N N 292 
PHE HD2  H N N 293 
PHE HE1  H N N 294 
PHE HE2  H N N 295 
PHE HZ   H N N 296 
PHE HXT  H N N 297 
PRO N    N N N 298 
PRO CA   C N S 299 
PRO C    C N N 300 
PRO O    O N N 301 
PRO CB   C N N 302 
PRO CG   C N N 303 
PRO CD   C N N 304 
PRO OXT  O N N 305 
PRO H    H N N 306 
PRO HA   H N N 307 
PRO HB2  H N N 308 
PRO HB3  H N N 309 
PRO HG2  H N N 310 
PRO HG3  H N N 311 
PRO HD2  H N N 312 
PRO HD3  H N N 313 
PRO HXT  H N N 314 
SER N    N N N 315 
SER CA   C N S 316 
SER C    C N N 317 
SER O    O N N 318 
SER CB   C N N 319 
SER OG   O N N 320 
SER OXT  O N N 321 
SER H    H N N 322 
SER H2   H N N 323 
SER HA   H N N 324 
SER HB2  H N N 325 
SER HB3  H N N 326 
SER HG   H N N 327 
SER HXT  H N N 328 
THR N    N N N 329 
THR CA   C N S 330 
THR C    C N N 331 
THR O    O N N 332 
THR CB   C N R 333 
THR OG1  O N N 334 
THR CG2  C N N 335 
THR OXT  O N N 336 
THR H    H N N 337 
THR H2   H N N 338 
THR HA   H N N 339 
THR HB   H N N 340 
THR HG1  H N N 341 
THR HG21 H N N 342 
THR HG22 H N N 343 
THR HG23 H N N 344 
THR HXT  H N N 345 
TYR N    N N N 346 
TYR CA   C N S 347 
TYR C    C N N 348 
TYR O    O N N 349 
TYR CB   C N N 350 
TYR CG   C Y N 351 
TYR CD1  C Y N 352 
TYR CD2  C Y N 353 
TYR CE1  C Y N 354 
TYR CE2  C Y N 355 
TYR CZ   C Y N 356 
TYR OH   O N N 357 
TYR OXT  O N N 358 
TYR H    H N N 359 
TYR H2   H N N 360 
TYR HA   H N N 361 
TYR HB2  H N N 362 
TYR HB3  H N N 363 
TYR HD1  H N N 364 
TYR HD2  H N N 365 
TYR HE1  H N N 366 
TYR HE2  H N N 367 
TYR HH   H N N 368 
TYR HXT  H N N 369 
VAL N    N N N 370 
VAL CA   C N S 371 
VAL C    C N N 372 
VAL O    O N N 373 
VAL CB   C N N 374 
VAL CG1  C N N 375 
VAL CG2  C N N 376 
VAL OXT  O N N 377 
VAL H    H N N 378 
VAL H2   H N N 379 
VAL HA   H N N 380 
VAL HB   H N N 381 
VAL HG11 H N N 382 
VAL HG12 H N N 383 
VAL HG13 H N N 384 
VAL HG21 H N N 385 
VAL HG22 H N N 386 
VAL HG23 H N N 387 
VAL HXT  H N N 388 
# 
loop_
_chem_comp_bond.comp_id 
_chem_comp_bond.atom_id_1 
_chem_comp_bond.atom_id_2 
_chem_comp_bond.value_order 
_chem_comp_bond.pdbx_aromatic_flag 
_chem_comp_bond.pdbx_stereo_config 
_chem_comp_bond.pdbx_ordinal 
9FH C15 C08  sing N N 1   
9FH O14 C12  doub N N 2   
9FH C03 C04  doub Y N 3   
9FH C03 C02  sing Y N 4   
9FH C04 C05  sing Y N 5   
9FH C02 C01  doub Y N 6   
9FH C08 C09  doub Y N 7   
9FH C08 N07  sing Y N 8   
9FH C12 C09  sing N N 9   
9FH C12 O13  sing N N 10  
9FH C05 N07  sing N N 11  
9FH C05 C06  doub Y N 12  
9FH C09 C10  sing Y N 13  
9FH C01 C06  sing Y N 14  
9FH N07 N11  sing Y N 15  
9FH N11 C10  doub Y N 16  
9FH C10 H1   sing N N 17  
9FH C15 H2   sing N N 18  
9FH C15 H3   sing N N 19  
9FH C15 H4   sing N N 20  
9FH C01 H5   sing N N 21  
9FH C02 H6   sing N N 22  
9FH C03 H7   sing N N 23  
9FH C04 H8   sing N N 24  
9FH C06 H9   sing N N 25  
9FH O13 H10  sing N N 26  
ALA N   CA   sing N N 27  
ALA N   H    sing N N 28  
ALA N   H2   sing N N 29  
ALA CA  C    sing N N 30  
ALA CA  CB   sing N N 31  
ALA CA  HA   sing N N 32  
ALA C   O    doub N N 33  
ALA C   OXT  sing N N 34  
ALA CB  HB1  sing N N 35  
ALA CB  HB2  sing N N 36  
ALA CB  HB3  sing N N 37  
ALA OXT HXT  sing N N 38  
ARG N   CA   sing N N 39  
ARG N   H    sing N N 40  
ARG N   H2   sing N N 41  
ARG CA  C    sing N N 42  
ARG CA  CB   sing N N 43  
ARG CA  HA   sing N N 44  
ARG C   O    doub N N 45  
ARG C   OXT  sing N N 46  
ARG CB  CG   sing N N 47  
ARG CB  HB2  sing N N 48  
ARG CB  HB3  sing N N 49  
ARG CG  CD   sing N N 50  
ARG CG  HG2  sing N N 51  
ARG CG  HG3  sing N N 52  
ARG CD  NE   sing N N 53  
ARG CD  HD2  sing N N 54  
ARG CD  HD3  sing N N 55  
ARG NE  CZ   sing N N 56  
ARG NE  HE   sing N N 57  
ARG CZ  NH1  sing N N 58  
ARG CZ  NH2  doub N N 59  
ARG NH1 HH11 sing N N 60  
ARG NH1 HH12 sing N N 61  
ARG NH2 HH21 sing N N 62  
ARG NH2 HH22 sing N N 63  
ARG OXT HXT  sing N N 64  
ASN N   CA   sing N N 65  
ASN N   H    sing N N 66  
ASN N   H2   sing N N 67  
ASN CA  C    sing N N 68  
ASN CA  CB   sing N N 69  
ASN CA  HA   sing N N 70  
ASN C   O    doub N N 71  
ASN C   OXT  sing N N 72  
ASN CB  CG   sing N N 73  
ASN CB  HB2  sing N N 74  
ASN CB  HB3  sing N N 75  
ASN CG  OD1  doub N N 76  
ASN CG  ND2  sing N N 77  
ASN ND2 HD21 sing N N 78  
ASN ND2 HD22 sing N N 79  
ASN OXT HXT  sing N N 80  
ASP N   CA   sing N N 81  
ASP N   H    sing N N 82  
ASP N   H2   sing N N 83  
ASP CA  C    sing N N 84  
ASP CA  CB   sing N N 85  
ASP CA  HA   sing N N 86  
ASP C   O    doub N N 87  
ASP C   OXT  sing N N 88  
ASP CB  CG   sing N N 89  
ASP CB  HB2  sing N N 90  
ASP CB  HB3  sing N N 91  
ASP CG  OD1  doub N N 92  
ASP CG  OD2  sing N N 93  
ASP OD2 HD2  sing N N 94  
ASP OXT HXT  sing N N 95  
CYS N   CA   sing N N 96  
CYS N   H    sing N N 97  
CYS N   H2   sing N N 98  
CYS CA  C    sing N N 99  
CYS CA  CB   sing N N 100 
CYS CA  HA   sing N N 101 
CYS C   O    doub N N 102 
CYS C   OXT  sing N N 103 
CYS CB  SG   sing N N 104 
CYS CB  HB2  sing N N 105 
CYS CB  HB3  sing N N 106 
CYS SG  HG   sing N N 107 
CYS OXT HXT  sing N N 108 
GLN N   CA   sing N N 109 
GLN N   H    sing N N 110 
GLN N   H2   sing N N 111 
GLN CA  C    sing N N 112 
GLN CA  CB   sing N N 113 
GLN CA  HA   sing N N 114 
GLN C   O    doub N N 115 
GLN C   OXT  sing N N 116 
GLN CB  CG   sing N N 117 
GLN CB  HB2  sing N N 118 
GLN CB  HB3  sing N N 119 
GLN CG  CD   sing N N 120 
GLN CG  HG2  sing N N 121 
GLN CG  HG3  sing N N 122 
GLN CD  OE1  doub N N 123 
GLN CD  NE2  sing N N 124 
GLN NE2 HE21 sing N N 125 
GLN NE2 HE22 sing N N 126 
GLN OXT HXT  sing N N 127 
GLU N   CA   sing N N 128 
GLU N   H    sing N N 129 
GLU N   H2   sing N N 130 
GLU CA  C    sing N N 131 
GLU CA  CB   sing N N 132 
GLU CA  HA   sing N N 133 
GLU C   O    doub N N 134 
GLU C   OXT  sing N N 135 
GLU CB  CG   sing N N 136 
GLU CB  HB2  sing N N 137 
GLU CB  HB3  sing N N 138 
GLU CG  CD   sing N N 139 
GLU CG  HG2  sing N N 140 
GLU CG  HG3  sing N N 141 
GLU CD  OE1  doub N N 142 
GLU CD  OE2  sing N N 143 
GLU OE2 HE2  sing N N 144 
GLU OXT HXT  sing N N 145 
GLY N   CA   sing N N 146 
GLY N   H    sing N N 147 
GLY N   H2   sing N N 148 
GLY CA  C    sing N N 149 
GLY CA  HA2  sing N N 150 
GLY CA  HA3  sing N N 151 
GLY C   O    doub N N 152 
GLY C   OXT  sing N N 153 
GLY OXT HXT  sing N N 154 
HIS N   CA   sing N N 155 
HIS N   H    sing N N 156 
HIS N   H2   sing N N 157 
HIS CA  C    sing N N 158 
HIS CA  CB   sing N N 159 
HIS CA  HA   sing N N 160 
HIS C   O    doub N N 161 
HIS C   OXT  sing N N 162 
HIS CB  CG   sing N N 163 
HIS CB  HB2  sing N N 164 
HIS CB  HB3  sing N N 165 
HIS CG  ND1  sing Y N 166 
HIS CG  CD2  doub Y N 167 
HIS ND1 CE1  doub Y N 168 
HIS ND1 HD1  sing N N 169 
HIS CD2 NE2  sing Y N 170 
HIS CD2 HD2  sing N N 171 
HIS CE1 NE2  sing Y N 172 
HIS CE1 HE1  sing N N 173 
HIS NE2 HE2  sing N N 174 
HIS OXT HXT  sing N N 175 
HOH O   H1   sing N N 176 
HOH O   H2   sing N N 177 
ILE N   CA   sing N N 178 
ILE N   H    sing N N 179 
ILE N   H2   sing N N 180 
ILE CA  C    sing N N 181 
ILE CA  CB   sing N N 182 
ILE CA  HA   sing N N 183 
ILE C   O    doub N N 184 
ILE C   OXT  sing N N 185 
ILE CB  CG1  sing N N 186 
ILE CB  CG2  sing N N 187 
ILE CB  HB   sing N N 188 
ILE CG1 CD1  sing N N 189 
ILE CG1 HG12 sing N N 190 
ILE CG1 HG13 sing N N 191 
ILE CG2 HG21 sing N N 192 
ILE CG2 HG22 sing N N 193 
ILE CG2 HG23 sing N N 194 
ILE CD1 HD11 sing N N 195 
ILE CD1 HD12 sing N N 196 
ILE CD1 HD13 sing N N 197 
ILE OXT HXT  sing N N 198 
LEU N   CA   sing N N 199 
LEU N   H    sing N N 200 
LEU N   H2   sing N N 201 
LEU CA  C    sing N N 202 
LEU CA  CB   sing N N 203 
LEU CA  HA   sing N N 204 
LEU C   O    doub N N 205 
LEU C   OXT  sing N N 206 
LEU CB  CG   sing N N 207 
LEU CB  HB2  sing N N 208 
LEU CB  HB3  sing N N 209 
LEU CG  CD1  sing N N 210 
LEU CG  CD2  sing N N 211 
LEU CG  HG   sing N N 212 
LEU CD1 HD11 sing N N 213 
LEU CD1 HD12 sing N N 214 
LEU CD1 HD13 sing N N 215 
LEU CD2 HD21 sing N N 216 
LEU CD2 HD22 sing N N 217 
LEU CD2 HD23 sing N N 218 
LEU OXT HXT  sing N N 219 
LYS N   CA   sing N N 220 
LYS N   H    sing N N 221 
LYS N   H2   sing N N 222 
LYS CA  C    sing N N 223 
LYS CA  CB   sing N N 224 
LYS CA  HA   sing N N 225 
LYS C   O    doub N N 226 
LYS C   OXT  sing N N 227 
LYS CB  CG   sing N N 228 
LYS CB  HB2  sing N N 229 
LYS CB  HB3  sing N N 230 
LYS CG  CD   sing N N 231 
LYS CG  HG2  sing N N 232 
LYS CG  HG3  sing N N 233 
LYS CD  CE   sing N N 234 
LYS CD  HD2  sing N N 235 
LYS CD  HD3  sing N N 236 
LYS CE  NZ   sing N N 237 
LYS CE  HE2  sing N N 238 
LYS CE  HE3  sing N N 239 
LYS NZ  HZ1  sing N N 240 
LYS NZ  HZ2  sing N N 241 
LYS NZ  HZ3  sing N N 242 
LYS OXT HXT  sing N N 243 
MET N   CA   sing N N 244 
MET N   H    sing N N 245 
MET N   H2   sing N N 246 
MET CA  C    sing N N 247 
MET CA  CB   sing N N 248 
MET CA  HA   sing N N 249 
MET C   O    doub N N 250 
MET C   OXT  sing N N 251 
MET CB  CG   sing N N 252 
MET CB  HB2  sing N N 253 
MET CB  HB3  sing N N 254 
MET CG  SD   sing N N 255 
MET CG  HG2  sing N N 256 
MET CG  HG3  sing N N 257 
MET SD  CE   sing N N 258 
MET CE  HE1  sing N N 259 
MET CE  HE2  sing N N 260 
MET CE  HE3  sing N N 261 
MET OXT HXT  sing N N 262 
PHE N   CA   sing N N 263 
PHE N   H    sing N N 264 
PHE N   H2   sing N N 265 
PHE CA  C    sing N N 266 
PHE CA  CB   sing N N 267 
PHE CA  HA   sing N N 268 
PHE C   O    doub N N 269 
PHE C   OXT  sing N N 270 
PHE CB  CG   sing N N 271 
PHE CB  HB2  sing N N 272 
PHE CB  HB3  sing N N 273 
PHE CG  CD1  doub Y N 274 
PHE CG  CD2  sing Y N 275 
PHE CD1 CE1  sing Y N 276 
PHE CD1 HD1  sing N N 277 
PHE CD2 CE2  doub Y N 278 
PHE CD2 HD2  sing N N 279 
PHE CE1 CZ   doub Y N 280 
PHE CE1 HE1  sing N N 281 
PHE CE2 CZ   sing Y N 282 
PHE CE2 HE2  sing N N 283 
PHE CZ  HZ   sing N N 284 
PHE OXT HXT  sing N N 285 
PRO N   CA   sing N N 286 
PRO N   CD   sing N N 287 
PRO N   H    sing N N 288 
PRO CA  C    sing N N 289 
PRO CA  CB   sing N N 290 
PRO CA  HA   sing N N 291 
PRO C   O    doub N N 292 
PRO C   OXT  sing N N 293 
PRO CB  CG   sing N N 294 
PRO CB  HB2  sing N N 295 
PRO CB  HB3  sing N N 296 
PRO CG  CD   sing N N 297 
PRO CG  HG2  sing N N 298 
PRO CG  HG3  sing N N 299 
PRO CD  HD2  sing N N 300 
PRO CD  HD3  sing N N 301 
PRO OXT HXT  sing N N 302 
SER N   CA   sing N N 303 
SER N   H    sing N N 304 
SER N   H2   sing N N 305 
SER CA  C    sing N N 306 
SER CA  CB   sing N N 307 
SER CA  HA   sing N N 308 
SER C   O    doub N N 309 
SER C   OXT  sing N N 310 
SER CB  OG   sing N N 311 
SER CB  HB2  sing N N 312 
SER CB  HB3  sing N N 313 
SER OG  HG   sing N N 314 
SER OXT HXT  sing N N 315 
THR N   CA   sing N N 316 
THR N   H    sing N N 317 
THR N   H2   sing N N 318 
THR CA  C    sing N N 319 
THR CA  CB   sing N N 320 
THR CA  HA   sing N N 321 
THR C   O    doub N N 322 
THR C   OXT  sing N N 323 
THR CB  OG1  sing N N 324 
THR CB  CG2  sing N N 325 
THR CB  HB   sing N N 326 
THR OG1 HG1  sing N N 327 
THR CG2 HG21 sing N N 328 
THR CG2 HG22 sing N N 329 
THR CG2 HG23 sing N N 330 
THR OXT HXT  sing N N 331 
TYR N   CA   sing N N 332 
TYR N   H    sing N N 333 
TYR N   H2   sing N N 334 
TYR CA  C    sing N N 335 
TYR CA  CB   sing N N 336 
TYR CA  HA   sing N N 337 
TYR C   O    doub N N 338 
TYR C   OXT  sing N N 339 
TYR CB  CG   sing N N 340 
TYR CB  HB2  sing N N 341 
TYR CB  HB3  sing N N 342 
TYR CG  CD1  doub Y N 343 
TYR CG  CD2  sing Y N 344 
TYR CD1 CE1  sing Y N 345 
TYR CD1 HD1  sing N N 346 
TYR CD2 CE2  doub Y N 347 
TYR CD2 HD2  sing N N 348 
TYR CE1 CZ   doub Y N 349 
TYR CE1 HE1  sing N N 350 
TYR CE2 CZ   sing Y N 351 
TYR CE2 HE2  sing N N 352 
TYR CZ  OH   sing N N 353 
TYR OH  HH   sing N N 354 
TYR OXT HXT  sing N N 355 
VAL N   CA   sing N N 356 
VAL N   H    sing N N 357 
VAL N   H2   sing N N 358 
VAL CA  C    sing N N 359 
VAL CA  CB   sing N N 360 
VAL CA  HA   sing N N 361 
VAL C   O    doub N N 362 
VAL C   OXT  sing N N 363 
VAL CB  CG1  sing N N 364 
VAL CB  CG2  sing N N 365 
VAL CB  HB   sing N N 366 
VAL CG1 HG11 sing N N 367 
VAL CG1 HG12 sing N N 368 
VAL CG1 HG13 sing N N 369 
VAL CG2 HG21 sing N N 370 
VAL CG2 HG22 sing N N 371 
VAL CG2 HG23 sing N N 372 
VAL OXT HXT  sing N N 373 
# 
_pdbx_audit_support.funding_organization   'Bill & Melinda Gates Foundation' 
_pdbx_audit_support.country                'United States' 
_pdbx_audit_support.grant_number           ? 
_pdbx_audit_support.ordinal                1 
# 
_pdbx_initial_refinement_model.id               1 
_pdbx_initial_refinement_model.entity_id_list   ? 
_pdbx_initial_refinement_model.type             'experimental model' 
_pdbx_initial_refinement_model.source_name      PDB 
_pdbx_initial_refinement_model.accession_code   1TFU 
_pdbx_initial_refinement_model.details          ? 
# 
_atom_sites.entry_id                    6QMI 
_atom_sites.fract_transf_matrix[1][1]   0.00968586 
_atom_sites.fract_transf_matrix[1][2]   -0.00470113 
_atom_sites.fract_transf_matrix[1][3]   0.00478970 
_atom_sites.fract_transf_matrix[2][1]   0.00153853 
_atom_sites.fract_transf_matrix[2][2]   0.00030032 
_atom_sites.fract_transf_matrix[2][3]   0.01167826 
_atom_sites.fract_transf_matrix[3][1]   -0.00411141 
_atom_sites.fract_transf_matrix[3][2]   -0.00771681 
_atom_sites.fract_transf_matrix[3][3]   0.00074010 
_atom_sites.fract_transf_vector[1]      0.158928 
_atom_sites.fract_transf_vector[2]      -0.077969 
_atom_sites.fract_transf_vector[3]      0.116051 
# 
loop_
_atom_type.symbol 
C 
N 
O 
S 
# 
loop_
_atom_site.group_PDB 
_atom_site.id 
_atom_site.type_symbol 
_atom_site.label_atom_id 
_atom_site.label_alt_id 
_atom_site.label_comp_id 
_atom_site.label_asym_id 
_atom_site.label_entity_id 
_atom_site.label_seq_id 
_atom_site.pdbx_PDB_ins_code 
_atom_site.Cartn_x 
_atom_site.Cartn_y 
_atom_site.Cartn_z 
_atom_site.occupancy 
_atom_site.B_iso_or_equiv 
_atom_site.pdbx_formal_charge 
_atom_site.auth_seq_id 
_atom_site.auth_comp_id 
_atom_site.auth_asym_id 
_atom_site.auth_atom_id 
_atom_site.pdbx_PDB_model_num 
ATOM   1    N N   . MET A 1 3   ? 21.473  0.376   7.970   1.00 64.75 ?  1   MET A N   1 
ATOM   2    C CA  . MET A 1 3   ? 20.487  -0.166  7.037   1.00 65.43 ?  1   MET A CA  1 
ATOM   3    C C   . MET A 1 3   ? 19.098  0.437   7.274   1.00 60.44 ?  1   MET A C   1 
ATOM   4    O O   . MET A 1 3   ? 18.431  0.120   8.262   1.00 61.25 ?  1   MET A O   1 
ATOM   5    C CB  . MET A 1 3   ? 20.431  -1.690  7.149   1.00 67.00 ?  1   MET A CB  1 
ATOM   6    C CG  . MET A 1 3   ? 20.505  -2.400  5.808   1.00 73.64 ?  1   MET A CG  1 
ATOM   7    S SD  . MET A 1 3   ? 22.029  -2.015  4.909   1.00 84.63 ?  1   MET A SD  1 
ATOM   8    C CE  . MET A 1 3   ? 23.271  -2.752  5.974   1.00 81.71 ?  1   MET A CE  1 
ATOM   9    N N   . THR A 1 4   ? 18.668  1.308   6.363   1.00 46.42 ?  2   THR A N   1 
ATOM   10   C CA  . THR A 1 4   ? 17.415  2.039   6.540   1.00 51.91 ?  2   THR A CA  1 
ATOM   11   C C   . THR A 1 4   ? 16.259  1.273   5.921   1.00 48.07 ?  2   THR A C   1 
ATOM   12   O O   . THR A 1 4   ? 16.443  0.560   4.940   1.00 44.99 ?  2   THR A O   1 
ATOM   13   C CB  . THR A 1 4   ? 17.472  3.435   5.905   1.00 43.91 ?  2   THR A CB  1 
ATOM   14   O OG1 . THR A 1 4   ? 17.278  3.319   4.497   1.00 48.00 ?  2   THR A OG1 1 
ATOM   15   C CG2 . THR A 1 4   ? 18.825  4.079   6.146   1.00 50.14 ?  2   THR A CG2 1 
ATOM   16   N N   . GLY A 1 5   ? 15.065  1.421   6.479   1.00 39.19 ?  3   GLY A N   1 
ATOM   17   C CA  . GLY A 1 5   ? 13.933  0.674   5.970   1.00 41.08 ?  3   GLY A CA  1 
ATOM   18   C C   . GLY A 1 5   ? 12.552  1.210   6.306   1.00 39.05 ?  3   GLY A C   1 
ATOM   19   O O   . GLY A 1 5   ? 12.285  1.627   7.434   1.00 39.29 ?  3   GLY A O   1 
ATOM   20   N N   . ALA A 1 6   ? 11.655  1.160   5.328   1.00 36.40 ?  4   ALA A N   1 
ATOM   21   C CA  . ALA A 1 6   ? 10.288  1.634   5.533   1.00 32.31 ?  4   ALA A CA  1 
ATOM   22   C C   . ALA A 1 6   ? 9.266   0.541   5.248   1.00 30.72 ?  4   ALA A C   1 
ATOM   23   O O   . ALA A 1 6   ? 9.422   -0.232  4.315   1.00 35.35 ?  4   ALA A O   1 
ATOM   24   C CB  . ALA A 1 6   ? 10.018  2.848   4.660   1.00 39.46 ?  4   ALA A CB  1 
ATOM   25   N N   . VAL A 1 7   ? 8.220   0.485   6.066   1.00 25.20 ?  5   VAL A N   1 
ATOM   26   C CA  . VAL A 1 7   ? 7.079   -0.383  5.835   1.00 23.09 ?  5   VAL A CA  1 
ATOM   27   C C   . VAL A 1 7   ? 5.910   0.437   5.272   1.00 28.69 ?  5   VAL A C   1 
ATOM   28   O O   . VAL A 1 7   ? 5.558   1.462   5.836   1.00 28.41 ?  5   VAL A O   1 
ATOM   29   C CB  . VAL A 1 7   ? 6.647   -1.074  7.118   1.00 26.69 ?  5   VAL A CB  1 
ATOM   30   C CG1 . VAL A 1 7   ? 5.393   -1.912  6.881   1.00 30.71 ?  5   VAL A CG1 1 
ATOM   31   C CG2 . VAL A 1 7   ? 7.790   -1.911  7.689   1.00 33.95 ?  5   VAL A CG2 1 
ATOM   32   N N   . CYS A 1 8   ? 5.319   -0.030  4.177   1.00 27.25 ?  6   CYS A N   1 
ATOM   33   C CA  . CYS A 1 8   ? 4.123   0.574   3.600   1.00 28.29 ?  6   CYS A CA  1 
ATOM   34   C C   . CYS A 1 8   ? 2.917   -0.329  3.849   1.00 31.04 ?  6   CYS A C   1 
ATOM   35   O O   . CYS A 1 8   ? 2.709   -1.313  3.136   1.00 31.15 ?  6   CYS A O   1 
ATOM   36   C CB  . CYS A 1 8   ? 4.317   0.812   2.101   1.00 32.22 ?  6   CYS A CB  1 
ATOM   37   S SG  . CYS A 1 8   ? 5.663   1.928   1.694   1.00 33.94 ?  6   CYS A SG  1 
ATOM   38   N N   . PRO A 1 9   ? 2.145   -0.031  4.894   1.00 27.19 ?  7   PRO A N   1 
ATOM   39   C CA  . PRO A 1 9   ? 1.052   -0.893  5.329   1.00 29.13 ?  7   PRO A CA  1 
ATOM   40   C C   . PRO A 1 9   ? -0.276  -0.513  4.683   1.00 35.44 ?  7   PRO A C   1 
ATOM   41   O O   . PRO A 1 9   ? -0.453  0.637   4.291   1.00 33.54 ?  7   PRO A O   1 
ATOM   42   C CB  . PRO A 1 9   ? 1.004   -0.636  6.828   1.00 30.63 ?  7   PRO A CB  1 
ATOM   43   C CG  . PRO A 1 9   ? 1.314   0.823   6.911   1.00 31.22 ?  7   PRO A CG  1 
ATOM   44   C CD  . PRO A 1 9   ? 2.280   1.140   5.781   1.00 28.34 ?  7   PRO A CD  1 
ATOM   45   N N   . GLY A 1 10  ? -1.196  -1.463  4.590   1.00 31.69 ?  8   GLY A N   1 
ATOM   46   C CA  . GLY A 1 10  ? -2.489  -1.197  3.978   1.00 34.17 ?  8   GLY A CA  1 
ATOM   47   C C   . GLY A 1 10  ? -3.204  -2.490  3.679   1.00 35.24 ?  8   GLY A C   1 
ATOM   48   O O   . GLY A 1 10  ? -2.619  -3.574  3.816   1.00 39.29 ?  8   GLY A O   1 
ATOM   49   N N   . SER A 1 11  ? -4.461  -2.392  3.260   1.00 35.28 ?  9   SER A N   1 
ATOM   50   C CA  . SER A 1 11  ? -5.229  -3.581  2.934   1.00 35.75 ?  9   SER A CA  1 
ATOM   51   C C   . SER A 1 11  ? -5.108  -3.910  1.449   1.00 40.41 ?  9   SER A C   1 
ATOM   52   O O   . SER A 1 11  ? -5.302  -5.054  1.061   1.00 39.08 ?  9   SER A O   1 
ATOM   53   C CB  . SER A 1 11  ? -6.695  -3.406  3.343   1.00 35.94 ?  9   SER A CB  1 
ATOM   54   O OG  . SER A 1 11  ? -7.260  -2.271  2.726   1.00 40.99 ?  9   SER A OG  1 
ATOM   55   N N   . PHE A 1 12  ? -4.788  -2.899  0.642   1.00 34.24 ?  10  PHE A N   1 
ATOM   56   C CA  . PHE A 1 12  ? -4.487  -3.031  -0.786  1.00 34.59 ?  10  PHE A CA  1 
ATOM   57   C C   . PHE A 1 12  ? -5.481  -3.916  -1.532  1.00 39.24 ?  10  PHE A C   1 
ATOM   58   O O   . PHE A 1 12  ? -5.102  -4.899  -2.188  1.00 36.62 ?  10  PHE A O   1 
ATOM   59   C CB  . PHE A 1 12  ? -3.067  -3.556  -0.967  1.00 40.35 ?  10  PHE A CB  1 
ATOM   60   C CG  . PHE A 1 12  ? -2.025  -2.717  -0.274  1.00 36.66 ?  10  PHE A CG  1 
ATOM   61   C CD1 . PHE A 1 12  ? -1.677  -1.468  -0.779  1.00 35.01 ?  10  PHE A CD1 1 
ATOM   62   C CD2 . PHE A 1 12  ? -1.412  -3.167  0.882   1.00 35.90 ?  10  PHE A CD2 1 
ATOM   63   C CE1 . PHE A 1 12  ? -0.727  -0.681  -0.140  1.00 33.37 ?  10  PHE A CE1 1 
ATOM   64   C CE2 . PHE A 1 12  ? -0.461  -2.392  1.525   1.00 36.67 ?  10  PHE A CE2 1 
ATOM   65   C CZ  . PHE A 1 12  ? -0.115  -1.149  1.008   1.00 33.60 ?  10  PHE A CZ  1 
ATOM   66   N N   . ASP A 1 13  ? -6.753  -3.546  -1.416  1.00 36.39 ?  11  ASP A N   1 
ATOM   67   C CA  . ASP A 1 13  ? -7.859  -4.331  -1.954  1.00 36.70 ?  11  ASP A CA  1 
ATOM   68   C C   . ASP A 1 13  ? -8.696  -3.556  -2.978  1.00 33.05 ?  11  ASP A C   1 
ATOM   69   O O   . ASP A 1 13  ? -9.834  -3.190  -2.708  1.00 39.56 ?  11  ASP A O   1 
ATOM   70   C CB  . ASP A 1 13  ? -8.749  -4.804  -0.809  1.00 40.79 ?  11  ASP A CB  1 
ATOM   71   C CG  . ASP A 1 13  ? -9.869  -5.700  -1.279  1.00 43.15 ?  11  ASP A CG  1 
ATOM   72   O OD1 . ASP A 1 13  ? -9.602  -6.573  -2.126  1.00 44.57 ?  11  ASP A OD1 1 
ATOM   73   O OD2 . ASP A 1 13  ? -11.005 -5.518  -0.802  1.00 39.34 ?  11  ASP A OD2 1 
ATOM   74   N N   . PRO A 1 14  ? -8.149  -3.327  -4.173  1.00 34.93 ?  12  PRO A N   1 
ATOM   75   C CA  . PRO A 1 14  ? -6.804  -3.667  -4.634  1.00 34.77 ?  12  PRO A CA  1 
ATOM   76   C C   . PRO A 1 14  ? -5.810  -2.519  -4.510  1.00 35.26 ?  12  PRO A C   1 
ATOM   77   O O   . PRO A 1 14  ? -6.198  -1.376  -4.252  1.00 34.40 ?  12  PRO A O   1 
ATOM   78   C CB  . PRO A 1 14  ? -7.032  -3.999  -6.097  1.00 35.73 ?  12  PRO A CB  1 
ATOM   79   C CG  . PRO A 1 14  ? -8.097  -3.006  -6.477  1.00 36.72 ?  12  PRO A CG  1 
ATOM   80   C CD  . PRO A 1 14  ? -9.012  -2.914  -5.291  1.00 31.74 ?  12  PRO A CD  1 
ATOM   81   N N   . VAL A 1 15  ? -4.536  -2.843  -4.690  1.00 32.83 ?  13  VAL A N   1 
ATOM   82   C CA  . VAL A 1 15  ? -3.478  -1.862  -4.859  1.00 31.42 ?  13  VAL A CA  1 
ATOM   83   C C   . VAL A 1 15  ? -3.813  -0.918  -6.019  1.00 34.22 ?  13  VAL A C   1 
ATOM   84   O O   . VAL A 1 15  ? -4.344  -1.332  -7.058  1.00 33.00 ?  13  VAL A O   1 
ATOM   85   C CB  . VAL A 1 15  ? -2.128  -2.579  -5.058  1.00 30.41 ?  13  VAL A CB  1 
ATOM   86   C CG1 . VAL A 1 15  ? -2.082  -3.254  -6.425  1.00 27.40 ?  13  VAL A CG1 1 
ATOM   87   C CG2 . VAL A 1 15  ? -0.952  -1.639  -4.884  1.00 32.15 ?  13  VAL A CG2 1 
ATOM   88   N N   . THR A 1 16  ? -3.534  0.367   -5.837  1.00 28.32 ?  14  THR A N   1 
ATOM   89   C CA  . THR A 1 16  ? -3.780  1.354   -6.881  1.00 30.20 ?  14  THR A CA  1 
ATOM   90   C C   . THR A 1 16  ? -2.477  1.952   -7.397  1.00 27.09 ?  14  THR A C   1 
ATOM   91   O O   . THR A 1 16  ? -1.420  1.747   -6.805  1.00 27.42 ?  14  THR A O   1 
ATOM   92   C CB  . THR A 1 16  ? -4.656  2.500   -6.367  1.00 28.61 ?  14  THR A CB  1 
ATOM   93   O OG1 . THR A 1 16  ? -3.850  3.323   -5.534  1.00 28.22 ?  14  THR A OG1 1 
ATOM   94   C CG2 . THR A 1 16  ? -5.814  1.964   -5.557  1.00 28.38 ?  14  THR A CG2 1 
ATOM   95   N N   . LEU A 1 17  ? -2.547  2.731   -8.477  1.00 24.40 ?  15  LEU A N   1 
ATOM   96   C CA  . LEU A 1 17  ? -1.367  3.431   -8.965  1.00 26.89 ?  15  LEU A CA  1 
ATOM   97   C C   . LEU A 1 17  ? -0.915  4.482   -7.945  1.00 28.35 ?  15  LEU A C   1 
ATOM   98   O O   . LEU A 1 17  ? 0.263   4.801   -7.858  1.00 28.70 ?  15  LEU A O   1 
ATOM   99   C CB  . LEU A 1 17  ? -1.635  4.082   -10.319 1.00 30.87 ?  15  LEU A CB  1 
ATOM   100  C CG  . LEU A 1 17  ? -1.687  3.080   -11.488 1.00 31.97 ?  15  LEU A CG  1 
ATOM   101  C CD1 . LEU A 1 17  ? -1.927  3.787   -12.831 1.00 34.86 ?  15  LEU A CD1 1 
ATOM   102  C CD2 . LEU A 1 17  ? -0.412  2.254   -11.510 1.00 32.77 ?  15  LEU A CD2 1 
ATOM   103  N N   . GLY A 1 18  ? -1.857  5.015   -7.176  1.00 28.86 ?  16  GLY A N   1 
ATOM   104  C CA  . GLY A 1 18  ? -1.488  5.886   -6.075  1.00 25.74 ?  16  GLY A CA  1 
ATOM   105  C C   . GLY A 1 18  ? -0.579  5.152   -5.116  1.00 28.01 ?  16  GLY A C   1 
ATOM   106  O O   . GLY A 1 18  ? 0.473   5.675   -4.728  1.00 29.66 ?  16  GLY A O   1 
ATOM   107  N N   . HIS A 1 19  ? -0.966  3.936   -4.736  1.00 23.72 ?  17  HIS A N   1 
ATOM   108  C CA  . HIS A 1 19  ? -0.108  3.120   -3.861  1.00 31.29 ?  17  HIS A CA  1 
ATOM   109  C C   . HIS A 1 19  ? 1.265   2.867   -4.466  1.00 27.53 ?  17  HIS A C   1 
ATOM   110  O O   . HIS A 1 19  ? 2.284   2.946   -3.773  1.00 28.02 ?  17  HIS A O   1 
ATOM   111  C CB  . HIS A 1 19  ? -0.730  1.769   -3.560  1.00 24.37 ?  17  HIS A CB  1 
ATOM   112  C CG  . HIS A 1 19  ? -1.953  1.824   -2.714  1.00 29.57 ?  17  HIS A CG  1 
ATOM   113  N ND1 . HIS A 1 19  ? -3.099  1.131   -3.036  1.00 27.37 ?  17  HIS A ND1 1 
ATOM   114  C CD2 . HIS A 1 19  ? -2.211  2.466   -1.547  1.00 32.09 ?  17  HIS A CD2 1 
ATOM   115  C CE1 . HIS A 1 19  ? -4.018  1.359   -2.118  1.00 32.81 ?  17  HIS A CE1 1 
ATOM   116  N NE2 . HIS A 1 19  ? -3.505  2.166   -1.199  1.00 34.34 ?  17  HIS A NE2 1 
ATOM   117  N N   . VAL A 1 20  ? 1.301   2.533   -5.758  1.00 28.89 ?  18  VAL A N   1 
ATOM   118  C CA  . VAL A 1 20  ? 2.571   2.176   -6.379  1.00 29.98 ?  18  VAL A CA  1 
ATOM   119  C C   . VAL A 1 20  ? 3.501   3.383   -6.403  1.00 29.10 ?  18  VAL A C   1 
ATOM   120  O O   . VAL A 1 20  ? 4.705   3.249   -6.208  1.00 27.58 ?  18  VAL A O   1 
ATOM   121  C CB  . VAL A 1 20  ? 2.350   1.587   -7.778  1.00 33.72 ?  18  VAL A CB  1 
ATOM   122  C CG1 . VAL A 1 20  ? 3.686   1.262   -8.436  1.00 30.78 ?  18  VAL A CG1 1 
ATOM   123  C CG2 . VAL A 1 20  ? 1.472   0.355   -7.667  1.00 28.21 ?  18  VAL A CG2 1 
ATOM   124  N N   . ASP A 1 21  ? 2.927   4.567   -6.584  1.00 28.25 ?  19  ASP A N   1 
ATOM   125  C CA  . ASP A 1 21  ? 3.687   5.809   -6.578  1.00 30.11 ?  19  ASP A CA  1 
ATOM   126  C C   . ASP A 1 21  ? 4.373   6.001   -5.228  1.00 27.55 ?  19  ASP A C   1 
ATOM   127  O O   . ASP A 1 21  ? 5.565   6.325   -5.150  1.00 29.11 ?  19  ASP A O   1 
ATOM   128  C CB  . ASP A 1 21  ? 2.756   6.982   -6.895  1.00 32.17 ?  19  ASP A CB  1 
ATOM   129  C CG  . ASP A 1 21  ? 3.466   8.321   -6.911  1.00 32.30 ?  19  ASP A CG  1 
ATOM   130  O OD1 . ASP A 1 21  ? 4.363   8.528   -7.748  1.00 35.63 ?  19  ASP A OD1 1 
ATOM   131  O OD2 . ASP A 1 21  ? 3.080   9.195   -6.117  1.00 33.87 ?  19  ASP A OD2 1 
ATOM   132  N N   . ILE A 1 22  ? 3.614   5.772   -4.164  1.00 25.46 ?  20  ILE A N   1 
ATOM   133  C CA  . ILE A 1 22  ? 4.181   5.803   -2.806  1.00 25.23 ?  20  ILE A CA  1 
ATOM   134  C C   . ILE A 1 22  ? 5.276   4.736   -2.645  1.00 28.96 ?  20  ILE A C   1 
ATOM   135  O O   . ILE A 1 22  ? 6.368   5.021   -2.129  1.00 25.76 ?  20  ILE A O   1 
ATOM   136  C CB  . ILE A 1 22  ? 3.073   5.628   -1.742  1.00 27.87 ?  20  ILE A CB  1 
ATOM   137  C CG1 . ILE A 1 22  ? 2.002   6.732   -1.877  1.00 32.77 ?  20  ILE A CG1 1 
ATOM   138  C CG2 . ILE A 1 22  ? 3.663   5.639   -0.335  1.00 29.01 ?  20  ILE A CG2 1 
ATOM   139  C CD1 . ILE A 1 22  ? 2.556   8.115   -2.041  1.00 29.04 ?  20  ILE A CD1 1 
ATOM   140  N N   . PHE A 1 23  ? 4.995   3.504   -3.061  1.00 26.91 ?  21  PHE A N   1 
ATOM   141  C CA  . PHE A 1 23  ? 6.021   2.449   -3.008  1.00 29.07 ?  21  PHE A CA  1 
ATOM   142  C C   . PHE A 1 23  ? 7.305   2.920   -3.693  1.00 29.94 ?  21  PHE A C   1 
ATOM   143  O O   . PHE A 1 23  ? 8.409   2.753   -3.154  1.00 32.79 ?  21  PHE A O   1 
ATOM   144  C CB  . PHE A 1 23  ? 5.545   1.152   -3.691  1.00 24.43 ?  21  PHE A CB  1 
ATOM   145  C CG  . PHE A 1 23  ? 4.344   0.515   -3.063  1.00 29.11 ?  21  PHE A CG  1 
ATOM   146  C CD1 . PHE A 1 23  ? 3.952   0.819   -1.762  1.00 28.79 ?  21  PHE A CD1 1 
ATOM   147  C CD2 . PHE A 1 23  ? 3.575   -0.376  -3.790  1.00 28.75 ?  21  PHE A CD2 1 
ATOM   148  C CE1 . PHE A 1 23  ? 2.836   0.216   -1.194  1.00 28.25 ?  21  PHE A CE1 1 
ATOM   149  C CE2 . PHE A 1 23  ? 2.469   -0.978  -3.229  1.00 27.94 ?  21  PHE A CE2 1 
ATOM   150  C CZ  . PHE A 1 23  ? 2.090   -0.686  -1.940  1.00 29.48 ?  21  PHE A CZ  1 
ATOM   151  N N   . GLU A 1 24  ? 7.155   3.510   -4.882  1.00 31.22 ?  22  GLU A N   1 
ATOM   152  C CA  . GLU A 1 24  ? 8.290   3.966   -5.683  1.00 31.06 ?  22  GLU A CA  1 
ATOM   153  C C   . GLU A 1 24  ? 9.079   5.029   -4.951  1.00 30.94 ?  22  GLU A C   1 
ATOM   154  O O   . GLU A 1 24  ? 10.297  4.992   -4.900  1.00 31.67 ?  22  GLU A O   1 
ATOM   155  C CB  . GLU A 1 24  ? 7.823   4.514   -7.044  1.00 33.77 ?  22  GLU A CB  1 
ATOM   156  C CG  . GLU A 1 24  ? 7.322   3.444   -7.999  1.00 35.41 ?  22  GLU A CG  1 
ATOM   157  C CD  . GLU A 1 24  ? 6.784   4.005   -9.311  1.00 41.94 ?  22  GLU A CD  1 
ATOM   158  O OE1 . GLU A 1 24  ? 6.603   3.208   -10.257 1.00 37.94 ?  22  GLU A OE1 1 
ATOM   159  O OE2 . GLU A 1 24  ? 6.520   5.227   -9.401  1.00 36.41 ?  22  GLU A OE2 1 
ATOM   160  N N   . ARG A 1 25  ? 8.385   5.992   -4.374  1.00 28.75 ?  23  ARG A N   1 
ATOM   161  C CA  . ARG A 1 25  ? 9.083   7.050   -3.681  1.00 29.83 ?  23  ARG A CA  1 
ATOM   162  C C   . ARG A 1 25  ? 9.744   6.545   -2.380  1.00 27.66 ?  23  ARG A C   1 
ATOM   163  O O   . ARG A 1 25  ? 10.815  7.022   -2.025  1.00 29.75 ?  23  ARG A O   1 
ATOM   164  C CB  . ARG A 1 25  ? 8.112   8.209   -3.447  1.00 31.12 ?  23  ARG A CB  1 
ATOM   165  C CG  . ARG A 1 25  ? 7.592   8.742   -4.784  1.00 28.95 ?  23  ARG A CG  1 
ATOM   166  C CD  . ARG A 1 25  ? 6.212   9.352   -4.693  1.00 37.04 ?  23  ARG A CD  1 
ATOM   167  N NE  . ARG A 1 25  ? 6.284   10.712  -4.195  1.00 42.48 ?  23  ARG A NE  1 
ATOM   168  C CZ  . ARG A 1 25  ? 5.260   11.554  -4.161  1.00 40.20 ?  23  ARG A CZ  1 
ATOM   169  N NH1 . ARG A 1 25  ? 4.070   11.173  -4.599  1.00 40.80 ?  23  ARG A NH1 1 
ATOM   170  N NH2 . ARG A 1 25  ? 5.427   12.781  -3.683  1.00 43.21 ?  23  ARG A NH2 1 
ATOM   171  N N   . ALA A 1 26  ? 9.130   5.579   -1.686  1.00 24.56 ?  24  ALA A N   1 
ATOM   172  C CA  . ALA A 1 26  ? 9.743   5.024   -0.478  1.00 29.07 ?  24  ALA A CA  1 
ATOM   173  C C   . ALA A 1 26  ? 11.004  4.284   -0.894  1.00 30.31 ?  24  ALA A C   1 
ATOM   174  O O   . ALA A 1 26  ? 12.054  4.417   -0.267  1.00 27.42 ?  24  ALA A O   1 
ATOM   175  C CB  . ALA A 1 26  ? 8.811   4.086   0.252   1.00 25.24 ?  24  ALA A CB  1 
ATOM   176  N N   . ALA A 1 27  ? 10.887  3.524   -1.974  1.00 29.29 ?  25  ALA A N   1 
ATOM   177  C CA  . ALA A 1 27  ? 12.002  2.687   -2.455  1.00 29.94 ?  25  ALA A CA  1 
ATOM   178  C C   . ALA A 1 27  ? 13.195  3.526   -2.862  1.00 36.09 ?  25  ALA A C   1 
ATOM   179  O O   . ALA A 1 27  ? 14.346  3.072   -2.815  1.00 37.00 ?  25  ALA A O   1 
ATOM   180  C CB  . ALA A 1 27  ? 11.553  1.838   -3.616  1.00 29.99 ?  25  ALA A CB  1 
ATOM   181  N N   . ALA A 1 28  ? 12.916  4.747   -3.286  1.00 35.24 ?  26  ALA A N   1 
ATOM   182  C CA  . ALA A 1 28  ? 13.965  5.662   -3.693  1.00 33.20 ?  26  ALA A CA  1 
ATOM   183  C C   . ALA A 1 28  ? 14.724  6.256   -2.505  1.00 37.59 ?  26  ALA A C   1 
ATOM   184  O O   . ALA A 1 28  ? 15.814  6.796   -2.676  1.00 36.03 ?  26  ALA A O   1 
ATOM   185  C CB  . ALA A 1 28  ? 13.371  6.784   -4.540  1.00 35.97 ?  26  ALA A CB  1 
ATOM   186  N N   . GLN A 1 29  ? 14.146  6.181   -1.308  1.00 36.93 ?  27  GLN A N   1 
ATOM   187  C CA  . GLN A 1 29  ? 14.722  6.873   -0.148  1.00 37.76 ?  27  GLN A CA  1 
ATOM   188  C C   . GLN A 1 29  ? 15.215  5.948   0.948   1.00 35.34 ?  27  GLN A C   1 
ATOM   189  O O   . GLN A 1 29  ? 15.987  6.368   1.808   1.00 44.04 ?  27  GLN A O   1 
ATOM   190  C CB  . GLN A 1 29  ? 13.698  7.845   0.466   1.00 32.61 ?  27  GLN A CB  1 
ATOM   191  C CG  . GLN A 1 29  ? 13.162  8.852   -0.521  1.00 35.41 ?  27  GLN A CG  1 
ATOM   192  C CD  . GLN A 1 29  ? 14.208  9.854   -0.954  1.00 35.78 ?  27  GLN A CD  1 
ATOM   193  O OE1 . GLN A 1 29  ? 15.280  9.952   -0.345  1.00 40.90 ?  27  GLN A OE1 1 
ATOM   194  N NE2 . GLN A 1 29  ? 13.901  10.618  -1.992  1.00 35.58 ?  27  GLN A NE2 1 
ATOM   195  N N   . PHE A 1 30  ? 14.736  4.710   0.959   1.00 32.99 ?  28  PHE A N   1 
ATOM   196  C CA  . PHE A 1 30  ? 15.106  3.776   2.011   1.00 39.73 ?  28  PHE A CA  1 
ATOM   197  C C   . PHE A 1 30  ? 15.818  2.582   1.382   1.00 38.91 ?  28  PHE A C   1 
ATOM   198  O O   . PHE A 1 30  ? 15.584  2.264   0.222   1.00 35.55 ?  28  PHE A O   1 
ATOM   199  C CB  . PHE A 1 30  ? 13.877  3.324   2.807   1.00 35.26 ?  28  PHE A CB  1 
ATOM   200  C CG  . PHE A 1 30  ? 13.216  4.428   3.589   1.00 35.05 ?  28  PHE A CG  1 
ATOM   201  C CD1 . PHE A 1 30  ? 12.293  5.268   2.979   1.00 31.89 ?  28  PHE A CD1 1 
ATOM   202  C CD2 . PHE A 1 30  ? 13.506  4.616   4.937   1.00 38.06 ?  28  PHE A CD2 1 
ATOM   203  C CE1 . PHE A 1 30  ? 11.669  6.290   3.686   1.00 34.77 ?  28  PHE A CE1 1 
ATOM   204  C CE2 . PHE A 1 30  ? 12.882  5.635   5.659   1.00 35.10 ?  28  PHE A CE2 1 
ATOM   205  C CZ  . PHE A 1 30  ? 11.958  6.473   5.029   1.00 31.33 ?  28  PHE A CZ  1 
ATOM   206  N N   . ASP A 1 31  ? 16.682  1.918   2.143   1.00 43.31 ?  29  ASP A N   1 
ATOM   207  C CA  . ASP A 1 31  ? 17.433  0.793   1.590   1.00 41.81 ?  29  ASP A CA  1 
ATOM   208  C C   . ASP A 1 31  ? 16.485  -0.349  1.228   1.00 39.09 ?  29  ASP A C   1 
ATOM   209  O O   . ASP A 1 31  ? 16.593  -0.947  0.161   1.00 40.68 ?  29  ASP A O   1 
ATOM   210  C CB  . ASP A 1 31  ? 18.515  0.323   2.574   1.00 44.97 ?  29  ASP A CB  1 
ATOM   211  C CG  . ASP A 1 31  ? 19.594  1.379   2.814   1.00 49.17 ?  29  ASP A CG  1 
ATOM   212  O OD1 . ASP A 1 31  ? 20.099  1.968   1.834   1.00 47.85 ?  29  ASP A OD1 1 
ATOM   213  O OD2 . ASP A 1 31  ? 19.932  1.625   3.994   1.00 52.84 ?  29  ASP A OD2 1 
ATOM   214  N N   . GLU A 1 32  ? 15.540  -0.623  2.112   1.00 37.26 ?  30  GLU A N   1 
ATOM   215  C CA  . GLU A 1 32  ? 14.554  -1.670  1.904   1.00 34.07 ?  30  GLU A CA  1 
ATOM   216  C C   . GLU A 1 32  ? 13.102  -1.177  2.123   1.00 39.88 ?  30  GLU A C   1 
ATOM   217  O O   . GLU A 1 32  ? 12.828  -0.380  3.025   1.00 35.40 ?  30  GLU A O   1 
ATOM   218  C CB  . GLU A 1 32  ? 14.830  -2.832  2.848   1.00 42.55 ?  30  GLU A CB  1 
ATOM   219  C CG  . GLU A 1 32  ? 14.027  -4.085  2.558   1.00 49.41 ?  30  GLU A CG  1 
ATOM   220  C CD  . GLU A 1 32  ? 14.169  -5.123  3.658   1.00 65.19 ?  30  GLU A CD  1 
ATOM   221  O OE1 . GLU A 1 32  ? 14.784  -4.789  4.701   1.00 65.69 ?  30  GLU A OE1 1 
ATOM   222  O OE2 . GLU A 1 32  ? 13.648  -6.250  3.469   1.00 63.61 ?  30  GLU A OE2 1 
ATOM   223  N N   . VAL A 1 33  ? 12.171  -1.682  1.320   1.00 34.92 ?  31  VAL A N   1 
ATOM   224  C CA  . VAL A 1 33  ? 10.756  -1.399  1.533   1.00 37.76 ?  31  VAL A CA  1 
ATOM   225  C C   . VAL A 1 33  ? 10.003  -2.715  1.700   1.00 35.64 ?  31  VAL A C   1 
ATOM   226  O O   . VAL A 1 33  ? 10.202  -3.666  0.946   1.00 40.65 ?  31  VAL A O   1 
ATOM   227  C CB  . VAL A 1 33  ? 10.168  -0.553  0.379   1.00 37.30 ?  31  VAL A CB  1 
ATOM   228  C CG1 . VAL A 1 33  ? 8.671   -0.347  0.572   1.00 35.80 ?  31  VAL A CG1 1 
ATOM   229  C CG2 . VAL A 1 33  ? 10.895  0.782   0.279   1.00 34.02 ?  31  VAL A CG2 1 
ATOM   230  N N   . VAL A 1 34  ? 9.162   -2.780  2.717   1.00 31.31 ?  32  VAL A N   1 
ATOM   231  C CA  . VAL A 1 34  ? 8.259   -3.899  2.873   1.00 33.21 ?  32  VAL A CA  1 
ATOM   232  C C   . VAL A 1 34  ? 6.832   -3.419  2.764   1.00 36.34 ?  32  VAL A C   1 
ATOM   233  O O   . VAL A 1 34  ? 6.400   -2.578  3.541   1.00 33.91 ?  32  VAL A O   1 
ATOM   234  C CB  . VAL A 1 34  ? 8.452   -4.613  4.198   1.00 35.72 ?  32  VAL A CB  1 
ATOM   235  C CG1 . VAL A 1 34  ? 7.451   -5.767  4.314   1.00 35.34 ?  32  VAL A CG1 1 
ATOM   236  C CG2 . VAL A 1 34  ? 9.879   -5.105  4.330   1.00 41.54 ?  32  VAL A CG2 1 
ATOM   237  N N   . VAL A 1 35  ? 6.102   -3.970  1.807   1.00 36.08 ?  33  VAL A N   1 
ATOM   238  C CA  . VAL A 1 35  ? 4.675   -3.726  1.705   1.00 30.29 ?  33  VAL A CA  1 
ATOM   239  C C   . VAL A 1 35  ? 3.996   -4.727  2.610   1.00 38.97 ?  33  VAL A C   1 
ATOM   240  O O   . VAL A 1 35  ? 4.153   -5.935  2.444   1.00 40.49 ?  33  VAL A O   1 
ATOM   241  C CB  . VAL A 1 35  ? 4.190   -3.823  0.230   1.00 28.18 ?  33  VAL A CB  1 
ATOM   242  C CG1 . VAL A 1 35  ? 2.693   -3.567  0.121   1.00 32.93 ?  33  VAL A CG1 1 
ATOM   243  C CG2 . VAL A 1 35  ? 4.975   -2.845  -0.645  1.00 33.24 ?  33  VAL A CG2 1 
ATOM   244  N N   . ALA A 1 36  ? 3.286   -4.227  3.616   1.00 35.28 ?  34  ALA A N   1 
ATOM   245  C CA  . ALA A 1 36  ? 2.597   -5.095  4.558   1.00 36.87 ?  34  ALA A CA  1 
ATOM   246  C C   . ALA A 1 36  ? 1.106   -5.112  4.250   1.00 47.38 ?  34  ALA A C   1 
ATOM   247  O O   . ALA A 1 36  ? 0.401   -4.110  4.427   1.00 39.46 ?  34  ALA A O   1 
ATOM   248  C CB  . ALA A 1 36  ? 2.852   -4.651  5.998   1.00 39.03 ?  34  ALA A CB  1 
ATOM   249  N N   . ILE A 1 37  ? 0.631   -6.255  3.765   1.00 43.86 ?  35  ILE A N   1 
ATOM   250  C CA  . ILE A 1 37  ? -0.776  -6.410  3.445   1.00 41.30 ?  35  ILE A CA  1 
ATOM   251  C C   . ILE A 1 37  ? -1.489  -6.838  4.709   1.00 45.66 ?  35  ILE A C   1 
ATOM   252  O O   . ILE A 1 37  ? -1.345  -7.972  5.143   1.00 48.10 ?  35  ILE A O   1 
ATOM   253  C CB  . ILE A 1 37  ? -0.979  -7.400  2.308   1.00 40.08 ?  35  ILE A CB  1 
ATOM   254  C CG1 . ILE A 1 37  ? -0.175  -6.954  1.090   1.00 37.52 ?  35  ILE A CG1 1 
ATOM   255  C CG2 . ILE A 1 37  ? -2.440  -7.507  1.978   1.00 43.28 ?  35  ILE A CG2 1 
ATOM   256  C CD1 . ILE A 1 37  ? -0.428  -7.778  -0.143  1.00 42.34 ?  35  ILE A CD1 1 
ATOM   257  N N   . LEU A 1 38  ? -2.238  -5.915  5.310   1.00 46.48 ?  36  LEU A N   1 
ATOM   258  C CA  . LEU A 1 38  ? -2.874  -6.152  6.608   1.00 52.30 ?  36  LEU A CA  1 
ATOM   259  C C   . LEU A 1 38  ? -4.256  -6.779  6.481   1.00 62.49 ?  36  LEU A C   1 
ATOM   260  O O   . LEU A 1 38  ? -5.174  -6.180  5.926   1.00 60.90 ?  36  LEU A O   1 
ATOM   261  C CB  . LEU A 1 38  ? -2.989  -4.847  7.404   1.00 56.87 ?  36  LEU A CB  1 
ATOM   262  C CG  . LEU A 1 38  ? -1.835  -4.406  8.313   1.00 52.61 ?  36  LEU A CG  1 
ATOM   263  C CD1 . LEU A 1 38  ? -1.573  -5.414  9.420   1.00 53.29 ?  36  LEU A CD1 1 
ATOM   264  C CD2 . LEU A 1 38  ? -0.574  -4.144  7.505   1.00 49.36 ?  36  LEU A CD2 1 
ATOM   265  N N   . VAL A 1 39  ? -4.389  -7.986  7.027   1.00 73.15 ?  37  VAL A N   1 
ATOM   266  C CA  . VAL A 1 39  ? -5.643  -8.729  7.025   1.00 74.00 ?  37  VAL A CA  1 
ATOM   267  C C   . VAL A 1 39  ? -6.717  -7.988  7.818   1.00 72.20 ?  37  VAL A C   1 
ATOM   268  O O   . VAL A 1 39  ? -7.903  -8.061  7.501   1.00 71.85 ?  37  VAL A O   1 
ATOM   269  C CB  . VAL A 1 39  ? -5.425  -10.141 7.592   1.00 77.36 ?  37  VAL A CB  1 
ATOM   270  C CG1 . VAL A 1 39  ? -4.195  -10.780 6.955   1.00 71.45 ?  37  VAL A CG1 1 
ATOM   271  C CG2 . VAL A 1 39  ? -5.271  -10.083 9.105   1.00 74.83 ?  37  VAL A CG2 1 
ATOM   272  N N   . GLY A 1 45  ? -14.191 -7.445  2.039   1.00 49.60 ?  43  GLY A N   1 
ATOM   273  C CA  . GLY A 1 45  ? -13.113 -7.324  1.072   1.00 49.61 ?  43  GLY A CA  1 
ATOM   274  C C   . GLY A 1 45  ? -13.407 -8.023  -0.240  1.00 44.67 ?  43  GLY A C   1 
ATOM   275  O O   . GLY A 1 45  ? -14.201 -8.956  -0.287  1.00 52.11 ?  43  GLY A O   1 
ATOM   276  N N   . MET A 1 46  ? -12.762 -7.579  -1.310  1.00 43.90 ?  44  MET A N   1 
ATOM   277  C CA  . MET A 1 46  ? -13.090 -8.076  -2.642  1.00 44.67 ?  44  MET A CA  1 
ATOM   278  C C   . MET A 1 46  ? -12.135 -9.151  -3.112  1.00 49.67 ?  44  MET A C   1 
ATOM   279  O O   . MET A 1 46  ? -12.554 -10.174 -3.647  1.00 52.55 ?  44  MET A O   1 
ATOM   280  C CB  . MET A 1 46  ? -13.094 -6.937  -3.663  1.00 48.91 ?  44  MET A CB  1 
ATOM   281  C CG  . MET A 1 46  ? -13.057 -7.439  -5.094  1.00 50.04 ?  44  MET A CG  1 
ATOM   282  S SD  . MET A 1 46  ? -13.366 -6.164  -6.313  1.00 47.21 ?  44  MET A SD  1 
ATOM   283  C CE  . MET A 1 46  ? -15.103 -5.842  -6.019  1.00 48.23 ?  44  MET A CE  1 
ATOM   284  N N   . PHE A 1 47  ? -10.845 -8.900  -2.944  1.00 47.52 ?  45  PHE A N   1 
ATOM   285  C CA  . PHE A 1 47  ? -9.831  -9.865  -3.332  1.00 44.02 ?  45  PHE A CA  1 
ATOM   286  C C   . PHE A 1 47  ? -9.303  -10.570 -2.090  1.00 49.30 ?  45  PHE A C   1 
ATOM   287  O O   . PHE A 1 47  ? -9.197  -9.963  -1.025  1.00 43.73 ?  45  PHE A O   1 
ATOM   288  C CB  . PHE A 1 47  ? -8.699  -9.181  -4.100  1.00 45.42 ?  45  PHE A CB  1 
ATOM   289  C CG  . PHE A 1 47  ? -9.141  -8.555  -5.393  1.00 46.57 ?  45  PHE A CG  1 
ATOM   290  C CD1 . PHE A 1 47  ? -9.187  -9.304  -6.561  1.00 45.67 ?  45  PHE A CD1 1 
ATOM   291  C CD2 . PHE A 1 47  ? -9.521  -7.223  -5.441  1.00 40.45 ?  45  PHE A CD2 1 
ATOM   292  C CE1 . PHE A 1 47  ? -9.598  -8.734  -7.746  1.00 43.26 ?  45  PHE A CE1 1 
ATOM   293  C CE2 . PHE A 1 47  ? -9.927  -6.649  -6.628  1.00 42.32 ?  45  PHE A CE2 1 
ATOM   294  C CZ  . PHE A 1 47  ? -9.965  -7.407  -7.779  1.00 44.78 ?  45  PHE A CZ  1 
ATOM   295  N N   . ASP A 1 48  ? -8.993  -11.857 -2.218  1.00 49.44 ?  46  ASP A N   1 
ATOM   296  C CA  . ASP A 1 48  ? -8.436  -12.594 -1.097  1.00 52.29 ?  46  ASP A CA  1 
ATOM   297  C C   . ASP A 1 48  ? -6.954  -12.272 -0.985  1.00 47.93 ?  46  ASP A C   1 
ATOM   298  O O   . ASP A 1 48  ? -6.352  -11.685 -1.902  1.00 44.16 ?  46  ASP A O   1 
ATOM   299  C CB  . ASP A 1 48  ? -8.667  -14.108 -1.240  1.00 53.19 ?  46  ASP A CB  1 
ATOM   300  C CG  . ASP A 1 48  ? -8.077  -14.684 -2.520  1.00 61.74 ?  46  ASP A CG  1 
ATOM   301  O OD1 . ASP A 1 48  ? -6.885  -14.441 -2.819  1.00 61.60 ?  46  ASP A OD1 1 
ATOM   302  O OD2 . ASP A 1 48  ? -8.823  -15.381 -3.242  1.00 71.82 ?  46  ASP A OD2 1 
ATOM   303  N N   . LEU A 1 49  ? -6.380  -12.668 0.143   1.00 49.74 ?  47  LEU A N   1 
ATOM   304  C CA  . LEU A 1 49  ? -5.002  -12.353 0.482   1.00 50.25 ?  47  LEU A CA  1 
ATOM   305  C C   . LEU A 1 49  ? -4.031  -12.696 -0.639  1.00 48.20 ?  47  LEU A C   1 
ATOM   306  O O   . LEU A 1 49  ? -3.197  -11.879 -1.024  1.00 46.81 ?  47  LEU A O   1 
ATOM   307  C CB  . LEU A 1 49  ? -4.616  -13.088 1.759   1.00 50.78 ?  47  LEU A CB  1 
ATOM   308  C CG  . LEU A 1 49  ? -3.297  -12.686 2.399   1.00 52.85 ?  47  LEU A CG  1 
ATOM   309  C CD1 . LEU A 1 49  ? -3.255  -11.180 2.584   1.00 53.41 ?  47  LEU A CD1 1 
ATOM   310  C CD2 . LEU A 1 49  ? -3.172  -13.397 3.729   1.00 59.46 ?  47  LEU A CD2 1 
ATOM   311  N N   . ASP A 1 50  ? -4.164  -13.897 -1.185  1.00 53.83 ?  48  ASP A N   1 
ATOM   312  C CA  . ASP A 1 50  ? -3.266  -14.347 -2.240  1.00 50.20 ?  48  ASP A CA  1 
ATOM   313  C C   . ASP A 1 50  ? -3.308  -13.435 -3.454  1.00 46.71 ?  48  ASP A C   1 
ATOM   314  O O   . ASP A 1 50  ? -2.266  -13.075 -4.007  1.00 47.86 ?  48  ASP A O   1 
ATOM   315  C CB  . ASP A 1 50  ? -3.618  -15.771 -2.648  1.00 58.79 ?  48  ASP A CB  1 
ATOM   316  C CG  . ASP A 1 50  ? -3.549  -16.730 -1.486  1.00 71.37 ?  48  ASP A CG  1 
ATOM   317  O OD1 . ASP A 1 50  ? -2.456  -17.284 -1.240  1.00 73.86 ?  48  ASP A OD1 1 
ATOM   318  O OD2 . ASP A 1 50  ? -4.586  -16.908 -0.807  1.00 75.30 ?  48  ASP A OD2 1 
ATOM   319  N N   . GLU A 1 51  ? -4.517  -13.065 -3.863  1.00 46.40 ?  49  GLU A N   1 
ATOM   320  C CA  . GLU A 1 51  ? -4.695  -12.179 -5.006  1.00 46.19 ?  49  GLU A CA  1 
ATOM   321  C C   . GLU A 1 51  ? -4.025  -10.836 -4.746  1.00 37.12 ?  49  GLU A C   1 
ATOM   322  O O   . GLU A 1 51  ? -3.286  -10.321 -5.599  1.00 36.54 ?  49  GLU A O   1 
ATOM   323  C CB  . GLU A 1 51  ? -6.184  -11.984 -5.302  1.00 52.90 ?  49  GLU A CB  1 
ATOM   324  C CG  . GLU A 1 51  ? -6.863  -13.191 -5.940  1.00 59.62 ?  49  GLU A CG  1 
ATOM   325  C CD  . GLU A 1 51  ? -8.376  -13.036 -6.043  1.00 57.51 ?  49  GLU A CD  1 
ATOM   326  O OE1 . GLU A 1 51  ? -9.054  -13.023 -4.993  1.00 56.60 ?  49  GLU A OE1 1 
ATOM   327  O OE2 . GLU A 1 51  ? -8.890  -12.924 -7.177  1.00 67.48 ?  49  GLU A OE2 1 
ATOM   328  N N   . ARG A 1 52  ? -4.270  -10.287 -3.560  1.00 41.64 ?  50  ARG A N   1 
ATOM   329  C CA  . ARG A 1 52  ? -3.697  -8.998  -3.171  1.00 39.57 ?  50  ARG A CA  1 
ATOM   330  C C   . ARG A 1 52  ? -2.175  -8.989  -3.263  1.00 39.13 ?  50  ARG A C   1 
ATOM   331  O O   . ARG A 1 52  ? -1.589  -8.060  -3.828  1.00 38.43 ?  50  ARG A O   1 
ATOM   332  C CB  . ARG A 1 52  ? -4.126  -8.622  -1.755  1.00 40.99 ?  50  ARG A CB  1 
ATOM   333  C CG  . ARG A 1 52  ? -5.618  -8.528  -1.560  1.00 39.65 ?  50  ARG A CG  1 
ATOM   334  C CD  . ARG A 1 52  ? -5.940  -7.900  -0.225  1.00 43.79 ?  50  ARG A CD  1 
ATOM   335  N NE  . ARG A 1 52  ? -7.278  -8.235  0.237   1.00 39.56 ?  50  ARG A NE  1 
ATOM   336  C CZ  . ARG A 1 52  ? -7.906  -7.582  1.205   1.00 45.54 ?  50  ARG A CZ  1 
ATOM   337  N NH1 . ARG A 1 52  ? -9.129  -7.948  1.579   1.00 53.45 ?  50  ARG A NH1 1 
ATOM   338  N NH2 . ARG A 1 52  ? -7.314  -6.547  1.793   1.00 49.97 ?  50  ARG A NH2 1 
ATOM   339  N N   . ILE A 1 53  ? -1.546  -10.033 -2.721  1.00 43.55 ?  51  ILE A N   1 
ATOM   340  C CA  . ILE A 1 53  ? -0.094  -10.210 -2.784  1.00 37.24 ?  51  ILE A CA  1 
ATOM   341  C C   . ILE A 1 53  ? 0.391   -10.224 -4.216  1.00 37.96 ?  51  ILE A C   1 
ATOM   342  O O   . ILE A 1 53  ? 1.308   -9.487  -4.596  1.00 38.30 ?  51  ILE A O   1 
ATOM   343  C CB  . ILE A 1 53  ? 0.333   -11.514 -2.092  1.00 46.12 ?  51  ILE A CB  1 
ATOM   344  C CG1 . ILE A 1 53  ? -0.053  -11.506 -0.622  1.00 44.90 ?  51  ILE A CG1 1 
ATOM   345  C CG2 . ILE A 1 53  ? 1.823   -11.720 -2.233  1.00 50.26 ?  51  ILE A CG2 1 
ATOM   346  C CD1 . ILE A 1 53  ? -0.096  -12.885 -0.025  1.00 48.61 ?  51  ILE A CD1 1 
ATOM   347  N N   . ALA A 1 54  ? -0.219  -11.099 -5.010  1.00 40.52 ?  52  ALA A N   1 
ATOM   348  C CA  . ALA A 1 54  ? 0.136   -11.236 -6.408  1.00 43.73 ?  52  ALA A CA  1 
ATOM   349  C C   . ALA A 1 54  ? 0.067   -9.897  -7.107  1.00 36.45 ?  52  ALA A C   1 
ATOM   350  O O   . ALA A 1 54  ? 0.988   -9.508  -7.812  1.00 37.73 ?  52  ALA A O   1 
ATOM   351  C CB  . ALA A 1 54  ? -0.785  -12.232 -7.092  1.00 47.19 ?  52  ALA A CB  1 
ATOM   352  N N   . MET A 1 55  ? -1.032  -9.187  -6.892  1.00 42.70 ?  53  MET A N   1 
ATOM   353  C CA  . MET A 1 55  ? -1.229  -7.922  -7.569  1.00 36.97 ?  53  MET A CA  1 
ATOM   354  C C   . MET A 1 55  ? -0.149  -6.923  -7.188  1.00 37.69 ?  53  MET A C   1 
ATOM   355  O O   . MET A 1 55  ? 0.329   -6.169  -8.038  1.00 39.81 ?  53  MET A O   1 
ATOM   356  C CB  . MET A 1 55  ? -2.615  -7.371  -7.264  1.00 39.55 ?  53  MET A CB  1 
ATOM   357  C CG  . MET A 1 55  ? -3.687  -8.052  -8.092  1.00 41.10 ?  53  MET A CG  1 
ATOM   358  S SD  . MET A 1 55  ? -5.332  -7.381  -7.881  1.00 41.84 ?  53  MET A SD  1 
ATOM   359  C CE  . MET A 1 55  ? -5.684  -7.780  -6.170  1.00 38.02 ?  53  MET A CE  1 
ATOM   360  N N   . VAL A 1 56  ? 0.245   -6.915  -5.915  1.00 39.55 ?  54  VAL A N   1 
ATOM   361  C CA  . VAL A 1 56  ? 1.293   -5.998  -5.498  1.00 36.18 ?  54  VAL A CA  1 
ATOM   362  C C   . VAL A 1 56  ? 2.623   -6.427  -6.119  1.00 37.51 ?  54  VAL A C   1 
ATOM   363  O O   . VAL A 1 56  ? 3.361   -5.608  -6.671  1.00 34.77 ?  54  VAL A O   1 
ATOM   364  C CB  . VAL A 1 56  ? 1.424   -5.911  -3.958  1.00 39.22 ?  54  VAL A CB  1 
ATOM   365  C CG1 . VAL A 1 56  ? 2.602   -5.011  -3.600  1.00 36.26 ?  54  VAL A CG1 1 
ATOM   366  C CG2 . VAL A 1 56  ? 0.131   -5.390  -3.319  1.00 35.92 ?  54  VAL A CG2 1 
ATOM   367  N N   . LYS A 1 57  ? 2.932   -7.718  -6.030  1.00 42.68 ?  55  LYS A N   1 
ATOM   368  C CA  . LYS A 1 57  ? 4.180   -8.211  -6.608  1.00 39.62 ?  55  LYS A CA  1 
ATOM   369  C C   . LYS A 1 57  ? 4.256   -7.926  -8.104  1.00 34.48 ?  55  LYS A C   1 
ATOM   370  O O   . LYS A 1 57  ? 5.265   -7.411  -8.594  1.00 38.27 ?  55  LYS A O   1 
ATOM   371  C CB  . LYS A 1 57  ? 4.342   -9.709  -6.356  1.00 46.30 ?  55  LYS A CB  1 
ATOM   372  C CG  . LYS A 1 57  ? 4.565   -10.093 -4.899  1.00 49.27 ?  55  LYS A CG  1 
ATOM   373  C CD  . LYS A 1 57  ? 4.871   -11.585 -4.770  1.00 52.43 ?  55  LYS A CD  1 
ATOM   374  C CE  . LYS A 1 57  ? 5.217   -11.982 -3.339  1.00 59.57 ?  55  LYS A CE  1 
ATOM   375  N NZ  . LYS A 1 57  ? 5.305   -13.464 -3.151  1.00 64.44 ?  55  LYS A NZ  1 
ATOM   376  N N   . GLU A 1 58  ? 3.192   -8.256  -8.827  1.00 36.82 ?  56  GLU A N   1 
ATOM   377  C CA  . GLU A 1 58  ? 3.159   -8.044  -10.274 1.00 38.15 ?  56  GLU A CA  1 
ATOM   378  C C   . GLU A 1 58  ? 3.330   -6.572  -10.633 1.00 40.85 ?  56  GLU A C   1 
ATOM   379  O O   . GLU A 1 58  ? 3.846   -6.239  -11.701 1.00 40.43 ?  56  GLU A O   1 
ATOM   380  C CB  . GLU A 1 58  ? 1.847   -8.581  -10.867 1.00 43.27 ?  56  GLU A CB  1 
ATOM   381  C CG  . GLU A 1 58  ? 1.745   -10.112 -10.874 1.00 43.77 ?  56  GLU A CG  1 
ATOM   382  C CD  . GLU A 1 58  ? 0.377   -10.629 -11.309 1.00 49.97 ?  56  GLU A CD  1 
ATOM   383  O OE1 . GLU A 1 58  ? -0.323  -9.939  -12.081 1.00 53.92 ?  56  GLU A OE1 1 
ATOM   384  O OE2 . GLU A 1 58  ? -0.001  -11.735 -10.867 1.00 54.26 ?  56  GLU A OE2 1 
ATOM   385  N N   . SER A 1 59  ? 2.917   -5.685  -9.728  1.00 37.13 ?  57  SER A N   1 
ATOM   386  C CA  . SER A 1 59  ? 2.966   -4.253  -10.002 1.00 39.57 ?  57  SER A CA  1 
ATOM   387  C C   . SER A 1 59  ? 4.262   -3.584  -9.545  1.00 38.98 ?  57  SER A C   1 
ATOM   388  O O   . SER A 1 59  ? 4.469   -2.400  -9.814  1.00 37.33 ?  57  SER A O   1 
ATOM   389  C CB  . SER A 1 59  ? 1.775   -3.566  -9.335  1.00 37.89 ?  57  SER A CB  1 
ATOM   390  O OG  . SER A 1 59  ? 0.577   -4.273  -9.608  1.00 41.70 ?  57  SER A OG  1 
ATOM   391  N N   . THR A 1 60  ? 5.129   -4.344  -8.874  1.00 33.56 ?  58  THR A N   1 
ATOM   392  C CA  . THR A 1 60  ? 6.332   -3.781  -8.257  1.00 39.10 ?  58  THR A CA  1 
ATOM   393  C C   . THR A 1 60  ? 7.633   -4.486  -8.682  1.00 42.57 ?  58  THR A C   1 
ATOM   394  O O   . THR A 1 60  ? 8.672   -4.345  -8.035  1.00 39.09 ?  58  THR A O   1 
ATOM   395  C CB  . THR A 1 60  ? 6.232   -3.813  -6.714  1.00 36.31 ?  58  THR A CB  1 
ATOM   396  O OG1 . THR A 1 60  ? 5.910   -5.131  -6.262  1.00 32.63 ?  58  THR A OG1 1 
ATOM   397  C CG2 . THR A 1 60  ? 5.124   -2.870  -6.236  1.00 32.91 ?  58  THR A CG2 1 
ATOM   398  N N   . THR A 1 61  ? 7.584   -5.221  -9.785  1.00 43.88 ?  59  THR A N   1 
ATOM   399  C CA  . THR A 1 61  ? 8.769   -5.949  -10.232 1.00 43.23 ?  59  THR A CA  1 
ATOM   400  C C   . THR A 1 61  ? 9.922   -4.993  -10.533 1.00 42.43 ?  59  THR A C   1 
ATOM   401  O O   . THR A 1 61  ? 11.091  -5.367  -10.435 1.00 46.10 ?  59  THR A O   1 
ATOM   402  C CB  . THR A 1 61  ? 8.464   -6.812  -11.471 1.00 39.18 ?  59  THR A CB  1 
ATOM   403  O OG1 . THR A 1 61  ? 7.912   -5.996  -12.507 1.00 42.57 ?  59  THR A OG1 1 
ATOM   404  C CG2 . THR A 1 61  ? 7.477   -7.888  -11.111 1.00 39.07 ?  59  THR A CG2 1 
ATOM   405  N N   . HIS A 1 62  ? 9.593   -3.748  -10.857 1.00 38.54 ?  60  HIS A N   1 
ATOM   406  C CA  . HIS A 1 62  ? 10.613  -2.760  -11.157 1.00 37.11 ?  60  HIS A CA  1 
ATOM   407  C C   . HIS A 1 62  ? 11.224  -2.165  -9.893  1.00 36.21 ?  60  HIS A C   1 
ATOM   408  O O   . HIS A 1 62  ? 12.025  -1.241  -9.972  1.00 40.00 ?  60  HIS A O   1 
ATOM   409  C CB  . HIS A 1 62  ? 10.037  -1.646  -12.031 1.00 36.85 ?  60  HIS A CB  1 
ATOM   410  C CG  . HIS A 1 62  ? 8.952   -0.849  -11.366 1.00 37.39 ?  60  HIS A CG  1 
ATOM   411  N ND1 . HIS A 1 62  ? 7.770   -1.412  -10.938 1.00 40.77 ?  60  HIS A ND1 1 
ATOM   412  C CD2 . HIS A 1 62  ? 8.874   0.467   -11.066 1.00 36.00 ?  60  HIS A CD2 1 
ATOM   413  C CE1 . HIS A 1 62  ? 7.010   -0.476  -10.396 1.00 38.37 ?  60  HIS A CE1 1 
ATOM   414  N NE2 . HIS A 1 62  ? 7.655   0.674   -10.467 1.00 33.84 ?  60  HIS A NE2 1 
ATOM   415  N N   . LEU A 1 63  ? 10.857  -2.687  -8.731  1.00 41.39 ?  61  LEU A N   1 
ATOM   416  C CA  . LEU A 1 63  ? 11.440  -2.181  -7.485  1.00 37.79 ?  61  LEU A CA  1 
ATOM   417  C C   . LEU A 1 63  ? 12.213  -3.285  -6.781  1.00 37.65 ?  61  LEU A C   1 
ATOM   418  O O   . LEU A 1 63  ? 11.659  -4.029  -5.969  1.00 38.75 ?  61  LEU A O   1 
ATOM   419  C CB  . LEU A 1 63  ? 10.348  -1.611  -6.565  1.00 36.05 ?  61  LEU A CB  1 
ATOM   420  C CG  . LEU A 1 63  ? 9.448   -0.541  -7.188  1.00 37.12 ?  61  LEU A CG  1 
ATOM   421  C CD1 . LEU A 1 63  ? 8.363   -0.101  -6.200  1.00 38.52 ?  61  LEU A CD1 1 
ATOM   422  C CD2 . LEU A 1 63  ? 10.245  0.653   -7.645  1.00 32.28 ?  61  LEU A CD2 1 
ATOM   423  N N   . PRO A 1 64  ? 13.507  -3.401  -7.097  1.00 41.72 ?  62  PRO A N   1 
ATOM   424  C CA  . PRO A 1 64  ? 14.302  -4.529  -6.596  1.00 48.31 ?  62  PRO A CA  1 
ATOM   425  C C   . PRO A 1 64  ? 14.413  -4.597  -5.073  1.00 44.10 ?  62  PRO A C   1 
ATOM   426  O O   . PRO A 1 64  ? 14.523  -5.700  -4.546  1.00 47.52 ?  62  PRO A O   1 
ATOM   427  C CB  . PRO A 1 64  ? 15.681  -4.302  -7.234  1.00 47.41 ?  62  PRO A CB  1 
ATOM   428  C CG  . PRO A 1 64  ? 15.728  -2.838  -7.575  1.00 45.82 ?  62  PRO A CG  1 
ATOM   429  C CD  . PRO A 1 64  ? 14.312  -2.431  -7.865  1.00 38.99 ?  62  PRO A CD  1 
ATOM   430  N N   . ASN A 1 65  ? 14.359  -3.458  -4.380  1.00 43.52 ?  63  ASN A N   1 
ATOM   431  C CA  . ASN A 1 65  ? 14.534  -3.450  -2.926  1.00 39.75 ?  63  ASN A CA  1 
ATOM   432  C C   . ASN A 1 65  ? 13.206  -3.476  -2.174  1.00 39.45 ?  63  ASN A C   1 
ATOM   433  O O   . ASN A 1 65  ? 13.168  -3.258  -0.965  1.00 36.54 ?  63  ASN A O   1 
ATOM   434  C CB  . ASN A 1 65  ? 15.359  -2.237  -2.485  1.00 41.21 ?  63  ASN A CB  1 
ATOM   435  C CG  . ASN A 1 65  ? 14.682  -0.908  -2.798  1.00 36.10 ?  63  ASN A CG  1 
ATOM   436  O OD1 . ASN A 1 65  ? 13.967  -0.774  -3.791  1.00 38.79 ?  63  ASN A OD1 1 
ATOM   437  N ND2 . ASN A 1 65  ? 14.930  0.094   -1.947  1.00 35.82 ?  63  ASN A ND2 1 
ATOM   438  N N   . LEU A 1 66  ? 12.128  -3.771  -2.889  1.00 40.01 ?  64  LEU A N   1 
ATOM   439  C CA  . LEU A 1 66  ? 10.818  -3.871  -2.277  1.00 41.50 ?  64  LEU A CA  1 
ATOM   440  C C   . LEU A 1 66  ? 10.426  -5.324  -2.105  1.00 39.98 ?  64  LEU A C   1 
ATOM   441  O O   . LEU A 1 66  ? 10.641  -6.149  -2.995  1.00 43.93 ?  64  LEU A O   1 
ATOM   442  C CB  . LEU A 1 66  ? 9.771   -3.121  -3.114  1.00 41.32 ?  64  LEU A CB  1 
ATOM   443  C CG  . LEU A 1 66  ? 8.339   -3.044  -2.575  1.00 39.97 ?  64  LEU A CG  1 
ATOM   444  C CD1 . LEU A 1 66  ? 7.729   -1.713  -2.962  1.00 39.67 ?  64  LEU A CD1 1 
ATOM   445  C CD2 . LEU A 1 66  ? 7.460   -4.191  -3.087  1.00 38.31 ?  64  LEU A CD2 1 
ATOM   446  N N   . ARG A 1 67  ? 9.856   -5.620  -0.945  1.00 36.45 ?  65  ARG A N   1 
ATOM   447  C CA  . ARG A 1 67  ? 9.371   -6.947  -0.603  1.00 40.63 ?  65  ARG A CA  1 
ATOM   448  C C   . ARG A 1 67  ? 7.913   -6.884  -0.163  1.00 43.73 ?  65  ARG A C   1 
ATOM   449  O O   . ARG A 1 67  ? 7.508   -5.951  0.526   1.00 41.12 ?  65  ARG A O   1 
ATOM   450  C CB  . ARG A 1 67  ? 10.235  -7.551  0.512   1.00 43.32 ?  65  ARG A CB  1 
ATOM   451  C CG  . ARG A 1 67  ? 9.674   -8.818  1.114   1.00 50.38 ?  65  ARG A CG  1 
ATOM   452  C CD  . ARG A 1 67  ? 10.650  -9.442  2.093   1.00 57.46 ?  65  ARG A CD  1 
ATOM   453  N NE  . ARG A 1 67  ? 10.188  -9.397  3.478   1.00 55.08 ?  65  ARG A NE  1 
ATOM   454  C CZ  . ARG A 1 67  ? 10.760  -8.652  4.416   1.00 56.92 ?  65  ARG A CZ  1 
ATOM   455  N NH1 . ARG A 1 67  ? 11.797  -7.889  4.098   1.00 53.36 ?  65  ARG A NH1 1 
ATOM   456  N NH2 . ARG A 1 67  ? 10.300  -8.663  5.660   1.00 57.94 ?  65  ARG A NH2 1 
ATOM   457  N N   . VAL A 1 68  ? 7.118   -7.872  -0.551  1.00 39.54 ?  66  VAL A N   1 
ATOM   458  C CA  . VAL A 1 68  ? 5.722   -7.887  -0.157  1.00 38.82 ?  66  VAL A CA  1 
ATOM   459  C C   . VAL A 1 68  ? 5.517   -8.971  0.883   1.00 43.96 ?  66  VAL A C   1 
ATOM   460  O O   . VAL A 1 68  ? 6.032   -10.074 0.733   1.00 50.06 ?  66  VAL A O   1 
ATOM   461  C CB  . VAL A 1 68  ? 4.793   -8.104  -1.367  1.00 37.06 ?  66  VAL A CB  1 
ATOM   462  C CG1 . VAL A 1 68  ? 3.343   -7.897  -0.964  1.00 41.67 ?  66  VAL A CG1 1 
ATOM   463  C CG2 . VAL A 1 68  ? 5.186   -7.185  -2.515  1.00 37.99 ?  66  VAL A CG2 1 
ATOM   464  N N   . GLN A 1 69  ? 4.759   -8.662  1.932   1.00 38.90 ?  67  GLN A N   1 
ATOM   465  C CA  . GLN A 1 69  ? 4.545   -9.587  3.036   1.00 41.11 ?  67  GLN A CA  1 
ATOM   466  C C   . GLN A 1 69  ? 3.195   -9.365  3.705   1.00 46.54 ?  67  GLN A C   1 
ATOM   467  O O   . GLN A 1 69  ? 2.796   -8.225  3.933   1.00 50.35 ?  67  GLN A O   1 
ATOM   468  C CB  . GLN A 1 69  ? 5.668   -9.437  4.070   1.00 44.97 ?  67  GLN A CB  1 
ATOM   469  C CG  . GLN A 1 69  ? 5.423   -10.154 5.389   1.00 49.79 ?  67  GLN A CG  1 
ATOM   470  C CD  . GLN A 1 69  ? 6.695   -10.342 6.202   1.00 58.15 ?  67  GLN A CD  1 
ATOM   471  O OE1 . GLN A 1 69  ? 6.648   -10.564 7.411   1.00 63.01 ?  67  GLN A OE1 1 
ATOM   472  N NE2 . GLN A 1 69  ? 7.842   -10.248 5.536   1.00 55.64 ?  67  GLN A NE2 1 
ATOM   473  N N   . VAL A 1 70  ? 2.488   -10.446 4.013   1.00 43.19 ?  68  VAL A N   1 
ATOM   474  C CA  . VAL A 1 70  ? 1.258   -10.356 4.793   1.00 45.65 ?  68  VAL A CA  1 
ATOM   475  C C   . VAL A 1 70  ? 1.595   -9.918  6.214   1.00 46.57 ?  68  VAL A C   1 
ATOM   476  O O   . VAL A 1 70  ? 2.607   -10.322 6.773   1.00 46.50 ?  68  VAL A O   1 
ATOM   477  C CB  . VAL A 1 70  ? 0.497   -11.680 4.803   1.00 41.46 ?  68  VAL A CB  1 
ATOM   478  C CG1 . VAL A 1 70  ? -0.786  -11.566 5.613   1.00 47.44 ?  68  VAL A CG1 1 
ATOM   479  C CG2 . VAL A 1 70  ? 0.186   -12.107 3.393   1.00 48.06 ?  68  VAL A CG2 1 
ATOM   480  N N   . GLY A 1 71  ? 0.751   -9.072  6.789   1.00 49.11 ?  69  GLY A N   1 
ATOM   481  C CA  . GLY A 1 71  ? 0.950   -8.630  8.149   1.00 48.73 ?  69  GLY A CA  1 
ATOM   482  C C   . GLY A 1 71  ? -0.228  -9.003  9.017   1.00 49.78 ?  69  GLY A C   1 
ATOM   483  O O   . GLY A 1 71  ? -1.352  -9.105  8.522   1.00 46.59 ?  69  GLY A O   1 
ATOM   484  N N   . HIS A 1 72  ? 0.044   -9.226  10.302  1.00 43.99 ?  70  HIS A N   1 
ATOM   485  C CA  . HIS A 1 72  ? -0.984  -9.506  11.306  1.00 49.01 ?  70  HIS A CA  1 
ATOM   486  C C   . HIS A 1 72  ? -0.682  -8.733  12.588  1.00 48.96 ?  70  HIS A C   1 
ATOM   487  O O   . HIS A 1 72  ? 0.475   -8.637  13.002  1.00 49.09 ?  70  HIS A O   1 
ATOM   488  C CB  . HIS A 1 72  ? -1.055  -11.000 11.618  1.00 52.22 ?  70  HIS A CB  1 
ATOM   489  C CG  . HIS A 1 72  ? -0.996  -11.876 10.406  1.00 53.54 ?  70  HIS A CG  1 
ATOM   490  N ND1 . HIS A 1 72  ? -2.080  -12.586 9.949   1.00 55.78 ?  70  HIS A ND1 1 
ATOM   491  C CD2 . HIS A 1 72  ? 0.026   -12.148 9.557   1.00 48.88 ?  70  HIS A CD2 1 
ATOM   492  C CE1 . HIS A 1 72  ? -1.733  -13.267 8.867   1.00 53.46 ?  70  HIS A CE1 1 
ATOM   493  N NE2 . HIS A 1 72  ? -0.461  -13.019 8.613   1.00 55.27 ?  70  HIS A NE2 1 
ATOM   494  N N   . GLY A 1 73  ? -1.719  -8.199  13.224  1.00 47.19 ?  71  GLY A N   1 
ATOM   495  C CA  . GLY A 1 73  ? -1.554  -7.464  14.467  1.00 47.72 ?  71  GLY A CA  1 
ATOM   496  C C   . GLY A 1 73  ? -1.173  -6.012  14.255  1.00 42.43 ?  71  GLY A C   1 
ATOM   497  O O   . GLY A 1 73  ? -1.398  -5.458  13.176  1.00 48.96 ?  71  GLY A O   1 
ATOM   498  N N   . LEU A 1 74  ? -0.602  -5.399  15.289  1.00 45.59 ?  72  LEU A N   1 
ATOM   499  C CA  . LEU A 1 74  ? -0.164  -4.008  15.223  1.00 40.73 ?  72  LEU A CA  1 
ATOM   500  C C   . LEU A 1 74  ? 0.888   -3.834  14.147  1.00 38.50 ?  72  LEU A C   1 
ATOM   501  O O   . LEU A 1 74  ? 1.814   -4.643  14.024  1.00 37.41 ?  72  LEU A O   1 
ATOM   502  C CB  . LEU A 1 74  ? 0.395   -3.534  16.566  1.00 38.47 ?  72  LEU A CB  1 
ATOM   503  C CG  . LEU A 1 74  ? -0.551  -3.436  17.761  1.00 39.10 ?  72  LEU A CG  1 
ATOM   504  C CD1 . LEU A 1 74  ? 0.210   -3.015  19.004  1.00 38.77 ?  72  LEU A CD1 1 
ATOM   505  C CD2 . LEU A 1 74  ? -1.686  -2.459  17.484  1.00 40.83 ?  72  LEU A CD2 1 
ATOM   506  N N   . VAL A 1 75  ? 0.750   -2.771  13.367  1.00 37.00 ?  73  VAL A N   1 
ATOM   507  C CA  . VAL A 1 75  ? 1.730   -2.455  12.341  1.00 32.48 ?  73  VAL A CA  1 
ATOM   508  C C   . VAL A 1 75  ? 3.089   -2.186  12.976  1.00 29.87 ?  73  VAL A C   1 
ATOM   509  O O   . VAL A 1 75  ? 4.128   -2.520  12.402  1.00 35.69 ?  73  VAL A O   1 
ATOM   510  C CB  . VAL A 1 75  ? 1.271   -1.246  11.487  1.00 33.71 ?  73  VAL A CB  1 
ATOM   511  C CG1 . VAL A 1 75  ? 2.303   -0.924  10.405  1.00 31.88 ?  73  VAL A CG1 1 
ATOM   512  C CG2 . VAL A 1 75  ? -0.067  -1.531  10.859  1.00 39.19 ?  73  VAL A CG2 1 
ATOM   513  N N   . VAL A 1 76  ? 3.101   -1.582  14.158  1.00 29.12 ?  74  VAL A N   1 
ATOM   514  C CA  . VAL A 1 76  ? 4.378   -1.269  14.788  1.00 33.31 ?  74  VAL A CA  1 
ATOM   515  C C   . VAL A 1 76  ? 5.122   -2.554  15.221  1.00 30.51 ?  74  VAL A C   1 
ATOM   516  O O   . VAL A 1 76  ? 6.352   -2.568  15.239  1.00 36.19 ?  74  VAL A O   1 
ATOM   517  C CB  . VAL A 1 76  ? 4.218   -0.310  15.980  1.00 34.41 ?  74  VAL A CB  1 
ATOM   518  C CG1 . VAL A 1 76  ? 3.820   1.080   15.490  1.00 31.30 ?  74  VAL A CG1 1 
ATOM   519  C CG2 . VAL A 1 76  ? 3.224   -0.859  17.010  1.00 31.96 ?  74  VAL A CG2 1 
ATOM   520  N N   . ASP A 1 77  ? 4.388   -3.617  15.540  1.00 36.11 ?  75  ASP A N   1 
ATOM   521  C CA  . ASP A 1 77  ? 5.038   -4.900  15.853  1.00 39.32 ?  75  ASP A CA  1 
ATOM   522  C C   . ASP A 1 77  ? 5.733   -5.408  14.600  1.00 40.97 ?  75  ASP A C   1 
ATOM   523  O O   . ASP A 1 77  ? 6.850   -5.910  14.664  1.00 41.06 ?  75  ASP A O   1 
ATOM   524  C CB  . ASP A 1 77  ? 4.034   -5.950  16.345  1.00 37.78 ?  75  ASP A CB  1 
ATOM   525  C CG  . ASP A 1 77  ? 3.460   -5.633  17.716  1.00 40.81 ?  75  ASP A CG  1 
ATOM   526  O OD1 . ASP A 1 77  ? 4.045   -4.822  18.474  1.00 40.08 ?  75  ASP A OD1 1 
ATOM   527  O OD2 . ASP A 1 77  ? 2.413   -6.232  18.039  1.00 42.42 ?  75  ASP A OD2 1 
ATOM   528  N N   . PHE A 1 78  ? 5.050   -5.256  13.465  1.00 35.57 ?  76  PHE A N   1 
ATOM   529  C CA  . PHE A 1 78  ? 5.550   -5.676  12.159  1.00 39.82 ?  76  PHE A CA  1 
ATOM   530  C C   . PHE A 1 78  ? 6.822   -4.917  11.826  1.00 39.46 ?  76  PHE A C   1 
ATOM   531  O O   . PHE A 1 78  ? 7.822   -5.506  11.413  1.00 38.05 ?  76  PHE A O   1 
ATOM   532  C CB  . PHE A 1 78  ? 4.488   -5.449  11.067  1.00 36.58 ?  76  PHE A CB  1 
ATOM   533  C CG  . PHE A 1 78  ? 4.843   -6.043  9.729   1.00 41.29 ?  76  PHE A CG  1 
ATOM   534  C CD1 . PHE A 1 78  ? 5.651   -5.354  8.831   1.00 42.92 ?  76  PHE A CD1 1 
ATOM   535  C CD2 . PHE A 1 78  ? 4.369   -7.297  9.367   1.00 45.03 ?  76  PHE A CD2 1 
ATOM   536  C CE1 . PHE A 1 78  ? 5.982   -5.914  7.598   1.00 44.24 ?  76  PHE A CE1 1 
ATOM   537  C CE2 . PHE A 1 78  ? 4.695   -7.852  8.141   1.00 43.75 ?  76  PHE A CE2 1 
ATOM   538  C CZ  . PHE A 1 78  ? 5.502   -7.162  7.259   1.00 39.51 ?  76  PHE A CZ  1 
ATOM   539  N N   . VAL A 1 79  ? 6.776   -3.600  12.008  1.00 33.40 ?  77  VAL A N   1 
ATOM   540  C CA  . VAL A 1 79  ? 7.926   -2.760  11.735  1.00 34.85 ?  77  VAL A CA  1 
ATOM   541  C C   . VAL A 1 79  ? 9.121   -3.217  12.561  1.00 42.65 ?  77  VAL A C   1 
ATOM   542  O O   . VAL A 1 79  ? 10.165  -3.554  12.007  1.00 44.85 ?  77  VAL A O   1 
ATOM   543  C CB  . VAL A 1 79  ? 7.593   -1.277  11.991  1.00 35.07 ?  77  VAL A CB  1 
ATOM   544  C CG1 . VAL A 1 79  ? 8.839   -0.411  11.864  1.00 41.30 ?  77  VAL A CG1 1 
ATOM   545  C CG2 . VAL A 1 79  ? 6.521   -0.834  11.033  1.00 33.74 ?  77  VAL A CG2 1 
ATOM   546  N N   . ARG A 1 80  ? 8.957   -3.265  13.877  1.00 39.58 ?  78  ARG A N   1 
ATOM   547  C CA  . ARG A 1 80  ? 10.074  -3.549  14.765  1.00 43.70 ?  78  ARG A CA  1 
ATOM   548  C C   . ARG A 1 80  ? 10.582  -4.991  14.631  1.00 43.74 ?  78  ARG A C   1 
ATOM   549  O O   . ARG A 1 80  ? 11.774  -5.238  14.770  1.00 48.52 ?  78  ARG A O   1 
ATOM   550  C CB  . ARG A 1 80  ? 9.685   -3.265  16.214  1.00 41.51 ?  78  ARG A CB  1 
ATOM   551  C CG  . ARG A 1 80  ? 9.406   -1.795  16.488  1.00 44.92 ?  78  ARG A CG  1 
ATOM   552  C CD  . ARG A 1 80  ? 9.933   -1.351  17.830  1.00 54.54 ?  78  ARG A CD  1 
ATOM   553  N NE  . ARG A 1 80  ? 11.368  -1.083  17.785  1.00 63.05 ?  78  ARG A NE  1 
ATOM   554  C CZ  . ARG A 1 80  ? 12.213  -1.391  18.763  1.00 70.47 ?  78  ARG A CZ  1 
ATOM   555  N NH1 . ARG A 1 80  ? 11.762  -1.979  19.858  1.00 72.34 ?  78  ARG A NH1 1 
ATOM   556  N NH2 . ARG A 1 80  ? 13.504  -1.117  18.637  1.00 74.94 ?  78  ARG A NH2 1 
ATOM   557  N N   . SER A 1 81  ? 9.688   -5.934  14.354  1.00 46.94 ?  79  SER A N   1 
ATOM   558  C CA  . SER A 1 81  ? 10.086  -7.341  14.232  1.00 51.86 ?  79  SER A CA  1 
ATOM   559  C C   . SER A 1 81  ? 10.996  -7.556  13.033  1.00 54.29 ?  79  SER A C   1 
ATOM   560  O O   . SER A 1 81  ? 11.951  -8.335  13.085  1.00 59.03 ?  79  SER A O   1 
ATOM   561  C CB  . SER A 1 81  ? 8.857   -8.248  14.118  1.00 47.84 ?  79  SER A CB  1 
ATOM   562  O OG  . SER A 1 81  ? 8.227   -8.396  15.383  1.00 53.45 ?  79  SER A OG  1 
ATOM   563  N N   . CYS A 1 82  ? 10.698  -6.847  11.956  1.00 50.27 ?  80  CYS A N   1 
ATOM   564  C CA  . CYS A 1 82  ? 11.448  -6.988  10.728  1.00 53.63 ?  80  CYS A CA  1 
ATOM   565  C C   . CYS A 1 82  ? 12.600  -5.988  10.674  1.00 48.19 ?  80  CYS A C   1 
ATOM   566  O O   . CYS A 1 82  ? 13.207  -5.776  9.626   1.00 57.50 ?  80  CYS A O   1 
ATOM   567  C CB  . CYS A 1 82  ? 10.503  -6.817  9.546   1.00 62.31 ?  80  CYS A CB  1 
ATOM   568  S SG  . CYS A 1 82  ? 9.087   -7.966  9.652   1.00 81.19 ?  80  CYS A SG  1 
ATOM   569  N N   . GLY A 1 83  ? 12.894  -5.377  11.817  1.00 43.33 ?  81  GLY A N   1 
ATOM   570  C CA  . GLY A 1 83  ? 14.010  -4.460  11.952  1.00 43.14 ?  81  GLY A CA  1 
ATOM   571  C C   . GLY A 1 83  ? 13.938  -3.209  11.105  1.00 53.71 ?  81  GLY A C   1 
ATOM   572  O O   . GLY A 1 83  ? 14.919  -2.476  10.963  1.00 48.98 ?  81  GLY A O   1 
ATOM   573  N N   . MET A 1 84  ? 12.769  -2.966  10.529  1.00 52.32 ?  82  MET A N   1 
ATOM   574  C CA  . MET A 1 84  ? 12.566  -1.773  9.731   1.00 47.90 ?  82  MET A CA  1 
ATOM   575  C C   . MET A 1 84  ? 12.527  -0.598  10.680  1.00 44.93 ?  82  MET A C   1 
ATOM   576  O O   . MET A 1 84  ? 12.442  -0.771  11.895  1.00 48.99 ?  82  MET A O   1 
ATOM   577  C CB  . MET A 1 84  ? 11.283  -1.871  8.925   1.00 48.47 ?  82  MET A CB  1 
ATOM   578  C CG  . MET A 1 84  ? 11.094  -3.221  8.263   1.00 52.13 ?  82  MET A CG  1 
ATOM   579  S SD  . MET A 1 84  ? 12.165  -3.352  6.836   1.00 66.25 ?  82  MET A SD  1 
ATOM   580  C CE  . MET A 1 84  ? 11.615  -1.922  5.949   1.00 50.96 ?  82  MET A CE  1 
ATOM   581  N N   . THR A 1 85  ? 12.553  0.603   10.126  1.00 50.58 ?  83  THR A N   1 
ATOM   582  C CA  . THR A 1 85  ? 12.797  1.790   10.933  1.00 46.36 ?  83  THR A CA  1 
ATOM   583  C C   . THR A 1 85  ? 11.730  2.901   10.871  1.00 47.80 ?  83  THR A C   1 
ATOM   584  O O   . THR A 1 85  ? 11.914  3.952   11.486  1.00 46.87 ?  83  THR A O   1 
ATOM   585  C CB  . THR A 1 85  ? 14.128  2.419   10.518  1.00 49.91 ?  83  THR A CB  1 
ATOM   586  O OG1 . THR A 1 85  ? 14.056  2.752   9.130   1.00 47.66 ?  83  THR A OG1 1 
ATOM   587  C CG2 . THR A 1 85  ? 15.301  1.436   10.736  1.00 53.93 ?  83  THR A CG2 1 
ATOM   588  N N   . ALA A 1 86  ? 10.629  2.675   10.158  1.00 41.67 ?  84  ALA A N   1 
ATOM   589  C CA  . ALA A 1 86  ? 9.695   3.754   9.828   1.00 29.08 ?  84  ALA A CA  1 
ATOM   590  C C   . ALA A 1 86  ? 8.483   3.196   9.091   1.00 33.27 ?  84  ALA A C   1 
ATOM   591  O O   . ALA A 1 86  ? 8.590   2.168   8.425   1.00 27.93 ?  84  ALA A O   1 
ATOM   592  C CB  . ALA A 1 86  ? 10.391  4.794   8.968   1.00 29.38 ?  84  ALA A CB  1 
ATOM   593  N N   . ILE A 1 87  ? 7.343   3.877   9.196   1.00 26.94 ?  85  ILE A N   1 
ATOM   594  C CA  . ILE A 1 87  ? 6.165   3.570   8.372   1.00 25.92 ?  85  ILE A CA  1 
ATOM   595  C C   . ILE A 1 87  ? 6.068   4.643   7.302   1.00 25.49 ?  85  ILE A C   1 
ATOM   596  O O   . ILE A 1 87  ? 6.281   5.809   7.596   1.00 27.99 ?  85  ILE A O   1 
ATOM   597  C CB  . ILE A 1 87  ? 4.873   3.515   9.214   1.00 25.68 ?  85  ILE A CB  1 
ATOM   598  C CG1 . ILE A 1 87  ? 4.931   2.382   10.235  1.00 30.19 ?  85  ILE A CG1 1 
ATOM   599  C CG2 . ILE A 1 87  ? 3.662   3.391   8.336   1.00 29.14 ?  85  ILE A CG2 1 
ATOM   600  C CD1 . ILE A 1 87  ? 3.863   2.487   11.309  1.00 31.21 ?  85  ILE A CD1 1 
ATOM   601  N N   . VAL A 1 88  ? 5.771   4.283   6.053   1.00 23.61 ?  86  VAL A N   1 
ATOM   602  C CA  . VAL A 1 88  ? 5.571   5.332   5.060   1.00 26.94 ?  86  VAL A CA  1 
ATOM   603  C C   . VAL A 1 88  ? 4.190   5.197   4.455   1.00 28.24 ?  86  VAL A C   1 
ATOM   604  O O   . VAL A 1 88  ? 3.770   4.106   4.094   1.00 28.41 ?  86  VAL A O   1 
ATOM   605  C CB  . VAL A 1 88  ? 6.647   5.310   3.970   1.00 31.33 ?  86  VAL A CB  1 
ATOM   606  C CG1 . VAL A 1 88  ? 6.254   6.249   2.835   1.00 28.11 ?  86  VAL A CG1 1 
ATOM   607  C CG2 . VAL A 1 88  ? 7.993   5.724   4.562   1.00 28.48 ?  86  VAL A CG2 1 
ATOM   608  N N   . LYS A 1 89  ? 3.465   6.298   4.341   1.00 26.36 ?  87  LYS A N   1 
ATOM   609  C CA  . LYS A 1 89  ? 2.196   6.190   3.638   1.00 29.49 ?  87  LYS A CA  1 
ATOM   610  C C   . LYS A 1 89  ? 1.776   7.477   2.939   1.00 30.05 ?  87  LYS A C   1 
ATOM   611  O O   . LYS A 1 89  ? 2.226   8.582   3.266   1.00 26.85 ?  87  LYS A O   1 
ATOM   612  C CB  . LYS A 1 89  ? 1.098   5.729   4.592   1.00 34.92 ?  87  LYS A CB  1 
ATOM   613  C CG  . LYS A 1 89  ? 0.748   6.687   5.675   1.00 35.23 ?  87  LYS A CG  1 
ATOM   614  C CD  . LYS A 1 89  ? 0.217   5.905   6.875   1.00 42.98 ?  87  LYS A CD  1 
ATOM   615  C CE  . LYS A 1 89  ? -0.627  4.704   6.442   1.00 44.53 ?  87  LYS A CE  1 
ATOM   616  N NZ  . LYS A 1 89  ? -1.174  3.973   7.621   1.00 43.51 ?  87  LYS A NZ  1 
ATOM   617  N N   . GLY A 1 90  ? 0.901   7.309   1.963   1.00 24.58 ?  88  GLY A N   1 
ATOM   618  C CA  . GLY A 1 90  ? 0.518   8.405   1.106   1.00 22.47 ?  88  GLY A CA  1 
ATOM   619  C C   . GLY A 1 90  ? -0.639  9.171   1.692   1.00 24.28 ?  88  GLY A C   1 
ATOM   620  O O   . GLY A 1 90  ? -1.461  8.614   2.419   1.00 31.88 ?  88  GLY A O   1 
ATOM   621  N N   . LEU A 1 91  ? -0.689  10.463  1.400   1.00 27.63 ?  89  LEU A N   1 
ATOM   622  C CA  . LEU A 1 91  ? -1.774  11.328  1.894   1.00 30.88 ?  89  LEU A CA  1 
ATOM   623  C C   . LEU A 1 91  ? -2.323  12.087  0.725   1.00 39.93 ?  89  LEU A C   1 
ATOM   624  O O   . LEU A 1 91  ? -1.533  12.580  -0.079  1.00 41.32 ?  89  LEU A O   1 
ATOM   625  C CB  . LEU A 1 91  ? -1.281  12.316  2.966   1.00 27.63 ?  89  LEU A CB  1 
ATOM   626  C CG  . LEU A 1 91  ? -1.001  11.811  4.383   1.00 33.22 ?  89  LEU A CG  1 
ATOM   627  C CD1 . LEU A 1 91  ? -0.714  12.979  5.307   1.00 38.68 ?  89  LEU A CD1 1 
ATOM   628  C CD2 . LEU A 1 91  ? -2.138  10.970  4.928   1.00 34.72 ?  89  LEU A CD2 1 
ATOM   629  N N   . GLU A 1 98  ? -5.726  13.534  9.314   1.00 49.82 ?  96  GLU A N   1 
ATOM   630  C CA  . GLU A 1 98  ? -5.875  13.783  10.744  1.00 49.11 ?  96  GLU A CA  1 
ATOM   631  C C   . GLU A 1 98  ? -6.165  12.479  11.453  1.00 41.65 ?  96  GLU A C   1 
ATOM   632  O O   . GLU A 1 98  ? -5.835  12.310  12.623  1.00 39.77 ?  96  GLU A O   1 
ATOM   633  C CB  . GLU A 1 98  ? -6.983  14.796  11.026  1.00 56.86 ?  96  GLU A CB  1 
ATOM   634  C CG  . GLU A 1 98  ? -6.458  16.196  11.266  1.00 61.21 ?  96  GLU A CG  1 
ATOM   635  C CD  . GLU A 1 98  ? -7.523  17.258  11.124  1.00 78.54 ?  96  GLU A CD  1 
ATOM   636  O OE1 . GLU A 1 98  ? -8.633  16.937  10.647  1.00 80.98 ?  96  GLU A OE1 1 
ATOM   637  O OE2 . GLU A 1 98  ? -7.248  18.420  11.495  1.00 86.63 ?  96  GLU A OE2 1 
ATOM   638  N N   . TYR A 1 99  ? -6.778  11.548  10.735  1.00 47.76 ?  97  TYR A N   1 
ATOM   639  C CA  . TYR A 1 99  ? -6.941  10.219  11.284  1.00 43.42 ?  97  TYR A CA  1 
ATOM   640  C C   . TYR A 1 99  ? -5.580  9.557   11.274  1.00 34.12 ?  97  TYR A C   1 
ATOM   641  O O   . TYR A 1 99  ? -5.184  8.910   12.239  1.00 33.23 ?  97  TYR A O   1 
ATOM   642  C CB  . TYR A 1 99  ? -7.951  9.392   10.501  1.00 54.19 ?  97  TYR A CB  1 
ATOM   643  C CG  . TYR A 1 99  ? -8.003  7.961   10.984  1.00 59.81 ?  97  TYR A CG  1 
ATOM   644  C CD1 . TYR A 1 99  ? -8.546  7.646   12.223  1.00 63.26 ?  97  TYR A CD1 1 
ATOM   645  C CD2 . TYR A 1 99  ? -7.495  6.927   10.211  1.00 58.09 ?  97  TYR A CD2 1 
ATOM   646  C CE1 . TYR A 1 99  ? -8.584  6.336   12.680  1.00 66.52 ?  97  TYR A CE1 1 
ATOM   647  C CE2 . TYR A 1 99  ? -7.531  5.613   10.657  1.00 67.43 ?  97  TYR A CE2 1 
ATOM   648  C CZ  . TYR A 1 99  ? -8.077  5.322   11.893  1.00 67.93 ?  97  TYR A CZ  1 
ATOM   649  O OH  . TYR A 1 99  ? -8.114  4.018   12.341  1.00 71.88 ?  97  TYR A OH  1 
ATOM   650  N N   . GLU A 1 100 ? -4.852  9.743   10.186  1.00 33.67 ?  98  GLU A N   1 
ATOM   651  C CA  . GLU A 1 100 ? -3.494  9.237   10.120  1.00 31.06 ?  98  GLU A CA  1 
ATOM   652  C C   . GLU A 1 100 ? -2.641  9.869   11.198  1.00 29.29 ?  98  GLU A C   1 
ATOM   653  O O   . GLU A 1 100 ? -1.728  9.243   11.723  1.00 28.59 ?  98  GLU A O   1 
ATOM   654  C CB  . GLU A 1 100 ? -2.879  9.513   8.752   1.00 31.55 ?  98  GLU A CB  1 
ATOM   655  C CG  . GLU A 1 100 ? -3.564  8.763   7.642   1.00 32.70 ?  98  GLU A CG  1 
ATOM   656  C CD  . GLU A 1 100 ? -3.367  7.272   7.761   1.00 36.50 ?  98  GLU A CD  1 
ATOM   657  O OE1 . GLU A 1 100 ? -4.162  6.504   7.183   1.00 47.01 ?  98  GLU A OE1 1 
ATOM   658  O OE2 . GLU A 1 100 ? -2.406  6.866   8.435   1.00 34.94 ?  98  GLU A OE2 1 
ATOM   659  N N   . LEU A 1 101 ? -2.925  11.132  11.490  1.00 26.33 ?  99  LEU A N   1 
ATOM   660  C CA  . LEU A 1 101 ? -2.209  11.844  12.534  1.00 31.69 ?  99  LEU A CA  1 
ATOM   661  C C   . LEU A 1 101 ? -2.407  11.113  13.860  1.00 26.22 ?  99  LEU A C   1 
ATOM   662  O O   . LEU A 1 101 ? -1.453  10.933  14.616  1.00 27.97 ?  99  LEU A O   1 
ATOM   663  C CB  . LEU A 1 101 ? -2.714  13.291  12.643  1.00 30.09 ?  99  LEU A CB  1 
ATOM   664  C CG  . LEU A 1 101 ? -2.082  14.301  13.607  1.00 40.05 ?  99  LEU A CG  1 
ATOM   665  C CD1 . LEU A 1 101 ? -2.398  14.054  15.086  1.00 39.29 ?  99  LEU A CD1 1 
ATOM   666  C CD2 . LEU A 1 101 ? -0.609  14.378  13.403  1.00 40.55 ?  99  LEU A CD2 1 
ATOM   667  N N   . GLN A 1 102 ? -3.652  10.737  14.146  1.00 26.32 ?  100 GLN A N   1 
ATOM   668  C CA  . GLN A 1 102 ? -3.965  10.088  15.428  1.00 22.85 ?  100 GLN A CA  1 
ATOM   669  C C   . GLN A 1 102 ? -3.150  8.793   15.510  1.00 28.99 ?  100 GLN A C   1 
ATOM   670  O O   . GLN A 1 102 ? -2.390  8.578   16.449  1.00 26.00 ?  100 GLN A O   1 
ATOM   671  C CB  . GLN A 1 102 ? -5.461  9.772   15.560  1.00 26.48 ?  100 GLN A CB  1 
ATOM   672  C CG  . GLN A 1 102 ? -5.883  9.471   17.004  1.00 37.16 ?  100 GLN A CG  1 
ATOM   673  C CD  . GLN A 1 102 ? -7.300  8.908   17.137  1.00 35.53 ?  100 GLN A CD  1 
ATOM   674  O OE1 . GLN A 1 102 ? -8.078  8.920   16.187  1.00 43.97 ?  100 GLN A OE1 1 
ATOM   675  N NE2 . GLN A 1 102 ? -7.629  8.404   18.330  1.00 31.50 ?  100 GLN A NE2 1 
ATOM   676  N N   . MET A 1 103 ? -3.300  7.942   14.501  1.00 28.80 ?  101 MET A N   1 
ATOM   677  C CA  . MET A 1 103 ? -2.526  6.691   14.451  1.00 24.35 ?  101 MET A CA  1 
ATOM   678  C C   . MET A 1 103 ? -1.001  6.883   14.509  1.00 29.17 ?  101 MET A C   1 
ATOM   679  O O   . MET A 1 103 ? -0.286  6.115   15.181  1.00 26.19 ?  101 MET A O   1 
ATOM   680  C CB  . MET A 1 103 ? -2.872  5.900   13.184  1.00 29.50 ?  101 MET A CB  1 
ATOM   681  C CG  . MET A 1 103 ? -2.285  4.479   13.190  1.00 41.82 ?  101 MET A CG  1 
ATOM   682  S SD  . MET A 1 103 ? -3.213  3.180   14.074  1.00 67.50 ?  101 MET A SD  1 
ATOM   683  C CE  . MET A 1 103 ? -2.576  3.218   15.762  1.00 29.15 ?  101 MET A CE  1 
ATOM   684  N N   . ALA A 1 104 ? -0.475  7.865   13.788  1.00 23.27 ?  102 ALA A N   1 
ATOM   685  C CA  . ALA A 1 104 ? 0.977   8.063   13.800  1.00 26.27 ?  102 ALA A CA  1 
ATOM   686  C C   . ALA A 1 104 ? 1.441   8.396   15.202  1.00 23.27 ?  102 ALA A C   1 
ATOM   687  O O   . ALA A 1 104 ? 2.468   7.909   15.675  1.00 26.64 ?  102 ALA A O   1 
ATOM   688  C CB  . ALA A 1 104 ? 1.389   9.158   12.840  1.00 27.16 ?  102 ALA A CB  1 
ATOM   689  N N   . GLN A 1 105 ? 0.694   9.239   15.900  1.00 28.06 ?  103 GLN A N   1 
ATOM   690  C CA  A GLN A 1 105 ? 1.118   9.580   17.249  0.95 26.79 ?  103 GLN A CA  1 
ATOM   691  C CA  B GLN A 1 105 ? 1.086   9.603   17.260  0.05 27.92 ?  103 GLN A CA  1 
ATOM   692  C C   . GLN A 1 105 ? 0.909   8.433   18.236  1.00 26.04 ?  103 GLN A C   1 
ATOM   693  O O   . GLN A 1 105 ? 1.700   8.261   19.166  1.00 27.64 ?  103 GLN A O   1 
ATOM   694  C CB  A GLN A 1 105 ? 0.400   10.843  17.700  0.95 26.03 ?  103 GLN A CB  1 
ATOM   695  C CB  B GLN A 1 105 ? 0.296   10.822  17.733  0.05 27.69 ?  103 GLN A CB  1 
ATOM   696  C CG  A GLN A 1 105 ? 0.962   11.998  16.878  0.95 28.40 ?  103 GLN A CG  1 
ATOM   697  C CG  B GLN A 1 105 ? 0.635   12.095  16.970  0.05 29.63 ?  103 GLN A CG  1 
ATOM   698  C CD  A GLN A 1 105 ? 0.428   13.301  17.269  0.95 35.24 ?  103 GLN A CD  1 
ATOM   699  C CD  B GLN A 1 105 ? 0.005   13.329  17.581  0.05 33.19 ?  103 GLN A CD  1 
ATOM   700  O OE1 A GLN A 1 105 ? -0.730  13.402  17.645  0.95 34.14 ?  103 GLN A OE1 1 
ATOM   701  O OE1 B GLN A 1 105 ? -1.033  13.249  18.235  0.05 33.12 ?  103 GLN A OE1 1 
ATOM   702  N NE2 A GLN A 1 105 ? 1.270   14.331  17.201  0.95 33.94 ?  103 GLN A NE2 1 
ATOM   703  N NE2 B GLN A 1 105 ? 0.632   14.481  17.371  0.05 33.09 ?  103 GLN A NE2 1 
ATOM   704  N N   . MET A 1 106 ? -0.129  7.639   18.017  1.00 25.90 ?  104 MET A N   1 
ATOM   705  C CA  . MET A 1 106 ? -0.361  6.462   18.844  1.00 29.10 ?  104 MET A CA  1 
ATOM   706  C C   . MET A 1 106 ? 0.784   5.483   18.611  1.00 28.25 ?  104 MET A C   1 
ATOM   707  O O   . MET A 1 106 ? 1.337   4.921   19.553  1.00 29.19 ?  104 MET A O   1 
ATOM   708  C CB  . MET A 1 106 ? -1.699  5.799   18.500  1.00 28.39 ?  104 MET A CB  1 
ATOM   709  C CG  . MET A 1 106 ? -1.951  4.495   19.287  1.00 32.84 ?  104 MET A CG  1 
ATOM   710  S SD  . MET A 1 106 ? -2.014  4.790   21.076  1.00 32.02 ?  104 MET A SD  1 
ATOM   711  C CE  . MET A 1 106 ? -3.688  5.384   21.309  1.00 31.33 ?  104 MET A CE  1 
ATOM   712  N N   . ASN A 1 107 ? 1.133   5.308   17.348  1.00 27.09 ?  105 ASN A N   1 
ATOM   713  C CA  . ASN A 1 107 ? 2.222   4.400   16.981  1.00 29.87 ?  105 ASN A CA  1 
ATOM   714  C C   . ASN A 1 107 ? 3.578   4.879   17.515  1.00 30.79 ?  105 ASN A C   1 
ATOM   715  O O   . ASN A 1 107 ? 4.430   4.063   17.851  1.00 30.80 ?  105 ASN A O   1 
ATOM   716  C CB  . ASN A 1 107 ? 2.271   4.230   15.462  1.00 25.98 ?  105 ASN A CB  1 
ATOM   717  C CG  . ASN A 1 107 ? 1.203   3.292   14.952  1.00 30.60 ?  105 ASN A CG  1 
ATOM   718  O OD1 . ASN A 1 107 ? 0.688   2.464   15.700  1.00 29.88 ?  105 ASN A OD1 1 
ATOM   719  N ND2 . ASN A 1 107 ? 0.872   3.400   13.664  1.00 25.36 ?  105 ASN A ND2 1 
ATOM   720  N N   . LYS A 1 108 ? 3.787   6.192   17.604  1.00 26.25 ?  106 LYS A N   1 
ATOM   721  C CA  . LYS A 1 108 ? 5.017   6.682   18.192  1.00 25.84 ?  106 LYS A CA  1 
ATOM   722  C C   . LYS A 1 108 ? 4.972   6.438   19.705  1.00 32.15 ?  106 LYS A C   1 
ATOM   723  O O   . LYS A 1 108 ? 5.983   6.060   20.314  1.00 30.20 ?  106 LYS A O   1 
ATOM   724  C CB  . LYS A 1 108 ? 5.242   8.156   17.883  1.00 29.57 ?  106 LYS A CB  1 
ATOM   725  C CG  . LYS A 1 108 ? 6.593   8.672   18.317  1.00 34.80 ?  106 LYS A CG  1 
ATOM   726  C CD  . LYS A 1 108 ? 7.621   8.545   17.212  1.00 32.78 ?  106 LYS A CD  1 
ATOM   727  C CE  . LYS A 1 108 ? 9.037   8.504   17.743  1.00 42.59 ?  106 LYS A CE  1 
ATOM   728  N NZ  . LYS A 1 108 ? 9.402   9.687   18.530  1.00 42.99 ?  106 LYS A NZ  1 
ATOM   729  N N   . HIS A 1 109 ? 3.800   6.637   20.308  1.00 27.81 ?  107 HIS A N   1 
ATOM   730  C CA  . HIS A 1 109 ? 3.670   6.454   21.756  1.00 28.92 ?  107 HIS A CA  1 
ATOM   731  C C   . HIS A 1 109 ? 3.999   5.039   22.210  1.00 31.16 ?  107 HIS A C   1 
ATOM   732  O O   . HIS A 1 109 ? 4.788   4.848   23.149  1.00 36.66 ?  107 HIS A O   1 
ATOM   733  C CB  . HIS A 1 109 ? 2.260   6.806   22.222  1.00 32.24 ?  107 HIS A CB  1 
ATOM   734  C CG  . HIS A 1 109 ? 2.023   6.509   23.671  1.00 30.67 ?  107 HIS A CG  1 
ATOM   735  N ND1 . HIS A 1 109 ? 2.574   7.261   24.684  1.00 33.74 ?  107 HIS A ND1 1 
ATOM   736  C CD2 . HIS A 1 109 ? 1.333   5.512   24.273  1.00 28.46 ?  107 HIS A CD2 1 
ATOM   737  C CE1 . HIS A 1 109 ? 2.217   6.750   25.851  1.00 35.89 ?  107 HIS A CE1 1 
ATOM   738  N NE2 . HIS A 1 109 ? 1.460   5.690   25.627  1.00 31.60 ?  107 HIS A NE2 1 
ATOM   739  N N   . ILE A 1 110 ? 3.411   4.048   21.554  1.00 29.15 ?  108 ILE A N   1 
ATOM   740  C CA  . ILE A 1 110 ? 3.506   2.681   22.075  1.00 32.66 ?  108 ILE A CA  1 
ATOM   741  C C   . ILE A 1 110 ? 4.749   1.926   21.620  1.00 36.22 ?  108 ILE A C   1 
ATOM   742  O O   . ILE A 1 110 ? 5.145   0.956   22.271  1.00 34.28 ?  108 ILE A O   1 
ATOM   743  C CB  . ILE A 1 110 ? 2.257   1.861   21.706  1.00 31.01 ?  108 ILE A CB  1 
ATOM   744  C CG1 . ILE A 1 110 ? 2.201   1.608   20.209  1.00 33.62 ?  108 ILE A CG1 1 
ATOM   745  C CG2 . ILE A 1 110 ? 1.009   2.544   22.196  1.00 34.44 ?  108 ILE A CG2 1 
ATOM   746  C CD1 . ILE A 1 110 ? 0.967   0.875   19.791  1.00 31.78 ?  108 ILE A CD1 1 
ATOM   747  N N   . ALA A 1 111 ? 5.371   2.343   20.520  1.00 33.22 ?  109 ALA A N   1 
ATOM   748  C CA  . ALA A 1 111 ? 6.478   1.556   19.984  1.00 30.75 ?  109 ALA A CA  1 
ATOM   749  C C   . ALA A 1 111 ? 7.669   2.385   19.513  1.00 36.57 ?  109 ALA A C   1 
ATOM   750  O O   . ALA A 1 111 ? 8.666   1.827   19.054  1.00 34.58 ?  109 ALA A O   1 
ATOM   751  C CB  . ALA A 1 111 ? 5.977   0.679   18.850  1.00 36.85 ?  109 ALA A CB  1 
ATOM   752  N N   . GLY A 1 112 ? 7.568   3.705   19.627  1.00 29.84 ?  110 GLY A N   1 
ATOM   753  C CA  . GLY A 1 112 ? 8.604   4.591   19.141  1.00 33.41 ?  110 GLY A CA  1 
ATOM   754  C C   . GLY A 1 112 ? 8.813   4.604   17.632  1.00 33.92 ?  110 GLY A C   1 
ATOM   755  O O   . GLY A 1 112 ? 9.840   5.084   17.147  1.00 34.04 ?  110 GLY A O   1 
ATOM   756  N N   . VAL A 1 113 ? 7.847   4.075   16.887  1.00 29.50 ?  111 VAL A N   1 
ATOM   757  C CA  . VAL A 1 113 ? 7.962   3.972   15.442  1.00 32.23 ?  111 VAL A CA  1 
ATOM   758  C C   . VAL A 1 113 ? 7.503   5.275   14.824  1.00 30.95 ?  111 VAL A C   1 
ATOM   759  O O   . VAL A 1 113 ? 6.466   5.799   15.214  1.00 29.63 ?  111 VAL A O   1 
ATOM   760  C CB  . VAL A 1 113 ? 7.135   2.790   14.902  1.00 35.67 ?  111 VAL A CB  1 
ATOM   761  C CG1 . VAL A 1 113 ? 6.993   2.875   13.393  1.00 34.81 ?  111 VAL A CG1 1 
ATOM   762  C CG2 . VAL A 1 113 ? 7.752   1.467   15.333  1.00 35.90 ?  111 VAL A CG2 1 
ATOM   763  N N   . ASP A 1 114 ? 8.271   5.796   13.874  1.00 31.26 ?  112 ASP A N   1 
ATOM   764  C CA  . ASP A 1 114 ? 7.900   7.018   13.187  1.00 31.16 ?  112 ASP A CA  1 
ATOM   765  C C   . ASP A 1 114 ? 7.130   6.789   11.888  1.00 30.15 ?  112 ASP A C   1 
ATOM   766  O O   . ASP A 1 114 ? 7.236   5.733   11.266  1.00 28.26 ?  112 ASP A O   1 
ATOM   767  C CB  . ASP A 1 114 ? 9.136   7.844   12.903  1.00 33.36 ?  112 ASP A CB  1 
ATOM   768  C CG  . ASP A 1 114 ? 9.054   9.179   13.539  1.00 44.96 ?  112 ASP A CG  1 
ATOM   769  O OD1 . ASP A 1 114 ? 8.207   9.983   13.073  1.00 42.87 ?  112 ASP A OD1 1 
ATOM   770  O OD2 . ASP A 1 114 ? 9.779   9.399   14.536  1.00 44.69 ?  112 ASP A OD2 1 
ATOM   771  N N   . THR A 1 115 ? 6.329   7.779   11.510  1.00 31.53 ?  113 THR A N   1 
ATOM   772  C CA  . THR A 1 115 ? 5.554   7.727   10.277  1.00 27.79 ?  113 THR A CA  1 
ATOM   773  C C   . THR A 1 115 ? 5.868   8.947   9.418   1.00 28.25 ?  113 THR A C   1 
ATOM   774  O O   . THR A 1 115 ? 5.713   10.099  9.855   1.00 28.55 ?  113 THR A O   1 
ATOM   775  C CB  . THR A 1 115 ? 4.042   7.672   10.551  1.00 24.23 ?  113 THR A CB  1 
ATOM   776  O OG1 . THR A 1 115 ? 3.738   6.551   11.378  1.00 27.04 ?  113 THR A OG1 1 
ATOM   777  C CG2 . THR A 1 115 ? 3.235   7.583   9.260   1.00 24.88 ?  113 THR A CG2 1 
ATOM   778  N N   . PHE A 1 116 ? 6.306   8.678   8.192   1.00 28.88 ?  114 PHE A N   1 
ATOM   779  C CA  . PHE A 1 116 ? 6.586   9.708   7.194   1.00 27.02 ?  114 PHE A CA  1 
ATOM   780  C C   . PHE A 1 116 ? 5.456   9.712   6.174   1.00 32.07 ?  114 PHE A C   1 
ATOM   781  O O   . PHE A 1 116 ? 5.124   8.664   5.643   1.00 32.37 ?  114 PHE A O   1 
ATOM   782  C CB  . PHE A 1 116 ? 7.935   9.446   6.530   1.00 33.35 ?  114 PHE A CB  1 
ATOM   783  C CG  . PHE A 1 116 ? 9.104   9.659   7.453   1.00 30.70 ?  114 PHE A CG  1 
ATOM   784  C CD1 . PHE A 1 116 ? 9.337   8.800   8.520   1.00 35.87 ?  114 PHE A CD1 1 
ATOM   785  C CD2 . PHE A 1 116 ? 9.954   10.725  7.278   1.00 32.78 ?  114 PHE A CD2 1 
ATOM   786  C CE1 . PHE A 1 116 ? 10.398  9.011   9.388   1.00 32.80 ?  114 PHE A CE1 1 
ATOM   787  C CE2 . PHE A 1 116 ? 11.023  10.936  8.145   1.00 33.94 ?  114 PHE A CE2 1 
ATOM   788  C CZ  . PHE A 1 116 ? 11.235  10.081  9.195   1.00 33.99 ?  114 PHE A CZ  1 
ATOM   789  N N   . PHE A 1 117 ? 4.854   10.876  5.927   1.00 26.62 ?  115 PHE A N   1 
ATOM   790  C CA  . PHE A 1 117 ? 3.733   10.978  5.004   1.00 26.17 ?  115 PHE A CA  1 
ATOM   791  C C   . PHE A 1 117 ? 4.237   11.610  3.745   1.00 28.64 ?  115 PHE A C   1 
ATOM   792  O O   . PHE A 1 117 ? 5.100   12.465  3.792   1.00 28.57 ?  115 PHE A O   1 
ATOM   793  C CB  . PHE A 1 117 ? 2.591   11.810  5.558   1.00 29.14 ?  115 PHE A CB  1 
ATOM   794  C CG  . PHE A 1 117 ? 1.991   11.239  6.787   1.00 29.52 ?  115 PHE A CG  1 
ATOM   795  C CD1 . PHE A 1 117 ? 1.176   10.125  6.723   1.00 32.77 ?  115 PHE A CD1 1 
ATOM   796  C CD2 . PHE A 1 117 ? 2.258   11.800  8.012   1.00 28.78 ?  115 PHE A CD2 1 
ATOM   797  C CE1 . PHE A 1 117 ? 0.626   9.583   7.885   1.00 32.88 ?  115 PHE A CE1 1 
ATOM   798  C CE2 . PHE A 1 117 ? 1.718   11.266  9.165   1.00 30.35 ?  115 PHE A CE2 1 
ATOM   799  C CZ  . PHE A 1 117 ? 0.898   10.163  9.101   1.00 32.34 ?  115 PHE A CZ  1 
ATOM   800  N N   . VAL A 1 118 ? 3.713   11.166  2.620   1.00 24.89 ?  116 VAL A N   1 
ATOM   801  C CA  . VAL A 1 118 ? 4.073   11.780  1.362   1.00 25.92 ?  116 VAL A CA  1 
ATOM   802  C C   . VAL A 1 118 ? 2.809   12.088  0.593   1.00 26.80 ?  116 VAL A C   1 
ATOM   803  O O   . VAL A 1 118 ? 1.900   11.270  0.540   1.00 27.98 ?  116 VAL A O   1 
ATOM   804  C CB  . VAL A 1 118 ? 4.998   10.870  0.558   1.00 30.00 ?  116 VAL A CB  1 
ATOM   805  C CG1 . VAL A 1 118 ? 5.062   11.305  -0.858  1.00 35.84 ?  116 VAL A CG1 1 
ATOM   806  C CG2 . VAL A 1 118 ? 6.377   10.931  1.148   1.00 29.71 ?  116 VAL A CG2 1 
ATOM   807  N N   . ALA A 1 119 ? 2.769   13.263  -0.019  1.00 27.83 ?  117 ALA A N   1 
ATOM   808  C CA  . ALA A 1 119 ? 1.631   13.664  -0.837  1.00 29.46 ?  117 ALA A CA  1 
ATOM   809  C C   . ALA A 1 119 ? 1.489   12.841  -2.103  1.00 32.90 ?  117 ALA A C   1 
ATOM   810  O O   . ALA A 1 119 ? 2.442   12.609  -2.838  1.00 24.50 ?  117 ALA A O   1 
ATOM   811  C CB  . ALA A 1 119 ? 1.742   15.121  -1.188  1.00 30.72 ?  117 ALA A CB  1 
ATOM   812  N N   . THR A 1 120 ? 0.266   12.393  -2.322  1.00 32.26 ?  118 THR A N   1 
ATOM   813  C CA  . THR A 1 120 ? -0.163  11.802  -3.562  1.00 37.33 ?  118 THR A CA  1 
ATOM   814  C C   . THR A 1 120 ? 0.294   12.613  -4.767  1.00 31.44 ?  118 THR A C   1 
ATOM   815  O O   . THR A 1 120 ? 0.318   13.838  -4.705  1.00 31.40 ?  118 THR A O   1 
ATOM   816  C CB  . THR A 1 120 ? -1.701  11.725  -3.590  1.00 34.73 ?  118 THR A CB  1 
ATOM   817  O OG1 . THR A 1 120 ? -2.118  11.149  -4.824  1.00 38.74 ?  118 THR A OG1 1 
ATOM   818  C CG2 . THR A 1 120 ? -2.315  13.150  -3.421  1.00 31.09 ?  118 THR A CG2 1 
ATOM   819  N N   . ALA A 1 121 ? 0.668   11.936  -5.846  1.00 27.79 ?  119 ALA A N   1 
ATOM   820  C CA  . ALA A 1 121 ? 0.824   12.621  -7.129  1.00 24.71 ?  119 ALA A CA  1 
ATOM   821  C C   . ALA A 1 121 ? -0.539  13.188  -7.485  1.00 29.89 ?  119 ALA A C   1 
ATOM   822  O O   . ALA A 1 121 ? -1.549  12.538  -7.246  1.00 29.17 ?  119 ALA A O   1 
ATOM   823  C CB  . ALA A 1 121 ? 1.310   11.668  -8.224  1.00 30.85 ?  119 ALA A CB  1 
ATOM   824  N N   . PRO A 1 122 ? -0.577  14.405  -8.036  1.00 32.67 ?  120 PRO A N   1 
ATOM   825  C CA  . PRO A 1 122 ? -1.875  15.011  -8.354  1.00 30.73 ?  120 PRO A CA  1 
ATOM   826  C C   . PRO A 1 122 ? -2.788  14.102  -9.156  1.00 34.03 ?  120 PRO A C   1 
ATOM   827  O O   . PRO A 1 122 ? -3.964  14.013  -8.826  1.00 37.13 ?  120 PRO A O   1 
ATOM   828  C CB  . PRO A 1 122 ? -1.490  16.235  -9.164  1.00 29.83 ?  120 PRO A CB  1 
ATOM   829  C CG  . PRO A 1 122 ? -0.157  16.610  -8.641  1.00 30.26 ?  120 PRO A CG  1 
ATOM   830  C CD  . PRO A 1 122 ? 0.540   15.329  -8.286  1.00 29.52 ?  120 PRO A CD  1 
ATOM   831  N N   . ARG A 1 123 ? -2.265  13.415  -10.164 1.00 33.35 ?  121 ARG A N   1 
ATOM   832  C CA  . ARG A 1 123 ? -3.132  12.625  -11.036 1.00 39.12 ?  121 ARG A CA  1 
ATOM   833  C C   . ARG A 1 123 ? -3.801  11.428  -10.331 1.00 45.62 ?  121 ARG A C   1 
ATOM   834  O O   . ARG A 1 123 ? -4.760  10.837  -10.860 1.00 36.00 ?  121 ARG A O   1 
ATOM   835  C CB  . ARG A 1 123 ? -2.350  12.139  -12.261 1.00 38.45 ?  121 ARG A CB  1 
ATOM   836  C CG  . ARG A 1 123 ? -1.248  11.148  -11.951 1.00 38.09 ?  121 ARG A CG  1 
ATOM   837  C CD  . ARG A 1 123 ? -0.266  11.034  -13.102 1.00 42.79 ?  121 ARG A CD  1 
ATOM   838  N NE  . ARG A 1 123 ? 0.703   9.976   -12.834 1.00 55.30 ?  121 ARG A NE  1 
ATOM   839  C CZ  . ARG A 1 123 ? 1.816   10.137  -12.120 1.00 58.76 ?  121 ARG A CZ  1 
ATOM   840  N NH1 . ARG A 1 123 ? 2.119   11.324  -11.608 1.00 56.36 ?  121 ARG A NH1 1 
ATOM   841  N NH2 . ARG A 1 123 ? 2.636   9.110   -11.919 1.00 62.97 ?  121 ARG A NH2 1 
ATOM   842  N N   . TYR A 1 124 ? -3.319  11.083  -9.136  1.00 40.26 ?  122 TYR A N   1 
ATOM   843  C CA  . TYR A 1 124 ? -3.893  9.977   -8.369  1.00 36.89 ?  122 TYR A CA  1 
ATOM   844  C C   . TYR A 1 124 ? -4.569  10.439  -7.092  1.00 38.95 ?  122 TYR A C   1 
ATOM   845  O O   . TYR A 1 124 ? -4.923  9.623   -6.237  1.00 44.18 ?  122 TYR A O   1 
ATOM   846  C CB  . TYR A 1 124 ? -2.810  8.955   -8.032  1.00 42.75 ?  122 TYR A CB  1 
ATOM   847  C CG  . TYR A 1 124 ? -2.139  8.372   -9.237  1.00 40.95 ?  122 TYR A CG  1 
ATOM   848  C CD1 . TYR A 1 124 ? -2.881  7.941   -10.335 1.00 44.04 ?  122 TYR A CD1 1 
ATOM   849  C CD2 . TYR A 1 124 ? -0.754  8.257   -9.298  1.00 43.70 ?  122 TYR A CD2 1 
ATOM   850  C CE1 . TYR A 1 124 ? -2.271  7.412   -11.443 1.00 40.78 ?  122 TYR A CE1 1 
ATOM   851  C CE2 . TYR A 1 124 ? -0.128  7.729   -10.413 1.00 44.17 ?  122 TYR A CE2 1 
ATOM   852  C CZ  . TYR A 1 124 ? -0.889  7.307   -11.480 1.00 47.92 ?  122 TYR A CZ  1 
ATOM   853  O OH  . TYR A 1 124 ? -0.267  6.789   -12.593 1.00 54.17 ?  122 TYR A OH  1 
ATOM   854  N N   . SER A 1 125 ? -4.778  11.745  -6.980  1.00 39.35 ?  123 SER A N   1 
ATOM   855  C CA  . SER A 1 125 ? -5.309  12.357  -5.771  1.00 39.05 ?  123 SER A CA  1 
ATOM   856  C C   . SER A 1 125 ? -6.705  11.864  -5.406  1.00 34.95 ?  123 SER A C   1 
ATOM   857  O O   . SER A 1 125 ? -7.100  11.927  -4.248  1.00 38.67 ?  123 SER A O   1 
ATOM   858  C CB  . SER A 1 125 ? -5.332  13.880  -5.928  1.00 39.11 ?  123 SER A CB  1 
ATOM   859  O OG  . SER A 1 125 ? -6.509  14.320  -6.587  1.00 42.72 ?  123 SER A OG  1 
ATOM   860  N N   . PHE A 1 126 ? -7.457  11.386  -6.394  1.00 39.11 ?  124 PHE A N   1 
ATOM   861  C CA  . PHE A 1 126 ? -8.865  11.076  -6.174  1.00 32.92 ?  124 PHE A CA  1 
ATOM   862  C C   . PHE A 1 126 ? -9.120  9.568   -6.221  1.00 39.42 ?  124 PHE A C   1 
ATOM   863  O O   . PHE A 1 126 ? -10.250 9.113   -6.065  1.00 33.64 ?  124 PHE A O   1 
ATOM   864  C CB  . PHE A 1 126 ? -9.732  11.802  -7.200  1.00 31.56 ?  124 PHE A CB  1 
ATOM   865  C CG  . PHE A 1 126 ? -9.404  11.450  -8.636  1.00 30.94 ?  124 PHE A CG  1 
ATOM   866  C CD1 . PHE A 1 126 ? -8.456  12.167  -9.342  1.00 32.11 ?  124 PHE A CD1 1 
ATOM   867  C CD2 . PHE A 1 126 ? -10.027 10.381  -9.257  1.00 32.56 ?  124 PHE A CD2 1 
ATOM   868  C CE1 . PHE A 1 126 ? -8.146  11.830  -10.656 1.00 33.11 ?  124 PHE A CE1 1 
ATOM   869  C CE2 . PHE A 1 126 ? -9.720  10.034  -10.561 1.00 33.76 ?  124 PHE A CE2 1 
ATOM   870  C CZ  . PHE A 1 126 ? -8.794  10.759  -11.263 1.00 28.32 ?  124 PHE A CZ  1 
ATOM   871  N N   . VAL A 1 127 ? -8.071  8.783   -6.417  1.00 35.35 ?  125 VAL A N   1 
ATOM   872  C CA  . VAL A 1 127 ? -8.270  7.346   -6.504  1.00 34.98 ?  125 VAL A CA  1 
ATOM   873  C C   . VAL A 1 127 ? -8.077  6.708   -5.131  1.00 37.15 ?  125 VAL A C   1 
ATOM   874  O O   . VAL A 1 127 ? -7.115  7.002   -4.414  1.00 40.85 ?  125 VAL A O   1 
ATOM   875  C CB  . VAL A 1 127 ? -7.354  6.716   -7.605  1.00 39.79 ?  125 VAL A CB  1 
ATOM   876  C CG1 . VAL A 1 127 ? -6.878  7.796   -8.586  1.00 44.13 ?  125 VAL A CG1 1 
ATOM   877  C CG2 . VAL A 1 127 ? -6.179  5.925   -7.025  1.00 41.01 ?  125 VAL A CG2 1 
ATOM   878  N N   . SER A 1 128 ? -9.037  5.868   -4.751  1.00 31.89 ?  126 SER A N   1 
ATOM   879  C CA  . SER A 1 128 ? -8.948  5.026   -3.552  1.00 31.97 ?  126 SER A CA  1 
ATOM   880  C C   . SER A 1 128 ? -9.398  3.622   -3.926  1.00 36.16 ?  126 SER A C   1 
ATOM   881  O O   . SER A 1 128 ? -10.153 3.464   -4.884  1.00 36.75 ?  126 SER A O   1 
ATOM   882  C CB  . SER A 1 128 ? -9.822  5.548   -2.424  1.00 35.48 ?  126 SER A CB  1 
ATOM   883  O OG  . SER A 1 128 ? -11.195 5.347   -2.728  1.00 31.95 ?  126 SER A OG  1 
ATOM   884  N N   . SER A 1 129 ? -8.965  2.613   -3.175  1.00 33.89 ?  127 SER A N   1 
ATOM   885  C CA  . SER A 1 129 ? -9.383  1.238   -3.461  1.00 32.33 ?  127 SER A CA  1 
ATOM   886  C C   . SER A 1 129 ? -10.904 1.114   -3.444  1.00 36.32 ?  127 SER A C   1 
ATOM   887  O O   . SER A 1 129 ? -11.496 0.582   -4.382  1.00 36.28 ?  127 SER A O   1 
ATOM   888  C CB  . SER A 1 129 ? -8.783  0.254   -2.462  1.00 31.30 ?  127 SER A CB  1 
ATOM   889  O OG  . SER A 1 129 ? -7.381  0.214   -2.588  1.00 34.96 ?  127 SER A OG  1 
ATOM   890  N N   . SER A 1 130 ? -11.532 1.615   -2.383  1.00 32.88 ?  128 SER A N   1 
ATOM   891  C CA  . SER A 1 130 ? -12.983 1.568   -2.287  1.00 38.03 ?  128 SER A CA  1 
ATOM   892  C C   . SER A 1 130 ? -13.688 2.256   -3.451  1.00 40.19 ?  128 SER A C   1 
ATOM   893  O O   . SER A 1 130 ? -14.626 1.698   -4.017  1.00 39.74 ?  128 SER A O   1 
ATOM   894  C CB  . SER A 1 130 ? -13.453 2.188   -0.974  1.00 37.49 ?  128 SER A CB  1 
ATOM   895  O OG  . SER A 1 130 ? -13.191 1.302   0.096   1.00 46.68 ?  128 SER A OG  1 
ATOM   896  N N   . LEU A 1 131 ? -13.245 3.454   -3.817  1.00 33.49 ?  129 LEU A N   1 
ATOM   897  C CA  . LEU A 1 131 ? -13.949 4.189   -4.857  1.00 36.61 ?  129 LEU A CA  1 
ATOM   898  C C   . LEU A 1 131 ? -13.745 3.516   -6.210  1.00 37.27 ?  129 LEU A C   1 
ATOM   899  O O   . LEU A 1 131 ? -14.679 3.397   -7.009  1.00 34.09 ?  129 LEU A O   1 
ATOM   900  C CB  . LEU A 1 131 ? -13.498 5.655   -4.898  1.00 31.63 ?  129 LEU A CB  1 
ATOM   901  C CG  . LEU A 1 131 ? -14.235 6.523   -5.920  1.00 37.43 ?  129 LEU A CG  1 
ATOM   902  C CD1 . LEU A 1 131 ? -15.717 6.455   -5.666  1.00 33.08 ?  129 LEU A CD1 1 
ATOM   903  C CD2 . LEU A 1 131 ? -13.761 7.965   -5.856  1.00 32.11 ?  129 LEU A CD2 1 
ATOM   904  N N   . ALA A 1 132 ? -12.522 3.070   -6.470  1.00 33.51 ?  130 ALA A N   1 
ATOM   905  C CA  . ALA A 1 132 ? -12.245 2.310   -7.680  1.00 30.24 ?  130 ALA A CA  1 
ATOM   906  C C   . ALA A 1 132 ? -13.167 1.082   -7.798  1.00 35.30 ?  130 ALA A C   1 
ATOM   907  O O   . ALA A 1 132 ? -13.769 0.850   -8.850  1.00 36.48 ?  130 ALA A O   1 
ATOM   908  C CB  . ALA A 1 132 ? -10.792 1.894   -7.710  1.00 31.52 ?  130 ALA A CB  1 
ATOM   909  N N   . LYS A 1 133 ? -13.295 0.314   -6.721  1.00 36.37 ?  131 LYS A N   1 
ATOM   910  C CA  . LYS A 1 133 ? -14.163 -0.858  -6.721  1.00 38.92 ?  131 LYS A CA  1 
ATOM   911  C C   . LYS A 1 133 ? -15.613 -0.519  -7.054  1.00 42.36 ?  131 LYS A C   1 
ATOM   912  O O   . LYS A 1 133 ? -16.217 -1.149  -7.930  1.00 43.15 ?  131 LYS A O   1 
ATOM   913  C CB  . LYS A 1 133 ? -14.089 -1.581  -5.369  1.00 38.48 ?  131 LYS A CB  1 
ATOM   914  C CG  . LYS A 1 133 ? -12.848 -2.449  -5.244  1.00 39.96 ?  131 LYS A CG  1 
ATOM   915  C CD  . LYS A 1 133 ? -12.792 -3.248  -3.950  1.00 39.82 ?  131 LYS A CD  1 
ATOM   916  C CE  . LYS A 1 133 ? -12.891 -2.349  -2.739  1.00 39.55 ?  131 LYS A CE  1 
ATOM   917  N NZ  . LYS A 1 133 ? -12.490 -3.100  -1.531  1.00 39.73 ?  131 LYS A NZ  1 
ATOM   918  N N   . GLU A 1 134 ? -16.167 0.473   -6.367  1.00 43.11 ?  132 GLU A N   1 
ATOM   919  C CA  . GLU A 1 134 ? -17.558 0.839   -6.577  1.00 39.24 ?  132 GLU A CA  1 
ATOM   920  C C   . GLU A 1 134 ? -17.783 1.317   -7.999  1.00 44.35 ?  132 GLU A C   1 
ATOM   921  O O   . GLU A 1 134 ? -18.771 0.952   -8.617  1.00 43.43 ?  132 GLU A O   1 
ATOM   922  C CB  . GLU A 1 134 ? -17.999 1.907   -5.589  1.00 45.11 ?  132 GLU A CB  1 
ATOM   923  C CG  . GLU A 1 134 ? -18.019 1.401   -4.155  1.00 59.43 ?  132 GLU A CG  1 
ATOM   924  C CD  . GLU A 1 134 ? -18.399 2.478   -3.156  1.00 70.85 ?  132 GLU A CD  1 
ATOM   925  O OE1 . GLU A 1 134 ? -18.730 3.607   -3.590  1.00 70.10 ?  132 GLU A OE1 1 
ATOM   926  O OE2 . GLU A 1 134 ? -18.349 2.194   -1.938  1.00 71.00 ?  132 GLU A OE2 1 
ATOM   927  N N   . VAL A 1 135 ? -16.856 2.106   -8.526  1.00 37.83 ?  133 VAL A N   1 
ATOM   928  C CA  . VAL A 1 135 ? -16.988 2.607   -9.885  1.00 40.86 ?  133 VAL A CA  1 
ATOM   929  C C   . VAL A 1 135 ? -16.820 1.466   -10.899 1.00 45.23 ?  133 VAL A C   1 
ATOM   930  O O   . VAL A 1 135 ? -17.543 1.398   -11.894 1.00 46.17 ?  133 VAL A O   1 
ATOM   931  C CB  . VAL A 1 135 ? -15.988 3.737   -10.150 1.00 36.64 ?  133 VAL A CB  1 
ATOM   932  C CG1 . VAL A 1 135 ? -15.983 4.126   -11.623 1.00 35.51 ?  133 VAL A CG1 1 
ATOM   933  C CG2 . VAL A 1 135 ? -16.332 4.949   -9.284  1.00 30.19 ?  133 VAL A CG2 1 
ATOM   934  N N   . ALA A 1 136 ? -15.884 0.563   -10.644 1.00 38.00 ?  134 ALA A N   1 
ATOM   935  C CA  . ALA A 1 136 ? -15.662 -0.564  -11.551 1.00 42.88 ?  134 ALA A CA  1 
ATOM   936  C C   . ALA A 1 136 ? -16.886 -1.472  -11.612 1.00 48.25 ?  134 ALA A C   1 
ATOM   937  O O   . ALA A 1 136 ? -17.302 -1.912  -12.686 1.00 50.79 ?  134 ALA A O   1 
ATOM   938  C CB  . ALA A 1 136 ? -14.438 -1.358  -11.123 1.00 41.77 ?  134 ALA A CB  1 
ATOM   939  N N   . MET A 1 137 ? -17.467 -1.743  -10.455 1.00 44.03 ?  135 MET A N   1 
ATOM   940  C CA  . MET A 1 137 ? -18.600 -2.650  -10.371 1.00 50.59 ?  135 MET A CA  1 
ATOM   941  C C   . MET A 1 137 ? -19.839 -2.116  -11.083 1.00 50.75 ?  135 MET A C   1 
ATOM   942  O O   . MET A 1 137 ? -20.655 -2.899  -11.562 1.00 53.77 ?  135 MET A O   1 
ATOM   943  C CB  . MET A 1 137 ? -18.929 -2.943  -8.909  1.00 48.48 ?  135 MET A CB  1 
ATOM   944  C CG  . MET A 1 137 ? -17.941 -3.905  -8.254  1.00 61.20 ?  135 MET A CG  1 
ATOM   945  S SD  . MET A 1 137 ? -18.374 -4.322  -6.553  1.00 75.37 ?  135 MET A SD  1 
ATOM   946  C CE  . MET A 1 137 ? -18.238 -2.723  -5.754  1.00 64.14 ?  135 MET A CE  1 
ATOM   947  N N   . LEU A 1 138 ? -19.979 -0.794  -11.148 1.00 49.84 ?  136 LEU A N   1 
ATOM   948  C CA  . LEU A 1 138 ? -21.126 -0.153  -11.796 1.00 44.63 ?  136 LEU A CA  1 
ATOM   949  C C   . LEU A 1 138 ? -20.821 0.213   -13.252 1.00 48.18 ?  136 LEU A C   1 
ATOM   950  O O   . LEU A 1 138 ? -21.559 0.986   -13.877 1.00 50.26 ?  136 LEU A O   1 
ATOM   951  C CB  . LEU A 1 138 ? -21.556 1.105   -11.031 1.00 46.44 ?  136 LEU A CB  1 
ATOM   952  C CG  . LEU A 1 138 ? -21.985 1.022   -9.563  1.00 46.80 ?  136 LEU A CG  1 
ATOM   953  C CD1 . LEU A 1 138 ? -22.160 2.400   -8.975  1.00 49.86 ?  136 LEU A CD1 1 
ATOM   954  C CD2 . LEU A 1 138 ? -23.281 0.264   -9.409  1.00 49.20 ?  136 LEU A CD2 1 
ATOM   955  N N   . GLY A 1 139 ? -19.721 -0.315  -13.779 1.00 46.55 ?  137 GLY A N   1 
ATOM   956  C CA  . GLY A 1 139 ? -19.401 -0.148  -15.185 1.00 45.10 ?  137 GLY A CA  1 
ATOM   957  C C   . GLY A 1 139 ? -18.510 1.001   -15.611 1.00 50.74 ?  137 GLY A C   1 
ATOM   958  O O   . GLY A 1 139 ? -18.426 1.294   -16.807 1.00 48.73 ?  137 GLY A O   1 
ATOM   959  N N   . GLY A 1 140 ? -17.844 1.662   -14.665 1.00 39.70 ?  138 GLY A N   1 
ATOM   960  C CA  . GLY A 1 140 ? -16.974 2.773   -15.019 1.00 39.00 ?  138 GLY A CA  1 
ATOM   961  C C   . GLY A 1 140 ? -15.540 2.360   -15.298 1.00 35.83 ?  138 GLY A C   1 
ATOM   962  O O   . GLY A 1 140 ? -15.058 1.385   -14.735 1.00 41.77 ?  138 GLY A O   1 
ATOM   963  N N   . ASP A 1 141 ? -14.852 3.109   -16.151 1.00 39.52 ?  139 ASP A N   1 
ATOM   964  C CA  . ASP A 1 141 ? -13.488 2.755   -16.529 1.00 37.64 ?  139 ASP A CA  1 
ATOM   965  C C   . ASP A 1 141 ? -12.454 3.438   -15.646 1.00 35.53 ?  139 ASP A C   1 
ATOM   966  O O   . ASP A 1 141 ? -12.150 4.618   -15.819 1.00 34.15 ?  139 ASP A O   1 
ATOM   967  C CB  . ASP A 1 141 ? -13.225 3.109   -17.995 1.00 41.88 ?  139 ASP A CB  1 
ATOM   968  C CG  . ASP A 1 141 ? -11.761 2.889   -18.415 1.00 47.14 ?  139 ASP A CG  1 
ATOM   969  O OD1 . ASP A 1 141 ? -11.054 2.065   -17.787 1.00 43.24 ?  139 ASP A OD1 1 
ATOM   970  O OD2 . ASP A 1 141 ? -11.319 3.546   -19.386 1.00 47.61 ?  139 ASP A OD2 1 
ATOM   971  N N   . VAL A 1 142 ? -11.888 2.669   -14.724 1.00 42.26 ?  140 VAL A N   1 
ATOM   972  C CA  . VAL A 1 142 ? -10.848 3.172   -13.824 1.00 38.46 ?  140 VAL A CA  1 
ATOM   973  C C   . VAL A 1 142 ? -9.488  2.565   -14.145 1.00 37.40 ?  140 VAL A C   1 
ATOM   974  O O   . VAL A 1 142 ? -8.568  2.641   -13.343 1.00 32.98 ?  140 VAL A O   1 
ATOM   975  C CB  . VAL A 1 142 ? -11.215 2.901   -12.349 1.00 38.62 ?  140 VAL A CB  1 
ATOM   976  C CG1 . VAL A 1 142 ? -12.436 3.698   -11.942 1.00 37.08 ?  140 VAL A CG1 1 
ATOM   977  C CG2 . VAL A 1 142 ? -11.443 1.420   -12.104 1.00 34.26 ?  140 VAL A CG2 1 
ATOM   978  N N   . SER A 1 143 ? -9.344  1.970   -15.326 1.00 34.71 ?  141 SER A N   1 
ATOM   979  C CA  . SER A 1 143 ? -8.106  1.267   -15.647 1.00 34.61 ?  141 SER A CA  1 
ATOM   980  C C   . SER A 1 143 ? -6.881  2.185   -15.695 1.00 30.39 ?  141 SER A C   1 
ATOM   981  O O   . SER A 1 143 ? -5.761  1.723   -15.532 1.00 35.50 ?  141 SER A O   1 
ATOM   982  C CB  . SER A 1 143 ? -8.264  0.512   -16.972 1.00 38.67 ?  141 SER A CB  1 
ATOM   983  O OG  . SER A 1 143 ? -8.971  1.295   -17.904 1.00 39.41 ?  141 SER A OG  1 
ATOM   984  N N   . GLU A 1 144 ? -7.091  3.482   -15.881 1.00 32.81 ?  142 GLU A N   1 
ATOM   985  C CA  . GLU A 1 144 ? -5.982  4.429   -15.898 1.00 33.62 ?  142 GLU A CA  1 
ATOM   986  C C   . GLU A 1 144 ? -5.472  4.745   -14.479 1.00 27.41 ?  142 GLU A C   1 
ATOM   987  O O   . GLU A 1 144 ? -4.467  5.431   -14.300 1.00 30.97 ?  142 GLU A O   1 
ATOM   988  C CB  . GLU A 1 144 ? -6.395  5.725   -16.595 1.00 38.68 ?  142 GLU A CB  1 
ATOM   989  C CG  . GLU A 1 144 ? -6.529  5.607   -18.105 1.00 47.67 ?  142 GLU A CG  1 
ATOM   990  C CD  . GLU A 1 144 ? -6.980  6.905   -18.757 1.00 52.63 ?  142 GLU A CD  1 
ATOM   991  O OE1 . GLU A 1 144 ? -6.233  7.442   -19.605 1.00 59.18 ?  142 GLU A OE1 1 
ATOM   992  O OE2 . GLU A 1 144 ? -8.085  7.379   -18.435 1.00 52.45 ?  142 GLU A OE2 1 
ATOM   993  N N   . LEU A 1 145 ? -6.168  4.224   -13.484 1.00 32.25 ?  143 LEU A N   1 
ATOM   994  C CA  . LEU A 1 145 ? -5.841  4.531   -12.094 1.00 31.32 ?  143 LEU A CA  1 
ATOM   995  C C   . LEU A 1 145 ? -5.302  3.323   -11.357 1.00 34.70 ?  143 LEU A C   1 
ATOM   996  O O   . LEU A 1 145 ? -4.982  3.387   -10.161 1.00 28.07 ?  143 LEU A O   1 
ATOM   997  C CB  . LEU A 1 145 ? -7.084  5.049   -11.388 1.00 28.78 ?  143 LEU A CB  1 
ATOM   998  C CG  . LEU A 1 145 ? -7.832  6.123   -12.170 1.00 29.79 ?  143 LEU A CG  1 
ATOM   999  C CD1 . LEU A 1 145 ? -9.083  6.533   -11.408 1.00 33.89 ?  143 LEU A CD1 1 
ATOM   1000 C CD2 . LEU A 1 145 ? -6.894  7.283   -12.409 1.00 33.67 ?  143 LEU A CD2 1 
ATOM   1001 N N   . LEU A 1 146 ? -5.212  2.202   -12.067 1.00 32.93 ?  144 LEU A N   1 
ATOM   1002 C CA  . LEU A 1 146 ? -4.811  0.956   -11.446 1.00 31.25 ?  144 LEU A CA  1 
ATOM   1003 C C   . LEU A 1 146 ? -3.747  0.270   -12.286 1.00 34.92 ?  144 LEU A C   1 
ATOM   1004 O O   . LEU A 1 146 ? -3.678  0.488   -13.503 1.00 32.56 ?  144 LEU A O   1 
ATOM   1005 C CB  . LEU A 1 146 ? -6.011  0.026   -11.262 1.00 30.41 ?  144 LEU A CB  1 
ATOM   1006 C CG  . LEU A 1 146 ? -7.205  0.552   -10.482 1.00 32.74 ?  144 LEU A CG  1 
ATOM   1007 C CD1 . LEU A 1 146 ? -8.347  -0.432  -10.614 1.00 37.04 ?  144 LEU A CD1 1 
ATOM   1008 C CD2 . LEU A 1 146 ? -6.809  0.756   -9.029  1.00 29.14 ?  144 LEU A CD2 1 
ATOM   1009 N N   . PRO A 1 147 ? -2.898  -0.540  -11.635 1.00 33.32 ?  145 PRO A N   1 
ATOM   1010 C CA  . PRO A 1 147 ? -1.891  -1.280  -12.408 1.00 36.27 ?  145 PRO A CA  1 
ATOM   1011 C C   . PRO A 1 147 ? -2.533  -2.293  -13.333 1.00 34.90 ?  145 PRO A C   1 
ATOM   1012 O O   . PRO A 1 147 ? -3.597  -2.814  -13.013 1.00 34.87 ?  145 PRO A O   1 
ATOM   1013 C CB  . PRO A 1 147 ? -1.068  -1.989  -11.330 1.00 37.89 ?  145 PRO A CB  1 
ATOM   1014 C CG  . PRO A 1 147 ? -1.387  -1.249  -10.046 1.00 35.50 ?  145 PRO A CG  1 
ATOM   1015 C CD  . PRO A 1 147 ? -2.797  -0.820  -10.192 1.00 30.70 ?  145 PRO A CD  1 
ATOM   1016 N N   . GLU A 1 148 ? -1.884  -2.591  -14.450 1.00 36.60 ?  146 GLU A N   1 
ATOM   1017 C CA  . GLU A 1 148 ? -2.454  -3.556  -15.392 1.00 39.36 ?  146 GLU A CA  1 
ATOM   1018 C C   . GLU A 1 148 ? -2.750  -4.932  -14.759 1.00 40.52 ?  146 GLU A C   1 
ATOM   1019 O O   . GLU A 1 148 ? -3.785  -5.521  -15.054 1.00 42.16 ?  146 GLU A O   1 
ATOM   1020 C CB  . GLU A 1 148 ? -1.549  -3.703  -16.612 1.00 41.06 ?  146 GLU A CB  1 
ATOM   1021 C CG  . GLU A 1 148 ? -2.241  -4.409  -17.777 1.00 53.11 ?  146 GLU A CG  1 
ATOM   1022 C CD  . GLU A 1 148 ? -3.542  -3.726  -18.188 1.00 54.61 ?  146 GLU A CD  1 
ATOM   1023 O OE1 . GLU A 1 148 ? -4.461  -4.426  -18.669 1.00 54.37 ?  146 GLU A OE1 1 
ATOM   1024 O OE2 . GLU A 1 148 ? -3.647  -2.485  -18.043 1.00 53.16 ?  146 GLU A OE2 1 
ATOM   1025 N N   . PRO A 1 149 ? -1.869  -5.437  -13.866 1.00 40.28 ?  147 PRO A N   1 
ATOM   1026 C CA  . PRO A 1 149 ? -2.212  -6.653  -13.114 1.00 39.59 ?  147 PRO A CA  1 
ATOM   1027 C C   . PRO A 1 149 ? -3.501  -6.583  -12.319 1.00 40.64 ?  147 PRO A C   1 
ATOM   1028 O O   . PRO A 1 149 ? -4.149  -7.609  -12.113 1.00 39.46 ?  147 PRO A O   1 
ATOM   1029 C CB  . PRO A 1 149 ? -1.028  -6.810  -12.157 1.00 40.11 ?  147 PRO A CB  1 
ATOM   1030 C CG  . PRO A 1 149 ? 0.096   -6.227  -12.880 1.00 38.89 ?  147 PRO A CG  1 
ATOM   1031 C CD  . PRO A 1 149 ? -0.449  -5.085  -13.688 1.00 37.87 ?  147 PRO A CD  1 
ATOM   1032 N N   . VAL A 1 150 ? -3.852  -5.397  -11.829 1.00 39.76 ?  148 VAL A N   1 
ATOM   1033 C CA  . VAL A 1 150 ? -5.136  -5.225  -11.167 1.00 36.71 ?  148 VAL A CA  1 
ATOM   1034 C C   . VAL A 1 150 ? -6.261  -5.142  -12.198 1.00 34.11 ?  148 VAL A C   1 
ATOM   1035 O O   . VAL A 1 150 ? -7.334  -5.711  -12.013 1.00 39.21 ?  148 VAL A O   1 
ATOM   1036 C CB  . VAL A 1 150 ? -5.138  -3.972  -10.272 1.00 36.76 ?  148 VAL A CB  1 
ATOM   1037 C CG1 . VAL A 1 150 ? -6.496  -3.764  -9.656  1.00 34.17 ?  148 VAL A CG1 1 
ATOM   1038 C CG2 . VAL A 1 150 ? -4.077  -4.111  -9.193  1.00 37.15 ?  148 VAL A CG2 1 
ATOM   1039 N N   . ASN A 1 151 ? -6.019  -4.398  -13.266 1.00 35.69 ?  149 ASN A N   1 
ATOM   1040 C CA  . ASN A 1 151 ? -7.028  -4.244  -14.302 1.00 34.85 ?  149 ASN A CA  1 
ATOM   1041 C C   . ASN A 1 151 ? -7.410  -5.626  -14.844 1.00 41.67 ?  149 ASN A C   1 
ATOM   1042 O O   . ASN A 1 151 ? -8.592  -6.000  -14.858 1.00 42.74 ?  149 ASN A O   1 
ATOM   1043 C CB  . ASN A 1 151 ? -6.513  -3.320  -15.399 1.00 39.55 ?  149 ASN A CB  1 
ATOM   1044 C CG  . ASN A 1 151 ? -6.533  -1.852  -14.972 1.00 36.77 ?  149 ASN A CG  1 
ATOM   1045 O OD1 . ASN A 1 151 ? -7.419  -1.429  -14.217 1.00 35.74 ?  149 ASN A OD1 1 
ATOM   1046 N ND2 . ASN A 1 151 ? -5.563  -1.076  -15.448 1.00 32.83 ?  149 ASN A ND2 1 
ATOM   1047 N N   . ARG A 1 152 ? -6.396  -6.401  -15.211 1.00 43.76 ?  150 ARG A N   1 
ATOM   1048 C CA  . ARG A 1 152 ? -6.600  -7.771  -15.675 1.00 43.07 ?  150 ARG A CA  1 
ATOM   1049 C C   . ARG A 1 152 ? -7.515  -8.549  -14.741 1.00 43.87 ?  150 ARG A C   1 
ATOM   1050 O O   . ARG A 1 152 ? -8.523  -9.088  -15.175 1.00 42.90 ?  150 ARG A O   1 
ATOM   1051 C CB  . ARG A 1 152 ? -5.259  -8.491  -15.829 1.00 41.39 ?  150 ARG A CB  1 
ATOM   1052 C CG  . ARG A 1 152 ? -4.428  -7.964  -16.990 1.00 49.54 ?  150 ARG A CG  1 
ATOM   1053 C CD  . ARG A 1 152 ? -3.364  -8.970  -17.434 1.00 67.08 ?  150 ARG A CD  1 
ATOM   1054 N NE  . ARG A 1 152 ? -2.039  -8.716  -16.864 1.00 69.34 ?  150 ARG A NE  1 
ATOM   1055 C CZ  . ARG A 1 152 ? -1.525  -9.364  -15.819 1.00 70.36 ?  150 ARG A CZ  1 
ATOM   1056 N NH1 . ARG A 1 152 ? -2.220  -10.317 -15.202 1.00 71.03 ?  150 ARG A NH1 1 
ATOM   1057 N NH2 . ARG A 1 152 ? -0.309  -9.057  -15.389 1.00 69.66 ?  150 ARG A NH2 1 
ATOM   1058 N N   . ARG A 1 153 ? -7.192  -8.582  -13.453 1.00 41.19 ?  151 ARG A N   1 
ATOM   1059 C CA  . ARG A 1 153 ? -8.002  -9.343  -12.501 1.00 42.68 ?  151 ARG A CA  1 
ATOM   1060 C C   . ARG A 1 153 ? -9.369  -8.727  -12.253 1.00 43.65 ?  151 ARG A C   1 
ATOM   1061 O O   . ARG A 1 153 ? -10.304 -9.409  -11.830 1.00 49.60 ?  151 ARG A O   1 
ATOM   1062 C CB  . ARG A 1 153 ? -7.268  -9.482  -11.176 1.00 46.01 ?  151 ARG A CB  1 
ATOM   1063 C CG  . ARG A 1 153 ? -6.113  -10.445 -11.241 1.00 47.27 ?  151 ARG A CG  1 
ATOM   1064 C CD  . ARG A 1 153 ? -5.401  -10.510 -9.930  1.00 43.47 ?  151 ARG A CD  1 
ATOM   1065 N NE  . ARG A 1 153 ? -4.301  -11.464 -9.945  1.00 49.43 ?  151 ARG A NE  1 
ATOM   1066 C CZ  . ARG A 1 153 ? -3.139  -11.262 -10.559 1.00 49.86 ?  151 ARG A CZ  1 
ATOM   1067 N NH1 . ARG A 1 153 ? -2.927  -10.149 -11.248 1.00 47.34 ?  151 ARG A NH1 1 
ATOM   1068 N NH2 . ARG A 1 153 ? -2.192  -12.188 -10.502 1.00 54.14 ?  151 ARG A NH2 1 
ATOM   1069 N N   . LEU A 1 154 ? -9.484  -7.431  -12.493 1.00 40.62 ?  152 LEU A N   1 
ATOM   1070 C CA  . LEU A 1 154 ? -10.727 -6.746  -12.217 1.00 45.75 ?  152 LEU A CA  1 
ATOM   1071 C C   . LEU A 1 154 ? -11.729 -7.110  -13.294 1.00 50.67 ?  152 LEU A C   1 
ATOM   1072 O O   . LEU A 1 154 ? -12.886 -7.419  -13.004 1.00 52.57 ?  152 LEU A O   1 
ATOM   1073 C CB  . LEU A 1 154 ? -10.502 -5.238  -12.157 1.00 54.49 ?  152 LEU A CB  1 
ATOM   1074 C CG  . LEU A 1 154 ? -11.482 -4.402  -11.344 1.00 55.30 ?  152 LEU A CG  1 
ATOM   1075 C CD1 . LEU A 1 154 ? -11.736 -5.013  -9.979  1.00 47.90 ?  152 LEU A CD1 1 
ATOM   1076 C CD2 . LEU A 1 154 ? -10.926 -2.996  -11.212 1.00 47.00 ?  152 LEU A CD2 1 
ATOM   1077 N N   . ARG A 1 155 ? -11.259 -7.089  -14.537 1.00 48.47 ?  153 ARG A N   1 
ATOM   1078 C CA  . ARG A 1 155 ? -12.067 -7.491  -15.684 1.00 53.85 ?  153 ARG A CA  1 
ATOM   1079 C C   . ARG A 1 155 ? -12.598 -8.902  -15.518 1.00 61.58 ?  153 ARG A C   1 
ATOM   1080 O O   . ARG A 1 155 ? -13.763 -9.175  -15.807 1.00 67.21 ?  153 ARG A O   1 
ATOM   1081 C CB  . ARG A 1 155 ? -11.251 -7.395  -16.968 1.00 50.33 ?  153 ARG A CB  1 
ATOM   1082 C CG  . ARG A 1 155 ? -10.889 -5.979  -17.321 1.00 48.41 ?  153 ARG A CG  1 
ATOM   1083 C CD  . ARG A 1 155 ? -9.929  -5.899  -18.490 1.00 55.75 ?  153 ARG A CD  1 
ATOM   1084 N NE  . ARG A 1 155 ? -9.500  -4.518  -18.686 1.00 53.52 ?  153 ARG A NE  1 
ATOM   1085 C CZ  . ARG A 1 155 ? -8.231  -4.131  -18.761 1.00 55.21 ?  153 ARG A CZ  1 
ATOM   1086 N NH1 . ARG A 1 155 ? -7.944  -2.844  -18.925 1.00 53.09 ?  153 ARG A NH1 1 
ATOM   1087 N NH2 . ARG A 1 155 ? -7.249  -5.027  -18.673 1.00 52.54 ?  153 ARG A NH2 1 
ATOM   1088 N N   . ASP A 1 156 ? -11.739 -9.792  -15.039 1.00 55.84 ?  154 ASP A N   1 
ATOM   1089 C CA  . ASP A 1 156 ? -12.089 -11.200 -14.959 1.00 63.20 ?  154 ASP A CA  1 
ATOM   1090 C C   . ASP A 1 156 ? -13.080 -11.484 -13.849 1.00 66.55 ?  154 ASP A C   1 
ATOM   1091 O O   . ASP A 1 156 ? -13.812 -12.467 -13.907 1.00 71.82 ?  154 ASP A O   1 
ATOM   1092 C CB  . ASP A 1 156 ? -10.837 -12.046 -14.756 1.00 63.94 ?  154 ASP A CB  1 
ATOM   1093 C CG  . ASP A 1 156 ? -9.862  -11.925 -15.911 1.00 76.48 ?  154 ASP A CG  1 
ATOM   1094 O OD1 . ASP A 1 156 ? -10.005 -10.973 -16.716 1.00 78.25 ?  154 ASP A OD1 1 
ATOM   1095 O OD2 . ASP A 1 156 ? -8.953  -12.781 -16.013 1.00 87.87 ?  154 ASP A OD2 1 
ATOM   1096 N N   . ARG A 1 157 ? -13.100 -10.630 -12.836 1.00 62.61 ?  155 ARG A N   1 
ATOM   1097 C CA  . ARG A 1 157 ? -13.948 -10.889 -11.684 1.00 67.29 ?  155 ARG A CA  1 
ATOM   1098 C C   . ARG A 1 157 ? -15.339 -10.332 -11.909 1.00 70.83 ?  155 ARG A C   1 
ATOM   1099 O O   . ARG A 1 157 ? -16.295 -10.757 -11.266 1.00 79.36 ?  155 ARG A O   1 
ATOM   1100 C CB  . ARG A 1 157 ? -13.337 -10.304 -10.413 1.00 66.41 ?  155 ARG A CB  1 
ATOM   1101 C CG  . ARG A 1 157 ? -13.667 -11.116 -9.178  1.00 65.89 ?  155 ARG A CG  1 
ATOM   1102 C CD  . ARG A 1 157 ? -12.870 -10.644 -7.986  1.00 64.99 ?  155 ARG A CD  1 
ATOM   1103 N NE  . ARG A 1 157 ? -13.271 -11.322 -6.760  1.00 63.78 ?  155 ARG A NE  1 
ATOM   1104 C CZ  . ARG A 1 157 ? -14.386 -11.048 -6.087  1.00 68.11 ?  155 ARG A CZ  1 
ATOM   1105 N NH1 . ARG A 1 157 ? -15.224 -10.120 -6.532  1.00 72.01 ?  155 ARG A NH1 1 
ATOM   1106 N NH2 . ARG A 1 157 ? -14.672 -11.709 -4.973  1.00 70.60 ?  155 ARG A NH2 1 
ATOM   1107 N N   . LEU A 1 158 ? -15.453 -9.386  -12.830 1.00 72.09 ?  156 LEU A N   1 
ATOM   1108 C CA  . LEU A 1 158 ? -16.756 -8.833  -13.163 1.00 76.42 ?  156 LEU A CA  1 
ATOM   1109 C C   . LEU A 1 158 ? -17.345 -9.550  -14.375 1.00 78.22 ?  156 LEU A C   1 
ATOM   1110 O O   . LEU A 1 158 ? -18.564 -9.598  -14.542 1.00 82.84 ?  156 LEU A O   1 
ATOM   1111 C CB  . LEU A 1 158 ? -16.664 -7.322  -13.407 1.00 76.01 ?  156 LEU A CB  1 
ATOM   1112 C CG  . LEU A 1 158 ? -16.733 -6.425  -12.156 1.00 78.08 ?  156 LEU A CG  1 
ATOM   1113 C CD1 . LEU A 1 158 ? -17.742 -6.961  -11.147 1.00 76.13 ?  156 LEU A CD1 1 
ATOM   1114 C CD2 . LEU A 1 158 ? -15.381 -6.223  -11.492 1.00 67.89 ?  156 LEU A CD2 1 
ATOM   1115 N N   . ASN A 1 159 ? -16.482 -10.124 -15.207 1.00 76.67 ?  157 ASN A N   1 
ATOM   1116 C CA  . ASN A 1 159 ? -16.944 -10.926 -16.334 1.00 76.24 ?  157 ASN A CA  1 
ATOM   1117 C C   . ASN A 1 159 ? -17.345 -12.328 -15.882 1.00 80.79 ?  157 ASN A C   1 
ATOM   1118 O O   . ASN A 1 159 ? -17.684 -12.562 -14.718 1.00 79.90 ?  157 ASN A O   1 
ATOM   1119 C CB  . ASN A 1 159 ? -15.869 -11.014 -17.420 1.00 70.73 ?  157 ASN A CB  1 
ATOM   1120 C CG  . ASN A 1 159 ? -15.696 -9.709  -18.172 1.00 68.96 ?  157 ASN A CG  1 
ATOM   1121 O OD1 . ASN A 1 159 ? -16.239 -8.680  -17.774 1.00 71.23 ?  157 ASN A OD1 1 
ATOM   1122 N ND2 . ASN A 1 159 ? -14.937 -9.744  -19.262 1.00 59.51 ?  157 ASN A ND2 1 
HETATM 1123 C C10 . 9FH B 2 .   ? -5.970  3.662   -2.744  1.00 37.36 ?  201 9FH A C10 1 
HETATM 1124 C C15 . 9FH B 2 .   ? -4.946  5.954   0.031   1.00 37.20 ?  201 9FH A C15 1 
HETATM 1125 C C01 . 9FH B 2 .   ? -1.427  7.308   -2.399  1.00 37.79 ?  201 9FH A C01 1 
HETATM 1126 C C02 . 9FH B 2 .   ? -1.755  8.299   -3.320  1.00 40.67 ?  201 9FH A C02 1 
HETATM 1127 C C03 . 9FH B 2 .   ? -3.000  8.312   -3.943  1.00 38.27 ?  201 9FH A C03 1 
HETATM 1128 C C04 . 9FH B 2 .   ? -3.934  7.332   -3.638  1.00 39.47 ?  201 9FH A C04 1 
HETATM 1129 C C05 . 9FH B 2 .   ? -3.602  6.334   -2.705  1.00 34.06 ?  201 9FH A C05 1 
HETATM 1130 C C06 . 9FH B 2 .   ? -2.359  6.324   -2.099  1.00 37.60 ?  201 9FH A C06 1 
HETATM 1131 N N07 . 9FH B 2 .   ? -4.585  5.330   -2.410  1.00 40.89 ?  201 9FH A N07 1 
HETATM 1132 C C08 . 9FH B 2 .   ? -5.193  5.159   -1.223  1.00 42.30 ?  201 9FH A C08 1 
HETATM 1133 C C09 . 9FH B 2 .   ? -6.107  4.066   -1.377  1.00 36.43 ?  201 9FH A C09 1 
HETATM 1134 N N11 . 9FH B 2 .   ? -5.057  4.455   -3.321  1.00 33.43 ?  201 9FH A N11 1 
HETATM 1135 C C12 . 9FH B 2 .   ? -7.015  3.480   -0.360  1.00 40.17 ?  201 9FH A C12 1 
HETATM 1136 O O13 . 9FH B 2 .   ? -7.935  2.711   -0.729  1.00 48.81 -1 201 9FH A O13 1 
HETATM 1137 O O14 . 9FH B 2 .   ? -6.895  3.753   0.871   1.00 50.47 ?  201 9FH A O14 1 
HETATM 1138 O O   . HOH C 3 .   ? -4.478  -13.502 -9.002  1.00 53.46 ?  301 HOH A O   1 
HETATM 1139 O O   . HOH C 3 .   ? 10.199  4.126   12.954  1.00 39.43 ?  302 HOH A O   1 
HETATM 1140 O O   . HOH C 3 .   ? -16.226 -6.390  1.818   1.00 64.71 ?  303 HOH A O   1 
HETATM 1141 O O   . HOH C 3 .   ? 0.352   -7.055  17.330  1.00 44.91 ?  304 HOH A O   1 
HETATM 1142 O O   . HOH C 3 .   ? -20.330 4.546   -5.007  1.00 49.66 ?  305 HOH A O   1 
HETATM 1143 O O   . HOH C 3 .   ? 13.093  3.476   13.480  1.00 46.16 ?  306 HOH A O   1 
HETATM 1144 O O   . HOH C 3 .   ? 4.305   10.861  -10.566 1.00 58.96 ?  307 HOH A O   1 
HETATM 1145 O O   . HOH C 3 .   ? 2.381   -7.407  13.973  1.00 49.89 ?  308 HOH A O   1 
HETATM 1146 O O   . HOH C 3 .   ? 6.961   7.449   -8.361  1.00 39.10 ?  309 HOH A O   1 
HETATM 1147 O O   . HOH C 3 .   ? -10.326 2.845   -0.005  1.00 40.01 ?  310 HOH A O   1 
HETATM 1148 O O   . HOH C 3 .   ? -9.669  5.151   -16.124 1.00 37.73 ?  311 HOH A O   1 
HETATM 1149 O O   . HOH C 3 .   ? -0.727  7.001   10.361  1.00 27.84 ?  312 HOH A O   1 
HETATM 1150 O O   . HOH C 3 .   ? -0.734  16.614  17.849  1.00 35.40 ?  313 HOH A O   1 
HETATM 1151 O O   . HOH C 3 .   ? 0.388   -1.573  -15.122 1.00 42.20 ?  314 HOH A O   1 
HETATM 1152 O O   . HOH C 3 .   ? -10.002 -6.625  3.650   1.00 57.83 ?  315 HOH A O   1 
HETATM 1153 O O   . HOH C 3 .   ? 11.839  4.075   -6.809  1.00 40.79 ?  316 HOH A O   1 
HETATM 1154 O O   . HOH C 3 .   ? -14.559 -9.186  3.973   1.00 67.46 ?  317 HOH A O   1 
HETATM 1155 O O   . HOH C 3 .   ? 0.522   -0.121  15.154  1.00 35.98 ?  318 HOH A O   1 
HETATM 1156 O O   . HOH C 3 .   ? 4.219   11.161  11.768  1.00 38.01 ?  319 HOH A O   1 
HETATM 1157 O O   . HOH C 3 .   ? 0.577   8.988   -5.253  1.00 35.78 ?  320 HOH A O   1 
HETATM 1158 O O   . HOH C 3 .   ? 4.390   7.068   14.042  1.00 28.28 ?  321 HOH A O   1 
HETATM 1159 O O   . HOH C 3 .   ? 10.315  -6.364  -5.851  1.00 50.08 ?  322 HOH A O   1 
HETATM 1160 O O   . HOH C 3 .   ? -3.522  -5.785  -4.190  1.00 33.59 ?  323 HOH A O   1 
HETATM 1161 O O   . HOH C 3 .   ? 6.173   15.212  -2.731  1.00 30.67 ?  324 HOH A O   1 
HETATM 1162 O O   . HOH C 3 .   ? 3.077   10.307  20.337  1.00 33.01 ?  325 HOH A O   1 
HETATM 1163 O O   . HOH C 3 .   ? -4.338  3.058   1.559   1.00 45.34 ?  326 HOH A O   1 
HETATM 1164 O O   . HOH C 3 .   ? 0.142   3.102   9.867   1.00 35.10 ?  327 HOH A O   1 
HETATM 1165 O O   . HOH C 3 .   ? 1.315   5.268   11.537  1.00 27.52 ?  328 HOH A O   1 
HETATM 1166 O O   . HOH C 3 .   ? -10.178 1.556   -20.906 1.00 52.54 ?  329 HOH A O   1 
HETATM 1167 O O   . HOH C 3 .   ? -0.057  -16.029 -1.860  1.00 59.83 ?  330 HOH A O   1 
HETATM 1168 O O   . HOH C 3 .   ? 4.008   15.007  -4.558  1.00 33.09 ?  331 HOH A O   1 
HETATM 1169 O O   . HOH C 3 .   ? 17.342  6.205   4.232   0.50 44.73 ?  332 HOH A O   1 
HETATM 1170 O O   . HOH C 3 .   ? -12.460 6.141   -0.380  1.00 42.77 ?  333 HOH A O   1 
HETATM 1171 O O   . HOH C 3 .   ? -20.748 2.823   -16.704 1.00 47.47 ?  334 HOH A O   1 
HETATM 1172 O O   . HOH C 3 .   ? -0.083  4.910   0.944   1.00 36.37 ?  335 HOH A O   1 
HETATM 1173 O O   . HOH C 3 .   ? -4.404  -0.145  0.949   1.00 38.36 ?  336 HOH A O   1 
HETATM 1174 O O   . HOH C 3 .   ? -2.643  6.626   4.020   1.00 45.83 ?  337 HOH A O   1 
HETATM 1175 O O   . HOH C 3 .   ? 7.616   -6.555  17.453  1.00 44.17 ?  338 HOH A O   1 
HETATM 1176 O O   . HOH C 3 .   ? 6.510   -3.408  -12.529 1.00 49.22 ?  339 HOH A O   1 
HETATM 1177 O O   . HOH C 3 .   ? 8.017   -7.018  -5.802  1.00 46.41 ?  340 HOH A O   1 
HETATM 1178 O O   . HOH C 3 .   ? 1.828   2.784   2.439   1.00 35.55 ?  341 HOH A O   1 
HETATM 1179 O O   . HOH C 3 .   ? 6.200   -2.975  18.954  1.00 47.60 ?  342 HOH A O   1 
HETATM 1180 O O   . HOH C 3 .   ? 6.413   6.128   25.152  1.00 52.17 ?  343 HOH A O   1 
HETATM 1181 O O   . HOH C 3 .   ? -7.382  -0.991  0.039   1.00 42.94 ?  344 HOH A O   1 
HETATM 1182 O O   . HOH C 3 .   ? -16.372 4.980   -17.777 1.00 39.34 ?  345 HOH A O   1 
HETATM 1183 O O   . HOH C 3 .   ? 12.099  8.666   12.893  1.00 44.73 ?  346 HOH A O   1 
HETATM 1184 O O   . HOH C 3 .   ? -10.339 -1.480  -19.990 1.00 55.24 ?  347 HOH A O   1 
HETATM 1185 O O   . HOH C 3 .   ? 24.315  1.072   8.584   1.00 69.54 ?  348 HOH A O   1 
HETATM 1186 O O   . HOH C 3 .   ? 4.934   -12.800 0.173   1.00 59.81 ?  349 HOH A O   1 
HETATM 1187 O O   . HOH C 3 .   ? -7.445  1.685   2.975   1.00 54.09 ?  350 HOH A O   1 
HETATM 1188 O O   . HOH C 3 .   ? 2.369   4.871   -10.048 1.00 37.50 ?  351 HOH A O   1 
HETATM 1189 O O   . HOH C 3 .   ? 12.256  10.756  18.209  1.00 49.03 ?  352 HOH A O   1 
HETATM 1190 O O   . HOH C 3 .   ? 0.500   14.063  -11.381 1.00 33.64 ?  353 HOH A O   1 
HETATM 1191 O O   . HOH C 3 .   ? -5.959  12.461  -13.229 1.00 44.42 ?  354 HOH A O   1 
HETATM 1192 O O   . HOH C 3 .   ? -1.407  1.736   12.330  1.00 40.22 ?  355 HOH A O   1 
HETATM 1193 O O   . HOH C 3 .   ? -7.247  11.010  7.694   1.00 40.09 ?  356 HOH A O   1 
HETATM 1194 O O   . HOH C 3 .   ? -1.883  -1.109  13.753  1.00 33.64 ?  357 HOH A O   1 
HETATM 1195 O O   . HOH C 3 .   ? -6.091  6.447   4.693   1.00 60.15 ?  358 HOH A O   1 
HETATM 1196 O O   . HOH C 3 .   ? -15.230 -4.454  -0.733  1.00 52.87 ?  359 HOH A O   1 
HETATM 1197 O O   . HOH C 3 .   ? 2.468   -0.741  -11.628 1.00 44.98 ?  360 HOH A O   1 
HETATM 1198 O O   . HOH C 3 .   ? -4.687  16.848  -7.167  0.50 35.41 ?  361 HOH A O   1 
HETATM 1199 O O   . HOH C 3 .   ? 0.345   -14.881 -4.126  1.00 51.26 ?  362 HOH A O   1 
HETATM 1200 O O   . HOH C 3 .   ? -11.118 -4.393  2.191   1.00 47.81 ?  363 HOH A O   1 
HETATM 1201 O O   . HOH C 3 .   ? -5.884  0.334   4.336   1.00 42.34 ?  364 HOH A O   1 
HETATM 1202 O O   . HOH C 3 .   ? -11.878 4.133   1.586   1.00 52.43 ?  365 HOH A O   1 
HETATM 1203 O O   . HOH C 3 .   ? 13.029  8.305   15.224  1.00 43.95 ?  366 HOH A O   1 
HETATM 1204 O O   . HOH C 3 .   ? 8.597   -3.643  19.533  1.00 56.91 ?  367 HOH A O   1 
HETATM 1205 O O   . HOH C 3 .   ? -0.885  15.678  -12.618 1.00 47.91 ?  368 HOH A O   1 
HETATM 1206 O O   . HOH C 3 .   ? 6.677   4.190   26.294  1.00 39.56 ?  369 HOH A O   1 
HETATM 1207 O O   . HOH C 3 .   ? -20.913 2.744   -19.181 0.50 20.63 ?  370 HOH A O   1 
HETATM 1208 O O   . HOH C 3 .   ? 12.570  1.339   15.128  1.00 48.00 ?  371 HOH A O   1 
HETATM 1209 O O   . HOH C 3 .   ? 14.330  10.713  -5.856  1.00 46.15 ?  372 HOH A O   1 
HETATM 1210 O O   . HOH C 3 .   ? -5.079  7.258   2.858   1.00 56.03 ?  373 HOH A O   1 
HETATM 1211 O O   . HOH C 3 .   ? 3.566   14.554  -6.741  1.00 38.26 ?  374 HOH A O   1 
HETATM 1212 O O   . HOH C 3 .   ? -1.926  4.390   2.351   1.00 44.19 ?  375 HOH A O   1 
HETATM 1213 O O   . HOH C 3 .   ? 2.248   -2.320  -13.306 1.00 48.02 ?  376 HOH A O   1 
HETATM 1214 O O   . HOH C 3 .   ? 3.253   10.935  22.851  1.00 41.55 ?  377 HOH A O   1 
HETATM 1215 O O   . HOH C 3 .   ? -2.053  14.735  -14.568 0.50 57.13 ?  378 HOH A O   1 
# 
